data_6ENY
#
_entry.id   6ENY
#
loop_
_entity.id
_entity.type
_entity.pdbx_description
1 polymer Beta-2-microglobulin
2 polymer Tapasin
3 polymer 'Protein disulfide-isomerase A3'
4 polymer 'HLA class I histocompatibility antigen, A-3 alpha chain'
5 polymer Calreticulin
6 branched 2-acetamido-2-deoxy-beta-D-glucopyranose-(1-4)-2-acetamido-2-deoxy-beta-D-glucopyranose
7 branched beta-D-glucopyranose-(1-3)-alpha-D-mannopyranose-(1-2)-alpha-D-mannopyranose-(1-2)-alpha-D-mannopyranose
#
loop_
_entity_poly.entity_id
_entity_poly.type
_entity_poly.pdbx_seq_one_letter_code
_entity_poly.pdbx_strand_id
1 'polypeptide(L)'
;IQRTPKIQVYSRHPAENGKSNFLNCYVSGFHPSDIEVDLLKNGERIEKVEHSDLSFSKDWSFYLLYYTEFTPTEKDEYAC
RVNHVTLSQPKIVKWDRDM
;
B
2 'polypeptide(L)'
;GPAVIECWFVEDASGKGLAKRPGALLLRQGPGEPPPRPDLDPELYLSVHDPAGALQAAFRRYPRGAPAPHCEMSRFVPLP
ASAKWASGLTPAQNCPRALDGAWLMVSISSPVLSLSSLLRPQPEPQQEPVLITMATVVLTVLTHTPAPRVRLGQDALLDL
SFAYMPPTSEAASSLAPGPPPFGLEWRRQHLGKGHLLLAATPGLNGQMPAAQEGAVAFAAWDDDEPWGPWTGNGTFWLPR
VQPFQEGTYLATIHLPYLQGQVTLELAVYKPPKVSLMPATLARAAPGEAPPELLCLVSHFYPSGGLEVEWELRGGPGGRS
QKAEGQRWLSALRHHSDGSVSLSGHLQPPPVTTEQHGARYACRIHHPSLPASGRSAEVTLEVAGLSGPSLEDSVGLFLSA
FLLLGLFKALGWAAVYLSTCKDSKKKAE
;
C
3 'polypeptide(L)'
;SDVLELTDDNFESRISDTGSAGLMLVEFFAPWCGHCKRLAPEYEAAATRLKGIVPLAKVDCTANTNTCNKYGVSGYPTLK
IFRDGEEAGAYDGPRTADGIVSHLKKQAGPASVPLRTEEEFKKFISDKDASIVGFFDDSFSEAHSEFLKAASNLRDNYRF
AHTNVESLVNEYDDNGEGIILFRPSHLTNKFEDKTVAYTEQKMTSGKIKKFIQENIFGICPHMTEDNKDLIQGKDLLIAY
YDVDYEKNAKGSNYWRNRVMMVAKKFLDAGHKLNFAVASRKTFSHELSDFGLESTAGEIPVVAIRTAKGEKFVMQEEFSR
DGKALERFLQDYFDGNLKRYLKSEPIPESNDGPVKVVVAENFDEIVNNENKDVLIEFYAPWCGHCKNLEPKYKELGEKLS
KDPNIVIAKMDATANDVPSPYEVRGFPTIYFSPANKKLNPKKYEGGRELSDFISYLQREATNPPVIQEEKPKKKKKAQED
L
;
D
4 'polypeptide(L)'
;GSHSMRYFFTSVSRPGRGEPRFIAVGYVDDTQFVRFDSDAASQRMEPRAPWIEQEGPEYWDQETRNVKAQSQTDRVDLGT
LRGYYNQSEAGSHTIQIMYGCDVGSDGRFLRGYRQDAYDGKDYIALNEDLRSWTAADMAAQITKRKWEAAHEAEQLRAYL
DGTCVEWLRRYLENGKETLQRTDPPKTHMTHHPISDHEATLRCWALGFYPAEITLTWQRDGEDQTQDTELVETRPAGDGT
FQKWAAVVVPSGEEQRYTCHVQHEGLPKPLTLRWELSSQPTIPIVGIIAGLVLLGAVITGAVVAAVMWRRKSSDRKGGSY
TQAASSDSAQGSDVSLTACKV
;
F
5 'polypeptide(L)'
;EPAVYFKEQFLDGDGWTSRWIESKHKSDFGKFVLSSGKFYGDEEKDKGLQTSQDARFYALSASFEPFSNKGQTLVVQFTV
KHEQNIDCGGGYVKLFPNSLDQTDMHGDSEYNIMFGPDICGPGTKKVHVIFNYKGKNVLINKDIRSKDDEFTHLYTLIVR
PDNTYEVKIDNSQVESGSLEDDWDFLPPKKIKDPDASKPEDWDERAKIDDPTDSKPEDWDKPEHIPDPDAKKPEDWDEEM
DGEWEPPVIQNPEYKGEWKPRQIDNPDYKGTWIHPEIDNPEYSPDPSIYAYDNFGVLGLDLWQVKSGTIFDNFLITNDEA
YAEEFGNETWGVTKAAEKQMKDKQDEEQRLKEEEEDKKRKEEEEAEDKEDDEDKDEDEEDEEDKEEDEEEDVPGQAKDEL
;
G
#
loop_
_chem_comp.id
_chem_comp.type
_chem_comp.name
_chem_comp.formula
BGC D-saccharide, beta linking beta-D-glucopyranose 'C6 H12 O6'
MAN D-saccharide, alpha linking alpha-D-mannopyranose 'C6 H12 O6'
NAG D-saccharide, beta linking 2-acetamido-2-deoxy-beta-D-glucopyranose 'C8 H15 N O6'
#
# COMPACT_ATOMS: atom_id res chain seq x y z
N ILE A 1 9.65 6.18 -12.62
CA ILE A 1 8.71 7.11 -13.21
C ILE A 1 9.33 7.81 -14.41
N GLN A 2 8.58 8.72 -15.02
CA GLN A 2 9.06 9.46 -16.18
C GLN A 2 10.22 10.37 -15.80
N ARG A 3 11.43 9.80 -15.73
CA ARG A 3 12.63 10.54 -15.39
C ARG A 3 13.61 10.52 -16.55
N THR A 4 14.56 11.44 -16.50
CA THR A 4 15.56 11.52 -17.56
C THR A 4 16.37 10.23 -17.62
N PRO A 5 16.48 9.59 -18.79
CA PRO A 5 17.25 8.34 -18.86
C PRO A 5 18.73 8.55 -18.60
N LYS A 6 19.20 8.11 -17.42
CA LYS A 6 20.60 8.23 -17.07
C LYS A 6 21.48 7.42 -18.02
N ILE A 7 22.27 8.10 -18.82
CA ILE A 7 23.16 7.45 -19.78
C ILE A 7 24.51 7.22 -19.13
N GLN A 8 25.24 6.22 -19.63
CA GLN A 8 26.56 5.86 -19.11
C GLN A 8 27.41 5.40 -20.29
N VAL A 9 28.31 6.26 -20.75
CA VAL A 9 29.19 5.95 -21.87
C VAL A 9 30.44 5.31 -21.31
N TYR A 10 30.62 4.01 -21.58
CA TYR A 10 31.80 3.29 -21.09
C TYR A 10 32.09 2.10 -21.99
N SER A 11 32.66 1.04 -21.42
CA SER A 11 33.00 -0.16 -22.18
C SER A 11 32.98 -1.36 -21.24
N ARG A 12 33.03 -2.55 -21.83
CA ARG A 12 33.02 -3.78 -21.04
C ARG A 12 34.28 -3.89 -20.19
N HIS A 13 35.45 -3.88 -20.83
CA HIS A 13 36.71 -3.98 -20.13
C HIS A 13 37.42 -2.63 -20.15
N PRO A 14 38.73 -2.60 -19.94
CA PRO A 14 39.45 -1.33 -19.95
C PRO A 14 39.49 -0.74 -21.36
N ALA A 15 39.42 0.60 -21.42
CA ALA A 15 39.45 1.30 -22.70
C ALA A 15 40.78 1.08 -23.40
N GLU A 16 40.91 -0.04 -24.11
CA GLU A 16 42.14 -0.37 -24.83
C GLU A 16 42.32 0.62 -25.98
N ASN A 17 43.16 1.63 -25.76
CA ASN A 17 43.41 2.65 -26.78
C ASN A 17 44.15 2.01 -27.95
N GLY A 18 43.50 1.92 -29.09
CA GLY A 18 44.09 1.34 -30.28
C GLY A 18 43.94 -0.16 -30.41
N LYS A 19 43.27 -0.82 -29.47
CA LYS A 19 43.06 -2.26 -29.49
C LYS A 19 41.56 -2.56 -29.52
N SER A 20 41.24 -3.84 -29.60
CA SER A 20 39.84 -4.27 -29.63
C SER A 20 39.19 -4.06 -28.27
N ASN A 21 37.92 -3.66 -28.29
CA ASN A 21 37.18 -3.42 -27.06
C ASN A 21 35.69 -3.60 -27.29
N PHE A 22 34.86 -2.78 -26.65
CA PHE A 22 33.42 -2.86 -26.80
C PHE A 22 32.73 -1.70 -26.09
N LEU A 23 32.31 -0.69 -26.85
CA LEU A 23 31.62 0.45 -26.26
C LEU A 23 30.23 0.06 -25.80
N ASN A 24 29.86 0.50 -24.59
CA ASN A 24 28.56 0.18 -24.02
C ASN A 24 27.97 1.45 -23.41
N CYS A 25 26.67 1.64 -23.62
CA CYS A 25 25.93 2.78 -23.09
C CYS A 25 24.83 2.26 -22.18
N TYR A 26 25.00 2.43 -20.87
CA TYR A 26 24.05 1.96 -19.87
C TYR A 26 23.16 3.12 -19.47
N VAL A 27 21.92 3.12 -19.96
CA VAL A 27 20.93 4.14 -19.65
C VAL A 27 19.82 3.49 -18.82
N SER A 28 19.70 3.90 -17.57
CA SER A 28 18.70 3.35 -16.66
C SER A 28 17.92 4.50 -16.03
N GLY A 29 16.82 4.15 -15.37
CA GLY A 29 15.98 5.12 -14.73
C GLY A 29 15.27 6.05 -15.70
N PHE A 30 14.40 5.49 -16.53
CA PHE A 30 13.66 6.27 -17.52
C PHE A 30 12.30 5.64 -17.73
N HIS A 31 11.38 6.45 -18.25
CA HIS A 31 10.02 6.00 -18.51
C HIS A 31 9.38 6.79 -19.65
N PRO A 32 8.72 6.08 -20.58
CA PRO A 32 8.58 4.63 -20.52
C PRO A 32 9.85 3.90 -20.98
N SER A 33 9.71 2.62 -21.33
CA SER A 33 10.87 1.84 -21.77
C SER A 33 11.40 2.32 -23.12
N ASP A 34 10.58 3.03 -23.89
CA ASP A 34 11.04 3.53 -25.20
C ASP A 34 12.13 4.56 -25.02
N ILE A 35 13.31 4.26 -25.57
CA ILE A 35 14.46 5.16 -25.47
C ILE A 35 15.44 4.84 -26.59
N GLU A 36 15.33 5.57 -27.70
CA GLU A 36 16.22 5.36 -28.85
C GLU A 36 17.63 5.75 -28.46
N VAL A 37 18.53 4.76 -28.38
CA VAL A 37 19.92 4.97 -28.02
C VAL A 37 20.80 4.54 -29.19
N ASP A 38 21.78 5.38 -29.54
CA ASP A 38 22.69 5.09 -30.63
C ASP A 38 24.10 5.51 -30.22
N LEU A 39 25.09 4.86 -30.83
CA LEU A 39 26.48 5.14 -30.56
C LEU A 39 27.08 5.97 -31.69
N LEU A 40 27.98 6.89 -31.34
CA LEU A 40 28.64 7.76 -32.29
C LEU A 40 30.14 7.56 -32.21
N LYS A 41 30.82 7.67 -33.36
CA LYS A 41 32.27 7.50 -33.44
C LYS A 41 32.79 8.52 -34.45
N ASN A 42 33.34 9.62 -33.96
CA ASN A 42 33.90 10.68 -34.80
C ASN A 42 32.81 11.29 -35.68
N GLY A 43 31.95 12.07 -35.03
CA GLY A 43 30.86 12.72 -35.72
C GLY A 43 29.73 11.78 -36.08
N GLU A 44 29.99 10.87 -37.02
CA GLU A 44 28.97 9.91 -37.43
C GLU A 44 28.66 8.94 -36.31
N ARG A 45 27.59 8.18 -36.49
CA ARG A 45 27.15 7.20 -35.51
C ARG A 45 27.88 5.87 -35.72
N ILE A 46 28.02 5.10 -34.65
CA ILE A 46 28.69 3.82 -34.72
C ILE A 46 27.85 2.84 -35.53
N GLU A 47 28.51 1.85 -36.14
CA GLU A 47 27.80 0.87 -36.94
C GLU A 47 26.90 0.00 -36.07
N LYS A 48 27.49 -0.73 -35.12
CA LYS A 48 26.71 -1.59 -34.24
C LYS A 48 26.15 -0.79 -33.07
N VAL A 49 24.88 -1.06 -32.75
CA VAL A 49 24.21 -0.36 -31.65
C VAL A 49 23.29 -1.35 -30.93
N GLU A 50 23.70 -2.61 -30.90
CA GLU A 50 22.90 -3.64 -30.23
C GLU A 50 22.89 -3.40 -28.72
N HIS A 51 21.70 -3.33 -28.14
CA HIS A 51 21.53 -3.11 -26.72
C HIS A 51 20.77 -4.28 -26.10
N SER A 52 21.11 -4.60 -24.85
CA SER A 52 20.46 -5.68 -24.15
C SER A 52 19.00 -5.35 -23.85
N ASP A 53 18.26 -6.36 -23.44
CA ASP A 53 16.84 -6.18 -23.12
C ASP A 53 16.70 -5.31 -21.87
N LEU A 54 15.72 -4.42 -21.90
CA LEU A 54 15.47 -3.53 -20.77
C LEU A 54 14.97 -4.33 -19.57
N SER A 55 15.00 -3.70 -18.40
CA SER A 55 14.55 -4.33 -17.17
C SER A 55 14.32 -3.26 -16.13
N PHE A 56 13.83 -3.68 -14.96
CA PHE A 56 13.55 -2.77 -13.86
C PHE A 56 14.87 -2.20 -13.34
N SER A 57 15.14 -0.93 -13.66
CA SER A 57 16.37 -0.29 -13.24
C SER A 57 16.35 -0.06 -11.73
N LYS A 58 17.46 0.46 -11.21
CA LYS A 58 17.55 0.72 -9.78
C LYS A 58 16.59 1.81 -9.33
N ASP A 59 16.20 2.71 -10.24
CA ASP A 59 15.28 3.79 -9.93
C ASP A 59 13.83 3.39 -10.15
N TRP A 60 13.53 2.10 -10.20
CA TRP A 60 12.16 1.62 -10.41
C TRP A 60 11.61 2.07 -11.75
N SER A 61 12.45 2.03 -12.78
CA SER A 61 12.06 2.44 -14.12
C SER A 61 12.74 1.51 -15.12
N PHE A 62 12.67 1.88 -16.40
CA PHE A 62 13.29 1.07 -17.44
C PHE A 62 14.81 1.11 -17.32
N TYR A 63 15.46 0.16 -17.99
CA TYR A 63 16.92 0.07 -17.98
C TYR A 63 17.36 -0.69 -19.22
N LEU A 64 18.21 -0.04 -20.02
CA LEU A 64 18.73 -0.64 -21.25
C LEU A 64 20.23 -0.40 -21.33
N LEU A 65 20.95 -1.38 -21.86
CA LEU A 65 22.40 -1.32 -21.99
C LEU A 65 22.78 -1.69 -23.41
N TYR A 66 23.47 -0.78 -24.10
CA TYR A 66 23.90 -1.00 -25.47
C TYR A 66 25.39 -1.37 -25.51
N TYR A 67 25.77 -2.08 -26.57
CA TYR A 67 27.14 -2.51 -26.73
C TYR A 67 27.47 -2.55 -28.23
N THR A 68 28.76 -2.59 -28.53
CA THR A 68 29.23 -2.62 -29.91
C THR A 68 30.74 -2.81 -29.96
N GLU A 69 31.21 -3.57 -30.95
CA GLU A 69 32.63 -3.83 -31.11
C GLU A 69 33.29 -2.66 -31.82
N PHE A 70 34.36 -2.13 -31.23
CA PHE A 70 35.09 -1.00 -31.80
C PHE A 70 36.33 -0.75 -30.94
N THR A 71 37.31 -0.08 -31.55
CA THR A 71 38.55 0.24 -30.87
C THR A 71 38.34 1.41 -29.91
N PRO A 72 38.38 1.17 -28.60
CA PRO A 72 38.19 2.27 -27.66
C PRO A 72 39.35 3.25 -27.68
N THR A 73 39.04 4.54 -27.62
CA THR A 73 40.07 5.57 -27.63
C THR A 73 39.45 6.94 -27.35
N GLU A 74 40.09 7.72 -26.47
CA GLU A 74 39.56 9.04 -26.15
C GLU A 74 39.70 10.00 -27.33
N LYS A 75 40.65 9.76 -28.22
CA LYS A 75 40.82 10.63 -29.37
C LYS A 75 39.63 10.54 -30.31
N ASP A 76 39.17 9.32 -30.59
CA ASP A 76 38.03 9.13 -31.47
C ASP A 76 36.77 9.67 -30.82
N GLU A 77 36.09 10.57 -31.52
CA GLU A 77 34.86 11.17 -30.99
C GLU A 77 33.77 10.11 -30.83
N TYR A 78 33.82 9.36 -29.73
CA TYR A 78 32.84 8.33 -29.43
C TYR A 78 31.87 8.83 -28.37
N ALA A 79 30.59 8.92 -28.72
CA ALA A 79 29.58 9.39 -27.80
C ALA A 79 28.34 8.50 -27.85
N CYS A 80 27.28 8.91 -27.15
CA CYS A 80 26.03 8.16 -27.12
C CYS A 80 24.87 9.14 -27.14
N ARG A 81 24.00 9.00 -28.14
CA ARG A 81 22.83 9.87 -28.30
C ARG A 81 21.58 9.11 -27.88
N VAL A 82 20.77 9.74 -27.04
CA VAL A 82 19.54 9.14 -26.54
C VAL A 82 18.39 10.10 -26.84
N ASN A 83 17.23 9.54 -27.17
CA ASN A 83 16.04 10.32 -27.48
C ASN A 83 14.81 9.54 -27.07
N HIS A 84 13.94 10.16 -26.27
CA HIS A 84 12.72 9.53 -25.79
C HIS A 84 11.81 10.63 -25.24
N VAL A 85 10.78 10.22 -24.51
CA VAL A 85 9.84 11.18 -23.94
C VAL A 85 10.53 12.02 -22.88
N THR A 86 11.16 11.38 -21.90
CA THR A 86 11.85 12.12 -20.85
C THR A 86 13.02 12.90 -21.41
N LEU A 87 13.83 12.27 -22.26
CA LEU A 87 14.97 12.93 -22.89
C LEU A 87 14.50 13.50 -24.23
N SER A 88 14.05 14.75 -24.20
CA SER A 88 13.55 15.42 -25.41
C SER A 88 14.65 15.51 -26.45
N GLN A 89 15.56 16.46 -26.29
CA GLN A 89 16.65 16.62 -27.24
C GLN A 89 17.56 15.39 -27.20
N PRO A 90 18.14 14.99 -28.33
CA PRO A 90 19.02 13.81 -28.31
C PRO A 90 20.26 14.04 -27.47
N LYS A 91 20.22 13.62 -26.21
CA LYS A 91 21.36 13.80 -25.32
C LYS A 91 22.54 12.98 -25.82
N ILE A 92 23.61 13.67 -26.19
CA ILE A 92 24.83 13.05 -26.69
C ILE A 92 25.90 13.22 -25.62
N VAL A 93 26.25 12.12 -24.95
CA VAL A 93 27.26 12.12 -23.89
C VAL A 93 28.55 11.55 -24.46
N LYS A 94 29.66 12.26 -24.26
CA LYS A 94 30.94 11.81 -24.76
C LYS A 94 31.38 10.55 -24.01
N TRP A 95 31.81 9.54 -24.77
CA TRP A 95 32.27 8.27 -24.19
C TRP A 95 33.78 8.32 -24.06
N ASP A 96 34.27 8.32 -22.82
CA ASP A 96 35.71 8.37 -22.56
C ASP A 96 36.25 6.95 -22.33
N ARG A 97 37.21 6.84 -21.41
CA ARG A 97 37.79 5.52 -21.12
C ARG A 97 36.78 4.62 -20.43
N ASP A 98 36.15 5.11 -19.37
CA ASP A 98 35.16 4.33 -18.63
C ASP A 98 33.88 5.14 -18.43
N MET A 99 33.15 4.82 -17.36
CA MET A 99 31.91 5.52 -17.05
C MET A 99 32.17 6.98 -16.67
N GLY B 1 -13.56 29.56 0.84
CA GLY B 1 -13.25 28.22 0.39
C GLY B 1 -14.22 27.69 -0.64
N PRO B 2 -14.07 26.42 -1.02
CA PRO B 2 -14.96 25.83 -2.01
C PRO B 2 -16.33 25.55 -1.41
N ALA B 3 -17.38 26.02 -2.09
CA ALA B 3 -18.74 25.81 -1.62
C ALA B 3 -19.12 24.33 -1.67
N VAL B 4 -19.32 23.80 -2.87
CA VAL B 4 -19.67 22.40 -3.06
C VAL B 4 -18.41 21.62 -3.40
N ILE B 5 -18.28 20.44 -2.80
CA ILE B 5 -17.12 19.57 -3.00
C ILE B 5 -17.53 18.52 -4.03
N GLU B 6 -17.16 18.75 -5.29
CA GLU B 6 -17.47 17.82 -6.37
C GLU B 6 -16.53 16.62 -6.26
N CYS B 7 -16.94 15.64 -5.47
CA CYS B 7 -16.15 14.44 -5.27
C CYS B 7 -16.53 13.36 -6.27
N TRP B 8 -15.73 12.30 -6.30
CA TRP B 8 -15.94 11.16 -7.20
C TRP B 8 -16.31 9.95 -6.35
N PHE B 9 -17.58 9.55 -6.40
CA PHE B 9 -18.05 8.40 -5.63
C PHE B 9 -17.38 7.13 -6.14
N VAL B 10 -16.49 6.55 -5.33
CA VAL B 10 -15.78 5.34 -5.67
C VAL B 10 -16.19 4.25 -4.68
N GLU B 11 -15.74 3.03 -4.98
CA GLU B 11 -16.05 1.88 -4.13
C GLU B 11 -15.29 1.93 -2.79
N ASP B 12 -13.96 2.00 -2.86
CA ASP B 12 -13.26 2.02 -4.14
C ASP B 12 -13.11 0.62 -4.72
N ALA B 13 -12.06 0.40 -5.49
CA ALA B 13 -11.80 -0.90 -6.09
C ALA B 13 -10.50 -1.51 -5.57
N GLY B 17 -8.68 1.73 -8.23
CA GLY B 17 -9.76 2.70 -8.07
C GLY B 17 -10.94 2.38 -8.99
N LEU B 18 -10.77 1.36 -9.83
CA LEU B 18 -11.81 0.94 -10.76
C LEU B 18 -12.35 2.13 -11.54
N ALA B 19 -13.35 2.80 -10.97
CA ALA B 19 -13.96 3.95 -11.61
C ALA B 19 -14.49 4.92 -10.55
N LYS B 20 -15.14 5.99 -11.02
CA LYS B 20 -15.72 6.99 -10.14
C LYS B 20 -17.03 7.49 -10.73
N ARG B 21 -17.91 7.96 -9.84
CA ARG B 21 -19.22 8.46 -10.25
C ARG B 21 -19.38 9.90 -9.79
N PRO B 22 -20.42 10.60 -10.27
CA PRO B 22 -20.62 12.00 -9.85
C PRO B 22 -21.04 12.07 -8.38
N GLY B 23 -20.29 12.84 -7.60
CA GLY B 23 -20.58 13.00 -6.19
C GLY B 23 -20.48 14.45 -5.77
N ALA B 24 -21.32 14.82 -4.80
CA ALA B 24 -21.35 16.18 -4.29
C ALA B 24 -21.34 16.16 -2.78
N LEU B 25 -20.58 17.08 -2.18
CA LEU B 25 -20.47 17.20 -0.74
C LEU B 25 -20.83 18.62 -0.33
N LEU B 26 -21.70 18.75 0.66
CA LEU B 26 -22.16 20.04 1.14
C LEU B 26 -21.31 20.51 2.32
N PRO B 34 -22.25 23.39 4.16
CA PRO B 34 -23.11 23.30 2.99
C PRO B 34 -23.43 24.65 2.36
N PRO B 35 -23.32 24.75 1.04
CA PRO B 35 -23.65 26.00 0.35
C PRO B 35 -24.79 25.78 -0.63
N PRO B 36 -25.32 26.85 -1.23
CA PRO B 36 -26.42 26.68 -2.17
C PRO B 36 -25.96 26.09 -3.50
N ARG B 37 -26.05 24.77 -3.63
CA ARG B 37 -25.64 24.05 -4.83
C ARG B 37 -26.76 23.09 -5.22
N PRO B 38 -27.66 23.50 -6.11
CA PRO B 38 -28.74 22.58 -6.51
C PRO B 38 -28.28 21.49 -7.44
N ASP B 39 -27.38 21.79 -8.38
CA ASP B 39 -26.86 20.81 -9.32
C ASP B 39 -26.00 19.80 -8.57
N LEU B 40 -26.66 18.79 -8.02
CA LEU B 40 -26.01 17.73 -7.25
C LEU B 40 -26.49 16.38 -7.75
N ASP B 41 -25.92 15.31 -7.20
CA ASP B 41 -26.28 13.96 -7.57
C ASP B 41 -27.31 13.40 -6.59
N PRO B 42 -27.85 14.23 -5.69
CA PRO B 42 -28.84 13.74 -4.73
C PRO B 42 -28.34 12.55 -3.93
N GLU B 43 -28.33 11.36 -4.54
CA GLU B 43 -27.87 10.17 -3.84
C GLU B 43 -26.41 10.30 -3.43
N LEU B 44 -25.61 11.00 -4.24
CA LEU B 44 -24.20 11.19 -3.94
C LEU B 44 -23.94 12.41 -3.10
N TYR B 45 -24.68 13.50 -3.31
CA TYR B 45 -24.48 14.71 -2.53
C TYR B 45 -24.92 14.48 -1.09
N LEU B 46 -23.98 14.61 -0.16
CA LEU B 46 -24.24 14.42 1.26
C LEU B 46 -24.03 15.73 2.01
N SER B 47 -24.96 16.06 2.90
CA SER B 47 -24.88 17.28 3.69
C SER B 47 -23.82 17.10 4.77
N VAL B 48 -22.71 17.84 4.65
CA VAL B 48 -21.64 17.75 5.63
C VAL B 48 -22.11 18.34 6.95
N HIS B 49 -22.04 17.54 8.02
CA HIS B 49 -22.45 17.96 9.36
C HIS B 49 -21.35 17.62 10.35
N ASP B 50 -20.16 18.16 10.11
CA ASP B 50 -19.02 17.91 10.98
C ASP B 50 -19.26 18.54 12.35
N PRO B 51 -19.33 17.76 13.43
CA PRO B 51 -19.55 18.36 14.76
C PRO B 51 -18.29 18.91 15.40
N ALA B 52 -17.11 18.49 14.95
CA ALA B 52 -15.86 18.98 15.53
C ALA B 52 -15.39 20.28 14.88
N GLY B 53 -15.72 20.51 13.61
CA GLY B 53 -15.32 21.71 12.92
C GLY B 53 -14.01 21.60 12.15
N ALA B 54 -13.39 20.43 12.12
CA ALA B 54 -12.13 20.28 11.39
C ALA B 54 -12.36 20.39 9.89
N LEU B 55 -13.27 19.58 9.34
CA LEU B 55 -13.53 19.63 7.91
C LEU B 55 -14.11 20.98 7.50
N GLN B 56 -14.93 21.58 8.37
CA GLN B 56 -15.51 22.88 8.05
C GLN B 56 -14.46 23.99 8.10
N ALA B 57 -13.59 23.96 9.11
CA ALA B 57 -12.55 24.98 9.21
C ALA B 57 -11.53 24.85 8.10
N ALA B 58 -11.21 23.62 7.69
CA ALA B 58 -10.25 23.43 6.61
C ALA B 58 -10.74 24.05 5.31
N PHE B 59 -12.03 23.88 5.01
CA PHE B 59 -12.58 24.46 3.79
C PHE B 59 -12.83 25.95 3.92
N ARG B 60 -13.19 26.42 5.12
CA ARG B 60 -13.43 27.84 5.31
C ARG B 60 -12.13 28.65 5.28
N ARG B 61 -11.02 28.03 5.66
CA ARG B 61 -9.72 28.68 5.67
C ARG B 61 -8.96 28.52 4.36
N TYR B 62 -9.61 27.98 3.32
CA TYR B 62 -8.95 27.80 2.05
C TYR B 62 -8.76 29.14 1.34
N PRO B 63 -7.73 29.25 0.51
CA PRO B 63 -7.50 30.52 -0.20
C PRO B 63 -8.54 30.74 -1.29
N ARG B 64 -9.00 31.98 -1.41
CA ARG B 64 -9.99 32.31 -2.43
C ARG B 64 -9.37 32.28 -3.81
N GLY B 65 -10.16 31.83 -4.79
CA GLY B 65 -9.71 31.75 -6.16
C GLY B 65 -8.86 30.53 -6.49
N ALA B 66 -8.50 29.72 -5.51
CA ALA B 66 -7.70 28.54 -5.76
C ALA B 66 -8.50 27.50 -6.56
N PRO B 67 -7.81 26.57 -7.20
CA PRO B 67 -8.52 25.56 -7.98
C PRO B 67 -9.29 24.60 -7.08
N ALA B 68 -10.24 23.90 -7.70
CA ALA B 68 -11.07 22.95 -6.98
C ALA B 68 -10.21 21.78 -6.50
N PRO B 69 -10.15 21.51 -5.19
CA PRO B 69 -9.34 20.39 -4.72
C PRO B 69 -9.94 19.05 -5.11
N HIS B 70 -9.07 18.08 -5.34
CA HIS B 70 -9.50 16.75 -5.72
C HIS B 70 -10.24 16.08 -4.57
N CYS B 71 -11.37 15.45 -4.87
CA CYS B 71 -12.18 14.76 -3.87
C CYS B 71 -12.53 13.37 -4.38
N GLU B 72 -12.40 12.38 -3.50
CA GLU B 72 -12.70 10.99 -3.84
C GLU B 72 -13.45 10.36 -2.68
N MET B 73 -14.62 9.81 -2.97
CA MET B 73 -15.47 9.16 -1.97
C MET B 73 -15.45 7.65 -2.18
N SER B 74 -15.48 6.90 -1.08
CA SER B 74 -15.47 5.45 -1.12
C SER B 74 -16.32 4.92 0.03
N ARG B 75 -16.47 3.61 0.08
CA ARG B 75 -17.26 2.93 1.10
C ARG B 75 -16.32 2.40 2.19
N PHE B 76 -16.36 3.02 3.36
CA PHE B 76 -15.51 2.63 4.47
C PHE B 76 -16.22 1.57 5.33
N VAL B 77 -15.42 0.64 5.85
CA VAL B 77 -15.94 -0.44 6.69
C VAL B 77 -15.16 -0.43 8.00
N PRO B 78 -15.83 -0.38 9.16
CA PRO B 78 -15.10 -0.37 10.43
C PRO B 78 -14.45 -1.71 10.70
N LEU B 79 -13.15 -1.68 11.01
CA LEU B 79 -12.39 -2.88 11.28
C LEU B 79 -11.18 -2.51 12.12
N PRO B 80 -10.67 -3.43 12.94
CA PRO B 80 -9.50 -3.11 13.77
C PRO B 80 -8.26 -2.94 12.93
N ALA B 81 -7.25 -2.30 13.53
CA ALA B 81 -5.99 -2.06 12.85
C ALA B 81 -5.26 -3.37 12.61
N SER B 82 -4.71 -3.52 11.40
CA SER B 82 -3.98 -4.74 11.06
C SER B 82 -2.68 -4.85 11.84
N ALA B 83 -2.05 -3.72 12.17
CA ALA B 83 -0.80 -3.74 12.92
C ALA B 83 -1.03 -4.22 14.34
N LYS B 84 -0.14 -5.08 14.82
CA LYS B 84 -0.28 -5.60 16.18
C LYS B 84 -0.03 -4.51 17.22
N TRP B 85 0.81 -3.52 16.90
CA TRP B 85 1.09 -2.45 17.86
C TRP B 85 -0.18 -1.71 18.26
N ALA B 86 -1.13 -1.57 17.34
CA ALA B 86 -2.39 -0.89 17.62
C ALA B 86 -3.42 -1.82 18.26
N SER B 87 -3.08 -3.08 18.50
CA SER B 87 -4.03 -4.00 19.11
C SER B 87 -4.55 -3.48 20.44
N GLY B 88 -3.72 -2.75 21.19
CA GLY B 88 -4.15 -2.18 22.45
C GLY B 88 -5.36 -1.28 22.34
N LEU B 89 -5.59 -0.70 21.15
CA LEU B 89 -6.75 0.16 20.95
C LEU B 89 -8.06 -0.63 20.85
N THR B 90 -8.00 -1.95 20.72
CA THR B 90 -9.18 -2.80 20.63
C THR B 90 -8.97 -4.03 21.50
N PRO B 91 -9.04 -3.88 22.82
CA PRO B 91 -8.84 -5.03 23.71
C PRO B 91 -9.95 -6.05 23.59
N ALA B 92 -11.19 -5.58 23.64
CA ALA B 92 -12.34 -6.49 23.53
C ALA B 92 -12.41 -7.11 22.14
N GLN B 93 -12.70 -8.41 22.10
CA GLN B 93 -12.80 -9.14 20.84
C GLN B 93 -14.26 -9.14 20.38
N ASN B 94 -14.74 -7.96 20.03
CA ASN B 94 -16.11 -7.79 19.55
C ASN B 94 -16.24 -6.40 18.95
N CYS B 95 -17.05 -6.31 17.89
CA CYS B 95 -17.26 -5.03 17.23
C CYS B 95 -18.26 -4.18 18.01
N PRO B 96 -18.01 -2.88 18.16
CA PRO B 96 -18.95 -2.04 18.90
C PRO B 96 -20.24 -1.83 18.13
N ARG B 97 -21.36 -1.90 18.85
CA ARG B 97 -22.66 -1.73 18.22
C ARG B 97 -22.91 -0.28 17.80
N ALA B 98 -22.17 0.68 18.36
CA ALA B 98 -22.36 2.08 17.99
C ALA B 98 -21.90 2.37 16.58
N LEU B 99 -21.03 1.53 16.01
CA LEU B 99 -20.53 1.72 14.66
C LEU B 99 -21.45 1.14 13.59
N ASP B 100 -22.70 0.83 13.94
CA ASP B 100 -23.63 0.27 12.97
C ASP B 100 -24.00 1.31 11.91
N GLY B 101 -24.27 0.83 10.71
CA GLY B 101 -24.64 1.67 9.60
C GLY B 101 -23.54 1.74 8.54
N ALA B 102 -23.86 2.43 7.45
CA ALA B 102 -22.93 2.60 6.35
C ALA B 102 -21.96 3.73 6.63
N TRP B 103 -20.73 3.57 6.14
CA TRP B 103 -19.68 4.57 6.31
C TRP B 103 -19.09 4.94 4.96
N LEU B 104 -18.72 6.20 4.81
CA LEU B 104 -18.14 6.71 3.57
C LEU B 104 -16.84 7.43 3.90
N MET B 105 -15.80 7.14 3.12
CA MET B 105 -14.49 7.75 3.31
C MET B 105 -14.28 8.82 2.25
N VAL B 106 -14.00 10.04 2.69
CA VAL B 106 -13.78 11.18 1.81
C VAL B 106 -12.31 11.57 1.88
N SER B 107 -11.64 11.60 0.73
CA SER B 107 -10.23 11.96 0.64
C SER B 107 -10.09 13.14 -0.31
N ILE B 108 -9.66 14.29 0.22
CA ILE B 108 -9.47 15.51 -0.56
C ILE B 108 -8.00 15.86 -0.54
N SER B 109 -7.42 16.04 -1.73
CA SER B 109 -6.02 16.39 -1.87
C SER B 109 -5.88 17.57 -2.82
N SER B 110 -4.89 18.42 -2.54
CA SER B 110 -4.63 19.59 -3.36
C SER B 110 -3.33 20.27 -2.92
N PRO B 111 -2.88 21.31 -3.62
CA PRO B 111 -1.64 21.97 -3.23
C PRO B 111 -1.75 22.79 -1.94
N VAL B 112 -2.97 23.04 -1.46
CA VAL B 112 -3.15 23.81 -0.23
C VAL B 112 -3.12 22.91 1.00
N LEU B 113 -3.77 21.75 0.93
CA LEU B 113 -3.80 20.81 2.04
C LEU B 113 -4.46 19.52 1.57
N SER B 114 -4.26 18.46 2.34
CA SER B 114 -4.82 17.15 2.02
C SER B 114 -5.37 16.54 3.30
N LEU B 115 -6.68 16.29 3.33
CA LEU B 115 -7.35 15.72 4.48
C LEU B 115 -8.19 14.54 4.05
N SER B 116 -8.58 13.72 5.04
CA SER B 116 -9.39 12.53 4.80
C SER B 116 -10.29 12.31 6.00
N SER B 117 -11.60 12.43 5.80
CA SER B 117 -12.57 12.25 6.87
C SER B 117 -13.43 11.02 6.60
N LEU B 118 -14.17 10.60 7.62
CA LEU B 118 -15.05 9.45 7.54
C LEU B 118 -16.45 9.90 7.96
N LEU B 119 -17.33 10.11 6.98
CA LEU B 119 -18.68 10.55 7.22
C LEU B 119 -19.64 9.37 7.23
N ARG B 120 -20.81 9.59 7.82
CA ARG B 120 -21.85 8.56 7.92
C ARG B 120 -23.16 9.14 7.41
N PRO B 121 -23.64 8.72 6.24
CA PRO B 121 -24.90 9.25 5.71
C PRO B 121 -26.11 8.48 6.24
N GLN B 122 -27.26 9.14 6.14
CA GLN B 122 -28.51 8.56 6.60
C GLN B 122 -28.91 7.40 5.69
N PRO B 123 -29.91 6.61 6.10
CA PRO B 123 -30.33 5.50 5.24
C PRO B 123 -31.02 5.94 3.97
N GLU B 124 -31.81 7.02 4.04
CA GLU B 124 -32.52 7.55 2.89
C GLU B 124 -32.14 9.01 2.66
N PRO B 125 -32.28 9.50 1.44
CA PRO B 125 -31.92 10.90 1.16
C PRO B 125 -33.15 11.78 0.96
N GLN B 126 -34.28 11.35 1.49
CA GLN B 126 -35.53 12.11 1.36
C GLN B 126 -35.55 13.24 2.38
N GLN B 127 -35.66 14.47 1.90
CA GLN B 127 -35.69 15.65 2.74
C GLN B 127 -36.86 16.53 2.34
N GLU B 128 -37.31 17.36 3.29
CA GLU B 128 -38.43 18.26 3.01
C GLU B 128 -38.04 19.37 2.05
N PRO B 129 -36.93 20.07 2.25
CA PRO B 129 -36.56 21.14 1.31
C PRO B 129 -36.14 20.60 -0.05
N VAL B 130 -34.90 20.11 -0.13
CA VAL B 130 -34.35 19.55 -1.36
C VAL B 130 -33.88 18.13 -1.10
N LEU B 131 -33.86 17.33 -2.16
CA LEU B 131 -33.42 15.94 -2.07
C LEU B 131 -31.91 15.90 -1.89
N ILE B 132 -31.48 15.63 -0.65
CA ILE B 132 -30.05 15.57 -0.34
C ILE B 132 -29.86 14.68 0.89
N THR B 133 -28.88 13.78 0.82
CA THR B 133 -28.59 12.87 1.92
C THR B 133 -27.80 13.59 3.00
N MET B 134 -28.15 13.31 4.26
CA MET B 134 -27.49 13.91 5.41
C MET B 134 -26.41 12.97 5.93
N ALA B 135 -25.22 13.51 6.18
CA ALA B 135 -24.09 12.73 6.68
C ALA B 135 -23.47 13.45 7.87
N THR B 136 -22.91 12.67 8.79
CA THR B 136 -22.27 13.18 9.99
C THR B 136 -20.80 12.78 9.97
N VAL B 137 -19.92 13.78 10.04
CA VAL B 137 -18.48 13.52 10.03
C VAL B 137 -18.07 12.97 11.39
N VAL B 138 -17.41 11.81 11.37
CA VAL B 138 -16.94 11.16 12.59
C VAL B 138 -15.51 11.61 12.88
N LEU B 139 -14.56 11.06 12.12
CA LEU B 139 -13.15 11.38 12.28
C LEU B 139 -12.66 12.18 11.07
N THR B 140 -11.70 13.07 11.31
CA THR B 140 -11.13 13.91 10.27
C THR B 140 -9.63 13.99 10.46
N VAL B 141 -8.88 13.66 9.41
CA VAL B 141 -7.42 13.70 9.43
C VAL B 141 -6.99 14.66 8.33
N LEU B 142 -6.62 15.87 8.72
CA LEU B 142 -6.19 16.91 7.79
C LEU B 142 -4.72 17.23 8.01
N THR B 143 -4.12 17.82 6.98
CA THR B 143 -2.71 18.21 7.01
C THR B 143 -2.56 19.59 6.40
N HIS B 144 -1.96 20.52 7.14
CA HIS B 144 -1.79 21.88 6.65
C HIS B 144 -0.88 21.89 5.41
N THR B 145 0.34 21.39 5.55
CA THR B 145 1.29 21.36 4.44
C THR B 145 1.12 20.06 3.65
N PRO B 146 0.44 20.09 2.50
CA PRO B 146 0.29 18.84 1.73
C PRO B 146 1.61 18.32 1.18
N ALA B 147 2.52 19.21 0.81
CA ALA B 147 3.84 18.82 0.28
C ALA B 147 4.92 19.36 1.19
N PRO B 148 5.55 18.52 2.01
CA PRO B 148 6.60 19.01 2.90
C PRO B 148 7.82 19.49 2.12
N ARG B 149 8.24 20.72 2.39
CA ARG B 149 9.38 21.34 1.73
C ARG B 149 10.43 21.66 2.79
N VAL B 150 11.00 20.61 3.39
CA VAL B 150 12.01 20.78 4.42
C VAL B 150 13.32 21.24 3.79
N ARG B 151 14.13 21.93 4.57
CA ARG B 151 15.42 22.43 4.10
C ARG B 151 16.51 21.39 4.32
N LEU B 152 17.45 21.33 3.38
CA LEU B 152 18.55 20.38 3.46
C LEU B 152 19.42 20.71 4.67
N GLY B 153 19.46 19.79 5.63
CA GLY B 153 20.23 19.98 6.84
C GLY B 153 19.47 20.54 8.02
N GLN B 154 18.20 20.88 7.85
CA GLN B 154 17.37 21.44 8.90
C GLN B 154 16.37 20.38 9.38
N ASP B 155 15.39 20.83 10.16
CA ASP B 155 14.36 19.95 10.69
C ASP B 155 13.05 20.16 9.95
N ALA B 156 12.35 19.06 9.66
CA ALA B 156 11.08 19.09 8.95
C ALA B 156 9.94 18.97 9.95
N LEU B 157 8.99 19.89 9.88
CA LEU B 157 7.83 19.91 10.76
C LEU B 157 6.59 19.62 9.91
N LEU B 158 6.25 18.34 9.81
CA LEU B 158 5.09 17.91 9.03
C LEU B 158 3.84 18.10 9.87
N ASP B 159 3.09 19.15 9.58
CA ASP B 159 1.86 19.43 10.32
C ASP B 159 0.83 18.34 10.08
N LEU B 160 0.12 17.96 11.14
CA LEU B 160 -0.91 16.92 11.04
C LEU B 160 -1.93 17.16 12.14
N SER B 161 -3.17 17.46 11.75
CA SER B 161 -4.25 17.71 12.69
C SER B 161 -5.36 16.68 12.48
N PHE B 162 -6.12 16.45 13.54
CA PHE B 162 -7.21 15.49 13.50
C PHE B 162 -8.31 15.94 14.46
N ALA B 163 -9.53 15.47 14.19
CA ALA B 163 -10.68 15.82 15.02
C ALA B 163 -11.65 14.64 15.00
N TYR B 164 -11.95 14.10 16.17
CA TYR B 164 -12.85 12.97 16.31
C TYR B 164 -13.95 13.31 17.30
N MET B 165 -15.11 12.67 17.11
CA MET B 165 -16.25 12.91 17.99
C MET B 165 -16.37 11.80 19.03
N PRO B 166 -16.94 12.10 20.19
CA PRO B 166 -17.08 11.08 21.24
C PRO B 166 -18.08 10.01 20.83
N PRO B 167 -17.85 8.76 21.22
CA PRO B 167 -18.79 7.69 20.85
C PRO B 167 -20.06 7.74 21.66
N THR B 168 -20.82 6.63 21.66
CA THR B 168 -22.06 6.58 22.42
C THR B 168 -21.80 6.69 23.91
N SER B 169 -21.13 5.71 24.49
CA SER B 169 -20.80 5.70 25.90
C SER B 169 -19.32 6.03 26.11
N PRO B 177 -15.45 5.89 27.05
CA PRO B 177 -14.92 7.22 26.75
C PRO B 177 -15.55 7.85 25.52
N GLY B 178 -15.34 9.15 25.33
CA GLY B 178 -14.52 9.93 26.24
C GLY B 178 -13.10 10.11 25.74
N PRO B 179 -12.12 9.74 26.57
CA PRO B 179 -10.72 9.85 26.15
C PRO B 179 -10.34 8.70 25.23
N PRO B 180 -10.81 8.73 23.99
CA PRO B 180 -10.51 7.64 23.06
C PRO B 180 -9.02 7.57 22.77
N PRO B 181 -8.46 6.37 22.64
CA PRO B 181 -7.02 6.26 22.35
C PRO B 181 -6.72 6.67 20.92
N PHE B 182 -5.72 7.53 20.76
CA PHE B 182 -5.31 8.04 19.46
C PHE B 182 -4.11 7.25 18.95
N GLY B 183 -4.15 6.90 17.66
CA GLY B 183 -3.07 6.15 17.05
C GLY B 183 -2.24 6.99 16.09
N LEU B 184 -0.94 7.08 16.36
CA LEU B 184 -0.02 7.85 15.54
C LEU B 184 0.84 6.90 14.72
N GLU B 185 0.72 6.98 13.40
CA GLU B 185 1.49 6.14 12.48
C GLU B 185 2.10 7.02 11.41
N TRP B 186 3.42 6.98 11.29
CA TRP B 186 4.16 7.79 10.33
C TRP B 186 5.08 6.88 9.53
N ARG B 187 4.95 6.90 8.20
CA ARG B 187 5.77 6.12 7.30
C ARG B 187 6.18 6.97 6.12
N ARG B 188 7.00 6.39 5.25
CA ARG B 188 7.48 7.09 4.06
C ARG B 188 7.96 6.05 3.05
N GLN B 189 8.68 6.50 2.02
CA GLN B 189 9.19 5.61 1.00
C GLN B 189 10.05 6.39 0.00
N HIS B 190 11.35 6.10 -0.05
CA HIS B 190 12.29 6.77 -0.94
C HIS B 190 13.05 5.69 -1.72
N LEU B 191 12.45 5.25 -2.83
CA LEU B 191 13.01 4.27 -3.77
C LEU B 191 12.21 2.96 -3.78
N GLY B 192 12.12 2.26 -2.65
CA GLY B 192 12.76 2.67 -1.41
C GLY B 192 11.95 2.34 -0.17
N LYS B 193 12.61 2.33 0.98
CA LYS B 193 11.94 2.02 2.24
C LYS B 193 12.34 3.01 3.32
N GLY B 194 11.35 3.50 4.07
CA GLY B 194 9.97 3.09 3.87
C GLY B 194 9.36 2.39 5.07
N HIS B 195 10.22 2.02 6.03
CA HIS B 195 9.75 1.35 7.23
C HIS B 195 8.95 2.31 8.10
N LEU B 196 8.39 1.77 9.18
CA LEU B 196 7.59 2.55 10.12
C LEU B 196 8.48 3.60 10.78
N LEU B 197 8.36 4.85 10.32
CA LEU B 197 9.18 5.92 10.88
C LEU B 197 8.76 6.23 12.32
N LEU B 198 7.47 6.47 12.54
CA LEU B 198 6.95 6.78 13.86
C LEU B 198 5.69 5.95 14.12
N ALA B 199 5.39 5.76 15.40
CA ALA B 199 4.22 4.98 15.81
C ALA B 199 4.04 5.03 17.32
N ALA B 200 3.03 5.76 17.78
CA ALA B 200 2.74 5.89 19.20
C ALA B 200 1.25 5.74 19.44
N THR B 201 0.86 5.68 20.71
CA THR B 201 -0.54 5.54 21.09
C THR B 201 -0.74 6.25 22.42
N PRO B 202 -1.05 7.55 22.38
CA PRO B 202 -1.25 8.28 23.63
C PRO B 202 -2.52 7.83 24.33
N GLY B 203 -2.42 7.70 25.65
CA GLY B 203 -3.54 7.26 26.47
C GLY B 203 -3.54 5.79 26.84
N LEU B 204 -2.69 4.99 26.20
CA LEU B 204 -2.61 3.55 26.48
C LEU B 204 -1.16 3.13 26.39
N ASN B 205 -0.57 2.80 27.54
CA ASN B 205 0.83 2.37 27.57
C ASN B 205 0.97 0.99 26.94
N GLY B 206 1.78 0.90 25.89
CA GLY B 206 2.00 -0.35 25.19
C GLY B 206 3.34 -0.35 24.50
N GLN B 207 3.67 -1.50 23.92
CA GLN B 207 4.94 -1.66 23.21
C GLN B 207 4.79 -1.12 21.80
N MET B 208 5.40 0.03 21.54
CA MET B 208 5.35 0.68 20.23
C MET B 208 6.63 0.42 19.46
N PRO B 209 6.61 0.63 18.15
CA PRO B 209 7.83 0.41 17.35
C PRO B 209 8.87 1.47 17.63
N ALA B 210 10.13 1.07 17.47
CA ALA B 210 11.24 1.99 17.70
C ALA B 210 11.26 3.07 16.64
N ALA B 211 11.43 4.32 17.07
CA ALA B 211 11.46 5.43 16.13
C ALA B 211 12.72 5.36 15.27
N GLN B 212 12.55 5.66 13.98
CA GLN B 212 13.64 5.64 13.03
C GLN B 212 14.03 7.06 12.64
N GLU B 213 15.33 7.26 12.42
CA GLU B 213 15.90 8.56 12.05
C GLU B 213 15.78 9.59 13.15
N GLY B 214 15.50 9.16 14.38
CA GLY B 214 15.38 10.09 15.49
C GLY B 214 14.26 11.09 15.34
N ALA B 215 13.19 10.72 14.63
CA ALA B 215 12.06 11.61 14.43
C ALA B 215 11.08 11.51 15.59
N VAL B 216 10.43 12.63 15.88
CA VAL B 216 9.45 12.70 16.97
C VAL B 216 8.09 13.06 16.40
N ALA B 217 7.11 13.25 17.28
CA ALA B 217 5.75 13.60 16.86
C ALA B 217 5.00 14.18 18.05
N PHE B 218 4.24 15.24 17.79
CA PHE B 218 3.46 15.91 18.82
C PHE B 218 2.04 15.35 18.90
N ALA B 219 1.93 14.04 18.87
CA ALA B 219 0.62 13.38 18.92
C ALA B 219 0.03 13.53 20.32
N ALA B 220 -1.04 14.31 20.44
CA ALA B 220 -1.69 14.54 21.71
C ALA B 220 -2.97 15.32 21.49
N TRP B 221 -3.94 15.14 22.38
CA TRP B 221 -5.21 15.83 22.27
C TRP B 221 -5.06 17.30 22.66
N ASP B 222 -5.81 18.16 21.99
CA ASP B 222 -5.73 19.59 22.28
C ASP B 222 -6.28 19.92 23.67
N ASP B 223 -7.21 19.11 24.17
CA ASP B 223 -7.80 19.34 25.48
C ASP B 223 -8.44 18.05 25.95
N ASP B 224 -8.70 18.00 27.26
CA ASP B 224 -9.32 16.83 27.89
C ASP B 224 -10.75 17.19 28.29
N GLU B 225 -11.61 17.35 27.28
CA GLU B 225 -12.99 17.69 27.51
C GLU B 225 -13.72 16.51 28.16
N PRO B 226 -14.94 16.73 28.65
CA PRO B 226 -15.69 15.64 29.29
C PRO B 226 -16.41 14.76 28.27
N TRP B 227 -17.29 15.38 27.48
CA TRP B 227 -18.03 14.65 26.46
C TRP B 227 -17.30 14.67 25.12
N GLY B 228 -17.56 15.69 24.31
CA GLY B 228 -16.92 15.81 23.02
C GLY B 228 -17.56 16.86 22.13
N PRO B 229 -17.07 17.00 20.89
CA PRO B 229 -15.97 16.17 20.38
C PRO B 229 -14.60 16.69 20.84
N TRP B 230 -13.54 16.04 20.37
CA TRP B 230 -12.18 16.43 20.71
C TRP B 230 -11.33 16.52 19.44
N THR B 231 -10.26 17.30 19.53
CA THR B 231 -9.34 17.49 18.41
C THR B 231 -7.91 17.29 18.91
N GLY B 232 -7.12 16.51 18.15
CA GLY B 232 -5.76 16.23 18.49
C GLY B 232 -4.81 16.64 17.37
N ASN B 233 -3.52 16.61 17.69
CA ASN B 233 -2.46 16.97 16.75
C ASN B 233 -1.45 15.85 16.68
N GLY B 234 -0.87 15.67 15.49
CA GLY B 234 0.11 14.63 15.27
C GLY B 234 1.18 15.02 14.28
N THR B 235 1.76 16.21 14.45
CA THR B 235 2.79 16.68 13.54
C THR B 235 4.11 15.95 13.80
N PHE B 236 4.76 15.53 12.73
CA PHE B 236 6.02 14.82 12.81
C PHE B 236 7.19 15.79 12.75
N TRP B 237 8.30 15.40 13.37
CA TRP B 237 9.51 16.21 13.42
C TRP B 237 10.69 15.35 12.98
N LEU B 238 11.31 15.74 11.86
CA LEU B 238 12.46 15.01 11.32
C LEU B 238 13.72 15.84 11.50
N PRO B 239 14.65 15.44 12.36
CA PRO B 239 15.87 16.23 12.55
C PRO B 239 16.88 15.92 11.45
N ARG B 240 17.39 16.98 10.82
CA ARG B 240 18.38 16.85 9.75
C ARG B 240 17.79 16.06 8.58
N VAL B 241 17.02 16.72 7.72
CA VAL B 241 16.41 16.08 6.56
C VAL B 241 17.44 16.01 5.45
N GLN B 242 17.70 14.80 4.96
CA GLN B 242 18.67 14.60 3.88
C GLN B 242 17.95 14.24 2.60
N PRO B 243 18.67 14.04 1.49
CA PRO B 243 17.99 13.69 0.24
C PRO B 243 17.37 12.30 0.25
N PHE B 244 17.94 11.37 1.03
CA PHE B 244 17.39 10.03 1.09
C PHE B 244 16.05 9.98 1.82
N GLN B 245 15.74 10.99 2.64
CA GLN B 245 14.49 11.01 3.38
C GLN B 245 13.33 11.60 2.55
N GLU B 246 13.63 12.33 1.49
CA GLU B 246 12.59 12.91 0.66
C GLU B 246 11.79 11.82 -0.05
N GLY B 247 10.52 12.10 -0.25
CA GLY B 247 9.62 11.17 -0.91
C GLY B 247 8.20 11.33 -0.38
N THR B 248 7.44 10.25 -0.52
CA THR B 248 6.04 10.24 -0.07
C THR B 248 5.98 9.77 1.38
N TYR B 249 5.26 10.54 2.20
CA TYR B 249 5.09 10.23 3.61
C TYR B 249 3.62 9.98 3.90
N LEU B 250 3.32 8.88 4.60
CA LEU B 250 1.96 8.50 4.93
C LEU B 250 1.75 8.69 6.43
N ALA B 251 0.70 9.42 6.79
CA ALA B 251 0.35 9.69 8.18
C ALA B 251 -1.05 9.15 8.44
N THR B 252 -1.13 8.12 9.29
CA THR B 252 -2.40 7.48 9.63
C THR B 252 -2.65 7.61 11.12
N ILE B 253 -3.91 7.82 11.48
CA ILE B 253 -4.33 7.96 12.87
C ILE B 253 -5.32 6.85 13.17
N HIS B 254 -4.97 5.96 14.09
CA HIS B 254 -5.81 4.84 14.46
C HIS B 254 -6.85 5.27 15.50
N LEU B 255 -7.99 4.60 15.47
CA LEU B 255 -9.07 4.90 16.40
C LEU B 255 -9.91 3.64 16.57
N PRO B 256 -10.82 3.62 17.55
CA PRO B 256 -11.64 2.43 17.76
C PRO B 256 -12.39 2.00 16.51
N TYR B 257 -11.85 1.03 15.79
CA TYR B 257 -12.43 0.53 14.55
C TYR B 257 -12.41 1.58 13.44
N LEU B 258 -11.50 2.55 13.53
CA LEU B 258 -11.38 3.62 12.55
C LEU B 258 -9.91 3.92 12.32
N GLN B 259 -9.65 4.74 11.30
CA GLN B 259 -8.29 5.12 10.95
C GLN B 259 -8.35 6.15 9.83
N GLY B 260 -7.40 7.09 9.85
CA GLY B 260 -7.34 8.13 8.84
C GLY B 260 -5.99 8.27 8.20
N GLN B 261 -5.92 8.09 6.89
CA GLN B 261 -4.69 8.19 6.14
C GLN B 261 -4.55 9.57 5.51
N VAL B 262 -3.30 10.00 5.30
CA VAL B 262 -3.02 11.30 4.71
C VAL B 262 -1.62 11.28 4.11
N THR B 263 -1.53 11.46 2.79
CA THR B 263 -0.25 11.46 2.10
C THR B 263 0.37 12.85 2.11
N LEU B 264 1.67 12.89 1.84
CA LEU B 264 2.40 14.15 1.81
C LEU B 264 3.62 13.99 0.90
N GLU B 265 3.90 15.02 0.12
CA GLU B 265 5.03 15.03 -0.81
C GLU B 265 6.17 15.82 -0.17
N LEU B 266 7.03 15.12 0.57
CA LEU B 266 8.16 15.75 1.23
C LEU B 266 9.30 15.91 0.23
N ALA B 267 9.68 17.15 -0.05
CA ALA B 267 10.74 17.47 -0.99
C ALA B 267 11.84 18.24 -0.27
N VAL B 268 13.09 17.98 -0.65
CA VAL B 268 14.23 18.65 -0.05
C VAL B 268 14.50 19.96 -0.79
N TYR B 269 15.26 20.84 -0.15
CA TYR B 269 15.61 22.12 -0.74
C TYR B 269 16.58 22.84 0.19
N LYS B 270 17.40 23.70 -0.39
CA LYS B 270 18.39 24.46 0.37
C LYS B 270 19.13 25.42 -0.55
N PRO B 271 19.94 26.33 0.01
CA PRO B 271 20.67 27.25 -0.85
C PRO B 271 21.66 26.51 -1.71
N PRO B 272 21.82 26.93 -2.97
CA PRO B 272 22.76 26.22 -3.85
C PRO B 272 24.10 26.94 -3.97
N LYS B 273 25.16 26.29 -3.50
CA LYS B 273 26.50 26.85 -3.60
C LYS B 273 26.89 27.05 -5.05
N VAL B 274 26.56 28.21 -5.62
CA VAL B 274 26.85 28.51 -7.03
C VAL B 274 28.32 28.89 -7.10
N SER B 275 29.18 27.88 -7.07
CA SER B 275 30.61 28.09 -7.19
C SER B 275 30.98 28.43 -8.63
N LEU B 276 32.02 29.25 -8.78
CA LEU B 276 32.49 29.71 -10.08
C LEU B 276 33.86 29.10 -10.34
N MET B 277 33.86 27.87 -10.83
CA MET B 277 35.11 27.19 -11.17
C MET B 277 35.77 27.93 -12.34
N PRO B 278 37.00 28.44 -12.17
CA PRO B 278 37.62 29.22 -13.25
C PRO B 278 36.76 30.38 -13.70
N ALA B 279 36.21 31.12 -12.74
CA ALA B 279 35.35 32.26 -13.04
C ALA B 279 36.08 33.30 -13.88
N THR B 280 37.10 33.92 -13.30
CA THR B 280 37.88 34.92 -14.02
C THR B 280 38.49 34.32 -15.28
N LEU B 281 37.93 34.65 -16.45
CA LEU B 281 38.43 34.11 -17.70
C LEU B 281 39.90 34.47 -17.89
N ALA B 282 40.66 33.52 -18.40
CA ALA B 282 42.09 33.74 -18.63
C ALA B 282 42.30 34.91 -19.59
N ARG B 283 43.32 35.71 -19.29
CA ARG B 283 43.63 36.88 -20.11
C ARG B 283 43.96 36.46 -21.54
N ALA B 284 42.93 36.15 -22.32
CA ALA B 284 43.11 35.74 -23.72
C ALA B 284 43.02 36.94 -24.64
N ALA B 285 43.91 36.98 -25.63
CA ALA B 285 43.93 38.08 -26.57
C ALA B 285 42.62 38.11 -27.38
N PRO B 286 42.35 39.22 -28.06
CA PRO B 286 41.11 39.31 -28.84
C PRO B 286 41.13 38.32 -30.00
N GLY B 287 40.11 37.46 -30.05
CA GLY B 287 39.99 36.47 -31.10
C GLY B 287 40.28 35.04 -30.65
N GLU B 288 40.76 34.85 -29.43
CA GLU B 288 41.06 33.53 -28.90
C GLU B 288 39.98 33.10 -27.91
N ALA B 289 39.58 31.84 -27.99
CA ALA B 289 38.55 31.32 -27.10
C ALA B 289 39.08 31.29 -25.67
N PRO B 290 38.37 31.87 -24.70
CA PRO B 290 38.86 31.86 -23.32
C PRO B 290 38.78 30.45 -22.74
N PRO B 291 39.23 30.28 -21.49
CA PRO B 291 39.17 28.95 -20.88
C PRO B 291 37.74 28.50 -20.65
N GLU B 292 37.58 27.18 -20.54
CA GLU B 292 36.27 26.57 -20.32
C GLU B 292 35.91 26.69 -18.84
N LEU B 293 35.13 27.70 -18.50
CA LEU B 293 34.71 27.91 -17.11
C LEU B 293 33.85 26.75 -16.65
N LEU B 294 34.13 26.23 -15.46
CA LEU B 294 33.40 25.10 -14.89
C LEU B 294 32.43 25.65 -13.84
N CYS B 295 31.18 25.82 -14.24
CA CYS B 295 30.15 26.32 -13.34
C CYS B 295 29.83 25.29 -12.27
N LEU B 296 30.39 25.48 -11.07
CA LEU B 296 30.20 24.54 -9.97
C LEU B 296 28.94 24.90 -9.20
N VAL B 297 28.38 23.91 -8.50
CA VAL B 297 27.18 24.10 -7.69
C VAL B 297 27.14 23.03 -6.61
N SER B 298 27.83 23.29 -5.50
CA SER B 298 27.91 22.35 -4.39
C SER B 298 26.79 22.64 -3.40
N HIS B 299 26.12 21.58 -2.94
CA HIS B 299 25.04 21.71 -1.99
C HIS B 299 23.87 22.49 -2.58
N PHE B 300 22.80 21.78 -2.94
CA PHE B 300 21.63 22.42 -3.53
C PHE B 300 20.49 21.41 -3.51
N TYR B 301 19.26 21.94 -3.62
CA TYR B 301 18.07 21.10 -3.62
C TYR B 301 16.82 21.94 -3.89
N PRO B 302 15.89 21.39 -4.68
CA PRO B 302 16.02 20.05 -5.26
C PRO B 302 16.63 20.09 -6.66
N SER B 303 16.88 18.91 -7.23
CA SER B 303 17.46 18.84 -8.58
C SER B 303 16.49 19.35 -9.63
N GLY B 304 15.19 19.23 -9.38
CA GLY B 304 14.19 19.69 -10.33
C GLY B 304 14.17 21.18 -10.51
N GLY B 305 14.51 21.64 -11.71
CA GLY B 305 14.54 23.05 -12.04
C GLY B 305 15.92 23.69 -11.94
N LEU B 306 16.87 23.03 -11.28
CA LEU B 306 18.22 23.56 -11.14
C LEU B 306 18.95 23.44 -12.47
N GLU B 307 18.95 24.51 -13.26
CA GLU B 307 19.60 24.53 -14.56
C GLU B 307 20.72 25.56 -14.55
N VAL B 308 21.64 25.41 -15.51
CA VAL B 308 22.78 26.30 -15.66
C VAL B 308 22.71 26.93 -17.04
N GLU B 309 22.70 28.26 -17.09
CA GLU B 309 22.63 29.01 -18.33
C GLU B 309 23.83 29.94 -18.44
N TRP B 310 24.28 30.14 -19.67
CA TRP B 310 25.43 31.00 -19.97
C TRP B 310 24.92 32.26 -20.67
N GLU B 311 25.23 33.41 -20.09
CA GLU B 311 24.83 34.70 -20.64
C GLU B 311 26.01 35.64 -20.68
N LEU B 312 25.98 36.57 -21.64
CA LEU B 312 27.04 37.57 -21.82
C LEU B 312 26.44 38.94 -21.54
N ARG B 313 26.56 39.38 -20.29
CA ARG B 313 26.03 40.69 -19.92
C ARG B 313 26.83 41.80 -20.56
N GLY B 314 26.13 42.75 -21.19
CA GLY B 314 26.79 43.85 -21.85
C GLY B 314 27.13 43.63 -23.31
N GLY B 315 26.35 42.82 -24.02
CA GLY B 315 26.59 42.55 -25.41
C GLY B 315 25.48 43.07 -26.30
N PRO B 316 25.02 42.24 -27.24
CA PRO B 316 23.94 42.70 -28.13
C PRO B 316 22.61 42.86 -27.43
N GLY B 317 22.35 42.08 -26.37
CA GLY B 317 21.10 42.16 -25.64
C GLY B 317 21.15 43.20 -24.54
N GLY B 318 20.17 43.11 -23.64
CA GLY B 318 20.07 44.03 -22.53
C GLY B 318 20.47 43.41 -21.21
N ARG B 319 19.55 42.65 -20.60
CA ARG B 319 19.84 42.02 -19.33
C ARG B 319 20.89 40.91 -19.48
N SER B 320 20.70 40.04 -20.46
CA SER B 320 21.65 38.95 -20.70
C SER B 320 21.36 38.25 -22.02
N GLN B 321 22.37 38.06 -22.84
CA GLN B 321 22.23 37.42 -24.14
C GLN B 321 22.72 35.97 -24.06
N LYS B 322 22.10 35.12 -24.88
CA LYS B 322 22.46 33.70 -24.91
C LYS B 322 23.88 33.52 -25.43
N ALA B 323 24.81 33.22 -24.54
CA ALA B 323 26.19 33.02 -24.94
C ALA B 323 26.35 31.75 -25.78
N GLU B 324 27.28 31.80 -26.72
CA GLU B 324 27.54 30.68 -27.60
C GLU B 324 28.56 29.75 -26.95
N GLY B 325 29.27 28.96 -27.75
CA GLY B 325 30.27 28.05 -27.23
C GLY B 325 29.66 26.74 -26.75
N GLN B 326 30.55 25.81 -26.40
CA GLN B 326 30.12 24.50 -25.94
C GLN B 326 29.45 24.62 -24.56
N ARG B 327 28.64 23.61 -24.24
CA ARG B 327 27.94 23.58 -22.96
C ARG B 327 27.56 22.14 -22.64
N TRP B 328 27.84 21.72 -21.42
CA TRP B 328 27.54 20.37 -20.98
C TRP B 328 27.31 20.36 -19.48
N LEU B 329 26.76 19.26 -18.98
CA LEU B 329 26.48 19.09 -17.56
C LEU B 329 27.03 17.76 -17.09
N SER B 330 27.71 17.78 -15.94
CA SER B 330 28.29 16.57 -15.38
C SER B 330 27.20 15.75 -14.68
N ALA B 331 27.61 14.59 -14.14
CA ALA B 331 26.68 13.72 -13.45
C ALA B 331 26.42 14.23 -12.03
N LEU B 332 25.26 13.84 -11.49
CA LEU B 332 24.90 14.26 -10.15
C LEU B 332 25.80 13.57 -9.12
N ARG B 333 26.37 14.37 -8.22
CA ARG B 333 27.24 13.87 -7.17
C ARG B 333 26.51 13.88 -5.84
N HIS B 334 26.48 12.72 -5.18
CA HIS B 334 25.80 12.56 -3.89
C HIS B 334 26.84 12.76 -2.80
N HIS B 335 26.92 13.98 -2.28
CA HIS B 335 27.87 14.30 -1.23
C HIS B 335 27.50 13.58 0.07
N SER B 336 28.42 13.65 1.03
CA SER B 336 28.18 13.00 2.32
C SER B 336 27.08 13.68 3.11
N ASP B 337 26.80 14.95 2.84
CA ASP B 337 25.75 15.68 3.55
C ASP B 337 24.36 15.45 2.96
N GLY B 338 24.22 14.53 2.02
CA GLY B 338 22.95 14.22 1.39
C GLY B 338 22.59 15.10 0.20
N SER B 339 22.93 16.39 0.29
CA SER B 339 22.63 17.31 -0.81
C SER B 339 23.44 16.95 -2.05
N VAL B 340 22.79 17.01 -3.20
CA VAL B 340 23.44 16.69 -4.47
C VAL B 340 24.14 17.94 -4.99
N SER B 341 25.25 17.72 -5.70
CA SER B 341 26.04 18.81 -6.27
C SER B 341 26.15 18.61 -7.78
N LEU B 342 26.09 19.71 -8.52
CA LEU B 342 26.17 19.70 -9.96
C LEU B 342 27.39 20.48 -10.42
N SER B 343 27.80 20.24 -11.67
CA SER B 343 28.96 20.91 -12.25
C SER B 343 28.77 20.94 -13.76
N GLY B 344 28.50 22.12 -14.31
CA GLY B 344 28.30 22.26 -15.73
C GLY B 344 29.47 22.91 -16.45
N HIS B 345 30.04 22.21 -17.43
CA HIS B 345 31.15 22.74 -18.19
C HIS B 345 30.66 23.72 -19.25
N LEU B 346 31.22 24.93 -19.24
CA LEU B 346 30.84 25.98 -20.17
C LEU B 346 32.08 26.40 -20.95
N GLN B 347 32.00 26.33 -22.28
CA GLN B 347 33.09 26.72 -23.16
C GLN B 347 32.70 27.95 -23.94
N PRO B 348 33.04 29.15 -23.47
CA PRO B 348 32.66 30.37 -24.20
C PRO B 348 33.36 30.45 -25.54
N PRO B 349 32.86 31.27 -26.46
CA PRO B 349 33.49 31.38 -27.77
C PRO B 349 34.76 32.22 -27.69
N PRO B 350 35.35 32.56 -28.83
CA PRO B 350 36.58 33.36 -28.81
C PRO B 350 36.28 34.82 -28.52
N VAL B 351 36.83 35.32 -27.40
CA VAL B 351 36.61 36.71 -27.03
C VAL B 351 37.43 37.63 -27.92
N THR B 352 36.96 38.86 -28.07
CA THR B 352 37.63 39.85 -28.90
C THR B 352 37.44 41.22 -28.26
N THR B 353 37.57 42.28 -29.05
CA THR B 353 37.41 43.63 -28.52
C THR B 353 35.97 43.86 -28.05
N GLU B 354 34.99 43.28 -28.76
CA GLU B 354 33.60 43.45 -28.35
C GLU B 354 33.33 42.81 -26.99
N GLN B 355 33.95 41.66 -26.73
CA GLN B 355 33.77 40.99 -25.45
C GLN B 355 34.43 41.74 -24.31
N HIS B 356 35.41 42.60 -24.60
CA HIS B 356 36.08 43.35 -23.55
C HIS B 356 35.10 44.30 -22.87
N GLY B 357 35.08 44.27 -21.53
CA GLY B 357 34.17 45.10 -20.77
C GLY B 357 32.92 44.37 -20.33
N ALA B 358 32.41 43.50 -21.20
CA ALA B 358 31.21 42.74 -20.87
C ALA B 358 31.53 41.70 -19.79
N ARG B 359 30.51 41.39 -18.98
CA ARG B 359 30.63 40.42 -17.89
C ARG B 359 29.89 39.15 -18.28
N TYR B 360 30.66 38.10 -18.58
CA TYR B 360 30.09 36.80 -18.93
C TYR B 360 29.65 36.10 -17.65
N ALA B 361 28.35 36.11 -17.39
CA ALA B 361 27.78 35.52 -16.19
C ALA B 361 27.08 34.20 -16.52
N CYS B 362 26.88 33.39 -15.48
CA CYS B 362 26.20 32.11 -15.60
C CYS B 362 25.06 32.08 -14.57
N ARG B 363 23.83 32.04 -15.07
CA ARG B 363 22.65 32.04 -14.21
C ARG B 363 22.35 30.61 -13.77
N ILE B 364 22.10 30.44 -12.47
CA ILE B 364 21.76 29.15 -11.88
C ILE B 364 20.33 29.20 -11.38
N HIS B 365 19.46 28.40 -12.00
CA HIS B 365 18.05 28.36 -11.64
C HIS B 365 17.78 27.17 -10.72
N HIS B 366 16.92 27.39 -9.72
CA HIS B 366 16.57 26.36 -8.78
C HIS B 366 15.41 26.82 -7.90
N PRO B 367 14.80 25.92 -7.11
CA PRO B 367 13.68 26.36 -6.27
C PRO B 367 14.12 27.26 -5.13
N SER B 368 15.27 26.99 -4.52
CA SER B 368 15.75 27.82 -3.42
C SER B 368 16.52 29.04 -3.91
N LEU B 369 17.08 28.98 -5.11
CA LEU B 369 17.83 30.10 -5.66
C LEU B 369 16.89 31.25 -5.96
N PRO B 370 17.43 32.42 -6.29
CA PRO B 370 16.58 33.57 -6.61
C PRO B 370 15.77 33.33 -7.86
N ALA B 371 14.75 34.19 -8.04
CA ALA B 371 13.88 34.08 -9.21
C ALA B 371 14.65 34.34 -10.50
N SER B 372 15.60 35.28 -10.46
CA SER B 372 16.40 35.60 -11.64
C SER B 372 17.55 34.62 -11.86
N GLY B 373 17.84 33.76 -10.89
CA GLY B 373 18.92 32.80 -11.04
C GLY B 373 20.26 33.34 -10.58
N ARG B 374 20.93 32.61 -9.68
CA ARG B 374 22.23 33.01 -9.17
C ARG B 374 23.27 32.88 -10.27
N SER B 375 23.58 34.00 -10.92
CA SER B 375 24.54 34.03 -12.00
C SER B 375 25.89 34.57 -11.51
N ALA B 376 26.94 34.18 -12.21
CA ALA B 376 28.31 34.60 -11.90
C ALA B 376 28.93 35.22 -13.15
N GLU B 377 29.16 36.53 -13.10
CA GLU B 377 29.73 37.25 -14.23
C GLU B 377 31.25 37.31 -14.11
N VAL B 378 31.90 37.49 -15.27
CA VAL B 378 33.36 37.59 -15.32
C VAL B 378 33.75 38.54 -16.45
N THR B 379 34.51 39.57 -16.10
CA THR B 379 34.94 40.55 -17.11
C THR B 379 35.86 39.88 -18.12
N LEU B 380 35.47 39.95 -19.39
CA LEU B 380 36.26 39.36 -20.46
C LEU B 380 37.44 40.25 -20.81
N GLU B 381 38.45 39.63 -21.43
CA GLU B 381 39.66 40.36 -21.83
C GLU B 381 39.66 40.61 -23.34
N SER C 1 -26.24 -21.76 5.62
CA SER C 1 -25.18 -22.55 6.24
C SER C 1 -25.76 -23.62 7.16
N ASP C 2 -24.89 -24.32 7.87
CA ASP C 2 -25.35 -25.35 8.79
C ASP C 2 -26.04 -24.77 10.01
N VAL C 3 -25.68 -23.55 10.40
CA VAL C 3 -26.28 -22.88 11.55
C VAL C 3 -27.57 -22.18 11.11
N LEU C 4 -28.57 -22.18 11.99
CA LEU C 4 -29.84 -21.55 11.67
C LEU C 4 -29.68 -20.04 11.63
N GLU C 5 -30.18 -19.43 10.57
CA GLU C 5 -30.11 -17.98 10.40
C GLU C 5 -31.27 -17.33 11.13
N LEU C 6 -30.99 -16.66 12.24
CA LEU C 6 -31.99 -15.99 13.05
C LEU C 6 -32.03 -14.50 12.72
N THR C 7 -33.23 -13.96 12.61
CA THR C 7 -33.45 -12.55 12.31
C THR C 7 -34.42 -11.96 13.32
N ASP C 8 -34.75 -10.68 13.13
CA ASP C 8 -35.68 -10.00 14.02
C ASP C 8 -37.13 -10.42 13.82
N ASP C 9 -37.43 -11.15 12.74
CA ASP C 9 -38.79 -11.60 12.48
C ASP C 9 -39.14 -12.89 13.21
N ASN C 10 -38.22 -13.86 13.21
CA ASN C 10 -38.46 -15.13 13.88
C ASN C 10 -37.38 -15.39 14.93
N PHE C 11 -37.12 -14.41 15.78
CA PHE C 11 -36.10 -14.55 16.82
C PHE C 11 -36.68 -15.18 18.09
N GLU C 12 -37.74 -14.58 18.63
CA GLU C 12 -38.37 -15.10 19.83
C GLU C 12 -39.30 -16.28 19.57
N SER C 13 -39.38 -16.75 18.33
CA SER C 13 -40.23 -17.88 17.97
C SER C 13 -39.47 -19.16 17.68
N ARG C 14 -38.27 -19.05 17.09
CA ARG C 14 -37.45 -20.21 16.76
C ARG C 14 -36.20 -20.30 17.64
N ILE C 15 -36.19 -19.61 18.78
CA ILE C 15 -35.05 -19.63 19.68
C ILE C 15 -35.51 -20.06 21.07
N SER C 16 -36.72 -20.62 21.15
CA SER C 16 -37.28 -21.07 22.41
C SER C 16 -36.96 -22.54 22.70
N ASP C 17 -35.88 -23.06 22.13
CA ASP C 17 -35.51 -24.45 22.35
C ASP C 17 -34.94 -24.62 23.76
N GLY C 22 -34.58 -25.87 24.09
CA GLY C 22 -34.03 -26.14 25.41
C GLY C 22 -32.67 -25.51 25.62
N LEU C 23 -31.76 -25.73 24.67
CA LEU C 23 -30.41 -25.18 24.75
C LEU C 23 -29.96 -24.83 23.33
N MET C 24 -30.07 -23.55 22.98
CA MET C 24 -29.69 -23.05 21.66
C MET C 24 -28.58 -22.03 21.82
N LEU C 25 -27.53 -22.16 21.01
CA LEU C 25 -26.40 -21.26 21.04
C LEU C 25 -26.58 -20.18 19.97
N VAL C 26 -26.59 -18.92 20.41
CA VAL C 26 -26.74 -17.78 19.52
C VAL C 26 -25.39 -17.12 19.32
N GLU C 27 -25.09 -16.75 18.07
CA GLU C 27 -23.84 -16.11 17.71
C GLU C 27 -24.18 -14.83 16.93
N PHE C 28 -24.23 -13.72 17.65
CA PHE C 28 -24.55 -12.42 17.04
C PHE C 28 -23.25 -11.72 16.64
N PHE C 29 -23.08 -11.51 15.34
CA PHE C 29 -21.89 -10.85 14.83
C PHE C 29 -22.23 -10.18 13.51
N ALA C 30 -21.23 -9.53 12.91
CA ALA C 30 -21.38 -8.83 11.65
C ALA C 30 -20.47 -9.47 10.59
N PRO C 31 -20.80 -9.28 9.31
CA PRO C 31 -19.96 -9.88 8.26
C PRO C 31 -18.64 -9.17 8.06
N TRP C 32 -18.49 -7.95 8.57
CA TRP C 32 -17.25 -7.18 8.42
C TRP C 32 -16.28 -7.39 9.57
N CYS C 33 -16.69 -8.08 10.63
CA CYS C 33 -15.81 -8.33 11.77
C CYS C 33 -14.84 -9.46 11.45
N GLY C 34 -13.56 -9.24 11.76
CA GLY C 34 -12.56 -10.27 11.49
C GLY C 34 -12.75 -11.50 12.36
N HIS C 35 -13.11 -11.30 13.63
CA HIS C 35 -13.31 -12.44 14.51
C HIS C 35 -14.46 -13.33 14.03
N CYS C 36 -15.55 -12.72 13.55
CA CYS C 36 -16.66 -13.50 13.05
C CYS C 36 -16.27 -14.31 11.82
N LYS C 37 -15.54 -13.69 10.89
CA LYS C 37 -15.11 -14.41 9.69
C LYS C 37 -14.16 -15.55 10.05
N ARG C 38 -13.23 -15.30 10.98
CA ARG C 38 -12.30 -16.34 11.40
C ARG C 38 -12.98 -17.43 12.21
N LEU C 39 -14.14 -17.14 12.80
CA LEU C 39 -14.87 -18.12 13.59
C LEU C 39 -16.01 -18.78 12.82
N ALA C 40 -16.25 -18.37 11.57
CA ALA C 40 -17.32 -18.98 10.79
C ALA C 40 -17.06 -20.46 10.52
N PRO C 41 -15.86 -20.89 10.11
CA PRO C 41 -15.66 -22.33 9.90
C PRO C 41 -15.82 -23.15 11.16
N GLU C 42 -15.25 -22.70 12.28
CA GLU C 42 -15.41 -23.43 13.54
C GLU C 42 -16.86 -23.48 13.96
N TYR C 43 -17.61 -22.38 13.76
CA TYR C 43 -19.01 -22.37 14.12
C TYR C 43 -19.81 -23.34 13.25
N GLU C 44 -19.52 -23.38 11.95
CA GLU C 44 -20.23 -24.31 11.08
C GLU C 44 -19.90 -25.76 11.42
N ALA C 45 -18.63 -26.05 11.69
CA ALA C 45 -18.25 -27.42 12.05
C ALA C 45 -18.89 -27.84 13.37
N ALA C 46 -18.90 -26.93 14.36
CA ALA C 46 -19.51 -27.25 15.64
C ALA C 46 -21.02 -27.46 15.49
N ALA C 47 -21.67 -26.62 14.68
CA ALA C 47 -23.10 -26.78 14.46
C ALA C 47 -23.42 -28.09 13.75
N THR C 48 -22.58 -28.47 12.78
CA THR C 48 -22.82 -29.72 12.06
C THR C 48 -22.55 -30.94 12.95
N ARG C 49 -21.57 -30.83 13.85
CA ARG C 49 -21.25 -31.93 14.76
C ARG C 49 -22.17 -32.00 15.97
N LEU C 50 -22.92 -30.94 16.24
CA LEU C 50 -23.84 -30.90 17.38
C LEU C 50 -25.30 -31.03 16.96
N LYS C 51 -25.56 -31.62 15.79
CA LYS C 51 -26.92 -31.78 15.32
C LYS C 51 -27.68 -32.75 16.22
N GLY C 52 -28.88 -32.35 16.64
CA GLY C 52 -29.72 -33.16 17.50
C GLY C 52 -29.52 -32.93 18.98
N ILE C 53 -28.29 -32.60 19.40
CA ILE C 53 -28.00 -32.35 20.82
C ILE C 53 -28.30 -30.90 21.14
N VAL C 54 -27.52 -29.99 20.58
CA VAL C 54 -27.70 -28.56 20.81
C VAL C 54 -27.70 -27.83 19.47
N PRO C 55 -28.65 -26.95 19.21
CA PRO C 55 -28.67 -26.23 17.93
C PRO C 55 -27.88 -24.93 17.98
N LEU C 56 -27.28 -24.60 16.84
CA LEU C 56 -26.48 -23.40 16.69
C LEU C 56 -27.15 -22.48 15.69
N ALA C 57 -27.23 -21.18 16.02
CA ALA C 57 -27.85 -20.20 15.16
C ALA C 57 -27.05 -18.90 15.23
N LYS C 58 -27.02 -18.18 14.12
CA LYS C 58 -26.31 -16.91 14.01
C LYS C 58 -27.30 -15.77 13.87
N VAL C 59 -26.82 -14.56 14.19
CA VAL C 59 -27.63 -13.35 14.12
C VAL C 59 -26.75 -12.22 13.61
N ASP C 60 -27.21 -11.54 12.56
CA ASP C 60 -26.47 -10.43 11.97
C ASP C 60 -27.00 -9.13 12.56
N CYS C 61 -26.17 -8.46 13.37
CA CYS C 61 -26.58 -7.21 13.99
C CYS C 61 -26.76 -6.11 12.95
N THR C 62 -26.06 -6.19 11.82
CA THR C 62 -26.20 -5.17 10.79
C THR C 62 -27.58 -5.20 10.15
N ALA C 63 -28.22 -6.36 10.12
CA ALA C 63 -29.55 -6.50 9.54
C ALA C 63 -30.64 -6.74 10.57
N ASN C 64 -30.30 -6.84 11.86
CA ASN C 64 -31.27 -7.08 12.93
C ASN C 64 -30.79 -6.29 14.15
N THR C 65 -31.04 -4.98 14.14
CA THR C 65 -30.64 -4.14 15.26
C THR C 65 -31.55 -4.30 16.47
N ASN C 66 -32.78 -4.75 16.27
CA ASN C 66 -33.70 -4.93 17.39
C ASN C 66 -33.27 -6.10 18.26
N THR C 67 -33.01 -7.25 17.65
CA THR C 67 -32.61 -8.43 18.41
C THR C 67 -31.25 -8.21 19.08
N CYS C 68 -30.32 -7.57 18.36
CA CYS C 68 -29.00 -7.32 18.94
C CYS C 68 -29.07 -6.30 20.07
N ASN C 69 -29.91 -5.27 19.92
CA ASN C 69 -30.03 -4.27 20.97
C ASN C 69 -30.79 -4.79 22.18
N LYS C 70 -31.70 -5.75 21.97
CA LYS C 70 -32.45 -6.30 23.10
C LYS C 70 -31.56 -7.13 24.01
N TYR C 71 -30.53 -7.78 23.46
CA TYR C 71 -29.62 -8.59 24.24
C TYR C 71 -28.37 -7.84 24.68
N GLY C 72 -28.26 -6.55 24.35
CA GLY C 72 -27.10 -5.76 24.72
C GLY C 72 -25.84 -6.20 24.03
N VAL C 73 -25.91 -6.41 22.72
CA VAL C 73 -24.75 -6.82 21.93
C VAL C 73 -23.93 -5.59 21.58
N SER C 74 -22.68 -5.57 22.02
CA SER C 74 -21.77 -4.45 21.75
C SER C 74 -20.51 -4.84 21.00
N GLY C 75 -20.23 -6.14 20.86
CA GLY C 75 -19.03 -6.58 20.16
C GLY C 75 -19.28 -7.89 19.45
N TYR C 76 -18.54 -8.11 18.38
CA TYR C 76 -18.68 -9.35 17.60
C TYR C 76 -17.36 -10.13 17.60
N PRO C 77 -17.47 -11.47 17.72
CA PRO C 77 -18.76 -12.15 17.83
C PRO C 77 -19.22 -12.31 19.28
N THR C 78 -20.53 -12.32 19.49
CA THR C 78 -21.12 -12.46 20.81
C THR C 78 -21.87 -13.79 20.87
N LEU C 79 -21.34 -14.73 21.65
CA LEU C 79 -21.93 -16.05 21.80
C LEU C 79 -22.70 -16.10 23.13
N LYS C 80 -24.02 -16.29 23.04
CA LYS C 80 -24.88 -16.36 24.21
C LYS C 80 -25.62 -17.70 24.21
N ILE C 81 -25.82 -18.23 25.42
CA ILE C 81 -26.51 -19.51 25.60
C ILE C 81 -27.96 -19.22 25.98
N PHE C 82 -28.90 -19.75 25.20
CA PHE C 82 -30.32 -19.55 25.42
C PHE C 82 -30.93 -20.87 25.90
N ARG C 83 -31.62 -20.80 27.05
CA ARG C 83 -32.27 -21.96 27.65
C ARG C 83 -33.75 -21.68 27.75
N ASP C 84 -34.56 -22.45 27.04
CA ASP C 84 -36.02 -22.30 27.02
C ASP C 84 -36.46 -20.95 26.47
N GLY C 85 -35.64 -20.34 25.61
CA GLY C 85 -35.95 -19.06 25.03
C GLY C 85 -35.49 -17.86 25.82
N GLU C 86 -34.72 -18.05 26.89
CA GLU C 86 -34.22 -16.97 27.71
C GLU C 86 -32.70 -17.02 27.77
N GLU C 87 -32.11 -15.88 28.11
CA GLU C 87 -30.65 -15.79 28.20
C GLU C 87 -30.14 -16.61 29.38
N ALA C 88 -29.07 -17.37 29.14
CA ALA C 88 -28.45 -18.21 30.15
C ALA C 88 -26.94 -17.97 30.20
N GLY C 89 -26.56 -16.69 30.24
CA GLY C 89 -25.16 -16.33 30.28
C GLY C 89 -24.45 -16.49 28.95
N ALA C 90 -23.26 -15.92 28.83
CA ALA C 90 -22.48 -16.00 27.60
C ALA C 90 -21.64 -17.28 27.59
N TYR C 91 -21.07 -17.57 26.42
CA TYR C 91 -20.22 -18.75 26.24
C TYR C 91 -18.79 -18.37 26.58
N ASP C 92 -18.33 -18.80 27.75
CA ASP C 92 -16.97 -18.50 28.21
C ASP C 92 -16.07 -19.67 27.82
N GLY C 93 -15.67 -19.68 26.55
CA GLY C 93 -14.82 -20.71 26.03
C GLY C 93 -14.08 -20.28 24.77
N PRO C 94 -13.17 -21.11 24.29
CA PRO C 94 -12.42 -20.76 23.08
C PRO C 94 -13.31 -20.78 21.85
N ARG C 95 -12.90 -20.01 20.84
CA ARG C 95 -13.64 -19.91 19.59
C ARG C 95 -13.18 -21.01 18.61
N THR C 96 -13.39 -22.25 19.04
CA THR C 96 -13.02 -23.42 18.25
C THR C 96 -14.17 -24.41 18.23
N ALA C 97 -14.13 -25.32 17.26
CA ALA C 97 -15.18 -26.33 17.14
C ALA C 97 -15.12 -27.33 18.30
N ASP C 98 -13.91 -27.73 18.70
CA ASP C 98 -13.78 -28.69 19.79
C ASP C 98 -14.26 -28.09 21.11
N GLY C 99 -13.90 -26.84 21.38
CA GLY C 99 -14.32 -26.20 22.62
C GLY C 99 -15.83 -25.99 22.68
N ILE C 100 -16.42 -25.56 21.57
CA ILE C 100 -17.87 -25.33 21.55
C ILE C 100 -18.62 -26.65 21.62
N VAL C 101 -18.07 -27.70 21.00
CA VAL C 101 -18.74 -29.00 21.02
C VAL C 101 -18.66 -29.61 22.41
N SER C 102 -17.49 -29.51 23.06
CA SER C 102 -17.35 -30.06 24.40
C SER C 102 -18.17 -29.28 25.43
N HIS C 103 -18.11 -27.95 25.36
CA HIS C 103 -18.86 -27.13 26.29
C HIS C 103 -20.36 -27.32 26.10
N LEU C 104 -20.83 -27.29 24.85
CA LEU C 104 -22.24 -27.48 24.58
C LEU C 104 -22.71 -28.88 24.96
N LYS C 105 -21.85 -29.89 24.77
CA LYS C 105 -22.23 -31.25 25.12
C LYS C 105 -22.30 -31.43 26.63
N LYS C 106 -21.36 -30.82 27.36
CA LYS C 106 -21.37 -30.95 28.82
C LYS C 106 -22.48 -30.11 29.44
N GLN C 107 -22.89 -29.02 28.78
CA GLN C 107 -23.94 -28.15 29.28
C GLN C 107 -25.30 -28.44 28.67
N ALA C 108 -25.40 -29.48 27.83
CA ALA C 108 -26.69 -29.80 27.20
C ALA C 108 -27.69 -30.33 28.22
N GLY C 109 -27.22 -31.06 29.23
CA GLY C 109 -28.10 -31.60 30.25
C GLY C 109 -27.78 -33.04 30.61
N PRO C 110 -27.79 -33.36 31.91
CA PRO C 110 -28.09 -32.37 32.96
C PRO C 110 -26.82 -31.84 33.64
N ALA C 111 -27.00 -31.13 34.74
CA ALA C 111 -25.84 -30.59 35.46
C ALA C 111 -24.96 -31.69 36.02
N SER C 112 -25.55 -32.83 36.38
CA SER C 112 -24.82 -33.96 36.93
C SER C 112 -25.10 -35.18 36.06
N VAL C 113 -24.10 -35.62 35.30
CA VAL C 113 -24.24 -36.77 34.41
C VAL C 113 -24.50 -38.01 35.26
N PRO C 114 -25.65 -38.67 35.09
CA PRO C 114 -25.92 -39.86 35.90
C PRO C 114 -25.38 -41.13 35.25
N LEU C 115 -24.56 -41.87 35.99
CA LEU C 115 -23.97 -43.11 35.49
C LEU C 115 -24.85 -44.29 35.87
N ARG C 116 -25.23 -45.09 34.87
CA ARG C 116 -26.07 -46.26 35.10
C ARG C 116 -25.31 -47.56 35.08
N GLU C 118 -20.97 -49.44 34.83
CA GLU C 118 -19.55 -49.21 35.01
C GLU C 118 -18.90 -48.63 33.75
N GLU C 119 -19.41 -49.00 32.57
CA GLU C 119 -18.85 -48.46 31.33
C GLU C 119 -19.04 -46.96 31.23
N GLU C 120 -20.21 -46.46 31.64
CA GLU C 120 -20.46 -45.03 31.59
C GLU C 120 -19.55 -44.27 32.55
N PHE C 121 -19.34 -44.82 33.76
CA PHE C 121 -18.47 -44.16 34.72
C PHE C 121 -17.02 -44.17 34.25
N LYS C 122 -16.56 -45.30 33.72
CA LYS C 122 -15.18 -45.38 33.24
C LYS C 122 -14.97 -44.47 32.05
N LYS C 123 -15.97 -44.35 31.17
CA LYS C 123 -15.83 -43.48 30.01
C LYS C 123 -15.95 -42.00 30.40
N PHE C 124 -16.66 -41.71 31.49
CA PHE C 124 -16.81 -40.32 31.92
C PHE C 124 -15.65 -39.86 32.78
N ILE C 125 -14.94 -40.79 33.43
CA ILE C 125 -13.81 -40.44 34.27
C ILE C 125 -12.53 -40.54 33.46
N SER C 126 -12.67 -40.72 32.14
CA SER C 126 -11.53 -40.83 31.23
C SER C 126 -11.36 -39.58 30.38
N ASP C 127 -11.91 -38.45 30.81
CA ASP C 127 -11.80 -37.22 30.05
C ASP C 127 -10.47 -36.52 30.37
N LYS C 128 -10.18 -35.47 29.60
CA LYS C 128 -8.95 -34.72 29.80
C LYS C 128 -8.99 -33.81 31.02
N ASP C 129 -10.19 -33.48 31.50
CA ASP C 129 -10.35 -32.62 32.66
C ASP C 129 -10.77 -33.44 33.87
N ALA C 130 -10.88 -32.77 35.01
CA ALA C 130 -11.27 -33.44 36.25
C ALA C 130 -12.72 -33.92 36.16
N SER C 131 -13.11 -34.73 37.13
CA SER C 131 -14.46 -35.28 37.20
C SER C 131 -14.86 -35.42 38.65
N ILE C 132 -16.01 -34.84 39.01
CA ILE C 132 -16.52 -34.89 40.37
C ILE C 132 -17.67 -35.88 40.44
N VAL C 133 -17.36 -37.16 40.62
CA VAL C 133 -18.37 -38.21 40.71
C VAL C 133 -18.96 -38.22 42.10
N GLY C 134 -20.25 -38.52 42.19
CA GLY C 134 -20.94 -38.57 43.47
C GLY C 134 -21.70 -39.86 43.70
N PHE C 135 -21.28 -40.64 44.68
CA PHE C 135 -21.90 -41.91 45.01
C PHE C 135 -23.03 -41.67 46.01
N PHE C 136 -24.20 -42.24 45.74
CA PHE C 136 -25.35 -42.09 46.62
C PHE C 136 -26.31 -43.25 46.35
N ASP C 137 -26.54 -44.08 47.36
CA ASP C 137 -27.43 -45.23 47.22
C ASP C 137 -28.88 -44.89 47.52
N ASP C 138 -29.15 -43.75 48.17
CA ASP C 138 -30.50 -43.34 48.51
C ASP C 138 -30.97 -42.26 47.53
N SER C 139 -32.19 -42.43 47.01
CA SER C 139 -32.74 -41.47 46.06
C SER C 139 -33.32 -40.24 46.75
N PHE C 140 -33.60 -40.32 48.04
CA PHE C 140 -34.17 -39.22 48.80
C PHE C 140 -33.23 -38.77 49.92
N SER C 141 -31.94 -38.73 49.63
CA SER C 141 -30.94 -38.33 50.60
C SER C 141 -30.57 -36.86 50.42
N GLU C 142 -30.33 -36.17 51.53
CA GLU C 142 -29.99 -34.75 51.46
C GLU C 142 -28.64 -34.54 50.76
N ALA C 143 -27.73 -35.50 50.89
CA ALA C 143 -26.43 -35.38 50.24
C ALA C 143 -26.58 -35.30 48.72
N HIS C 144 -27.49 -36.09 48.15
CA HIS C 144 -27.72 -36.05 46.72
C HIS C 144 -28.26 -34.69 46.28
N SER C 145 -29.18 -34.12 47.07
CA SER C 145 -29.72 -32.82 46.72
C SER C 145 -28.65 -31.74 46.81
N GLU C 146 -27.81 -31.78 47.86
CA GLU C 146 -26.74 -30.80 47.99
C GLU C 146 -25.75 -30.93 46.84
N PHE C 147 -25.38 -32.15 46.48
CA PHE C 147 -24.46 -32.35 45.35
C PHE C 147 -25.08 -31.85 44.05
N LEU C 148 -26.39 -32.05 43.88
CA LEU C 148 -27.06 -31.56 42.68
C LEU C 148 -27.05 -30.04 42.63
N LYS C 149 -27.32 -29.38 43.75
CA LYS C 149 -27.31 -27.93 43.78
C LYS C 149 -25.91 -27.39 43.51
N ALA C 150 -24.89 -28.00 44.12
CA ALA C 150 -23.51 -27.56 43.88
C ALA C 150 -23.12 -27.76 42.43
N ALA C 151 -23.54 -28.88 41.82
CA ALA C 151 -23.24 -29.12 40.42
C ALA C 151 -23.94 -28.12 39.52
N SER C 152 -25.19 -27.79 39.83
CA SER C 152 -25.92 -26.80 39.03
C SER C 152 -25.36 -25.40 39.21
N ASN C 153 -24.75 -25.11 40.35
CA ASN C 153 -24.17 -23.80 40.61
C ASN C 153 -22.75 -23.68 40.07
N LEU C 154 -22.05 -24.79 39.89
CA LEU C 154 -20.69 -24.81 39.38
C LEU C 154 -20.57 -25.70 38.14
N ARG C 155 -21.61 -25.68 37.30
CA ARG C 155 -21.61 -26.49 36.09
C ARG C 155 -20.82 -25.85 34.95
N ASP C 156 -20.59 -24.55 35.00
CA ASP C 156 -19.85 -23.85 33.97
C ASP C 156 -18.34 -23.91 34.16
N ASN C 157 -17.86 -24.60 35.19
CA ASN C 157 -16.43 -24.72 35.45
C ASN C 157 -15.98 -26.13 35.77
N TYR C 158 -16.86 -27.03 36.20
CA TYR C 158 -16.50 -28.40 36.54
C TYR C 158 -17.50 -29.36 35.92
N ARG C 159 -17.07 -30.61 35.77
CA ARG C 159 -17.91 -31.66 35.19
C ARG C 159 -18.43 -32.54 36.32
N PHE C 160 -19.72 -32.41 36.61
CA PHE C 160 -20.35 -33.20 37.66
C PHE C 160 -20.91 -34.51 37.11
N ALA C 161 -21.05 -35.49 38.00
CA ALA C 161 -21.57 -36.79 37.62
C ALA C 161 -21.93 -37.56 38.88
N HIS C 162 -23.01 -38.33 38.81
CA HIS C 162 -23.46 -39.13 39.94
C HIS C 162 -23.92 -40.50 39.44
N THR C 163 -23.96 -41.45 40.35
CA THR C 163 -24.38 -42.81 40.02
C THR C 163 -24.86 -43.50 41.29
N ASN C 164 -25.76 -44.47 41.12
CA ASN C 164 -26.32 -45.23 42.22
C ASN C 164 -26.01 -46.72 42.10
N VAL C 165 -25.00 -47.09 41.32
CA VAL C 165 -24.65 -48.50 41.16
C VAL C 165 -24.09 -49.04 42.47
N GLU C 166 -24.44 -50.29 42.78
CA GLU C 166 -23.95 -50.89 44.02
C GLU C 166 -22.44 -51.12 43.98
N SER C 167 -21.88 -51.34 42.79
CA SER C 167 -20.44 -51.57 42.68
C SER C 167 -19.67 -50.26 42.87
N LEU C 168 -20.06 -49.20 42.16
CA LEU C 168 -19.37 -47.93 42.28
C LEU C 168 -19.64 -47.30 43.65
N VAL C 169 -20.88 -47.36 44.13
CA VAL C 169 -21.20 -46.78 45.43
C VAL C 169 -20.57 -47.60 46.56
N ASN C 170 -20.41 -48.91 46.37
CA ASN C 170 -19.82 -49.74 47.41
C ASN C 170 -18.30 -49.67 47.40
N GLU C 171 -17.69 -49.38 46.25
CA GLU C 171 -16.25 -49.29 46.14
C GLU C 171 -15.72 -47.86 46.28
N TYR C 172 -16.60 -46.86 46.23
CA TYR C 172 -16.20 -45.47 46.36
C TYR C 172 -16.60 -44.85 47.70
N ASP C 173 -17.26 -45.61 48.57
CA ASP C 173 -17.69 -45.10 49.86
C ASP C 173 -18.22 -46.27 50.68
N ASP C 174 -18.39 -46.02 51.98
CA ASP C 174 -18.89 -47.04 52.90
C ASP C 174 -20.25 -46.71 53.49
N ASN C 175 -20.58 -45.44 53.67
CA ASN C 175 -21.86 -45.03 54.23
C ASN C 175 -22.95 -44.86 53.18
N GLY C 176 -22.64 -45.13 51.91
CA GLY C 176 -23.62 -44.98 50.85
C GLY C 176 -23.77 -43.57 50.31
N GLU C 177 -22.85 -42.67 50.61
CA GLU C 177 -22.94 -41.30 50.13
C GLU C 177 -21.58 -40.65 50.27
N GLY C 178 -21.00 -40.23 49.14
CA GLY C 178 -19.69 -39.59 49.16
C GLY C 178 -19.41 -38.89 47.85
N ILE C 179 -18.37 -38.07 47.86
CA ILE C 179 -17.95 -37.31 46.69
C ILE C 179 -16.49 -37.67 46.40
N ILE C 180 -16.23 -38.09 45.16
CA ILE C 180 -14.89 -38.48 44.71
C ILE C 180 -14.50 -37.56 43.57
N LEU C 181 -13.30 -36.98 43.66
CA LEU C 181 -12.77 -36.07 42.65
C LEU C 181 -11.60 -36.76 41.95
N PHE C 182 -11.80 -37.18 40.71
CA PHE C 182 -10.79 -37.86 39.92
C PHE C 182 -10.15 -36.86 38.98
N ARG C 183 -8.83 -36.72 39.05
CA ARG C 183 -8.08 -35.80 38.20
C ARG C 183 -7.83 -36.45 36.85
N PRO C 184 -7.08 -35.78 35.97
CA PRO C 184 -6.81 -36.36 34.65
C PRO C 184 -5.85 -37.54 34.77
N SER C 185 -6.20 -38.63 34.08
CA SER C 185 -5.36 -39.83 34.12
C SER C 185 -4.01 -39.59 33.46
N HIS C 186 -3.95 -38.70 32.47
CA HIS C 186 -2.68 -38.41 31.80
C HIS C 186 -1.72 -37.62 32.67
N LEU C 187 -2.23 -36.95 33.71
CA LEU C 187 -1.40 -36.16 34.61
C LEU C 187 -1.09 -36.89 35.92
N THR C 188 -1.34 -38.20 35.97
CA THR C 188 -1.07 -38.96 37.18
C THR C 188 0.44 -39.07 37.42
N ASN C 189 0.85 -38.81 38.65
CA ASN C 189 2.26 -38.87 39.02
C ASN C 189 2.39 -39.52 40.39
N LYS C 190 3.62 -39.80 40.78
CA LYS C 190 3.92 -40.42 42.07
C LYS C 190 4.07 -39.40 43.19
N PHE C 191 3.72 -38.14 42.95
CA PHE C 191 3.83 -37.10 43.96
C PHE C 191 2.50 -36.78 44.65
N GLU C 192 1.38 -37.26 44.12
CA GLU C 192 0.09 -37.00 44.71
C GLU C 192 -0.92 -38.02 44.18
N ASP C 193 -1.94 -38.29 44.98
CA ASP C 193 -2.97 -39.25 44.58
C ASP C 193 -3.78 -38.72 43.39
N LYS C 194 -4.27 -39.64 42.58
CA LYS C 194 -5.06 -39.28 41.41
C LYS C 194 -6.52 -39.00 41.75
N THR C 195 -6.94 -39.22 42.99
CA THR C 195 -8.32 -38.97 43.40
C THR C 195 -8.33 -38.43 44.83
N VAL C 196 -9.28 -37.54 45.09
CA VAL C 196 -9.44 -36.92 46.40
C VAL C 196 -10.88 -37.13 46.85
N ALA C 197 -11.05 -37.73 48.02
CA ALA C 197 -12.36 -38.01 48.58
C ALA C 197 -12.71 -36.96 49.64
N TYR C 198 -13.99 -36.60 49.68
CA TYR C 198 -14.45 -35.61 50.64
C TYR C 198 -14.55 -36.22 52.03
N THR C 199 -13.90 -35.59 53.01
CA THR C 199 -13.91 -36.07 54.39
C THR C 199 -14.80 -35.22 55.29
N GLU C 200 -15.56 -34.29 54.74
CA GLU C 200 -16.43 -33.45 55.55
C GLU C 200 -17.57 -34.28 56.13
N GLN C 201 -17.94 -33.95 57.38
CA GLN C 201 -19.02 -34.68 58.03
C GLN C 201 -20.36 -34.41 57.36
N LYS C 202 -20.70 -33.14 57.13
CA LYS C 202 -21.94 -32.76 56.49
C LYS C 202 -21.70 -32.46 55.02
N MET C 203 -22.68 -32.81 54.19
CA MET C 203 -22.60 -32.59 52.74
C MET C 203 -23.45 -31.37 52.40
N THR C 204 -22.80 -30.29 51.98
CA THR C 204 -23.48 -29.06 51.60
C THR C 204 -22.91 -28.53 50.29
N SER C 205 -23.65 -27.61 49.68
CA SER C 205 -23.20 -27.03 48.42
C SER C 205 -21.95 -26.18 48.60
N GLY C 206 -21.92 -25.38 49.67
CA GLY C 206 -20.75 -24.54 49.90
C GLY C 206 -19.50 -25.35 50.17
N LYS C 207 -19.62 -26.37 51.02
CA LYS C 207 -18.46 -27.22 51.32
C LYS C 207 -17.99 -27.97 50.09
N ILE C 208 -18.93 -28.45 49.27
CA ILE C 208 -18.56 -29.17 48.06
C ILE C 208 -17.86 -28.23 47.08
N LYS C 209 -18.33 -26.99 46.99
CA LYS C 209 -17.71 -26.02 46.09
C LYS C 209 -16.32 -25.64 46.57
N LYS C 210 -16.15 -25.47 47.88
CA LYS C 210 -14.83 -25.12 48.41
C LYS C 210 -13.85 -26.28 48.23
N PHE C 211 -14.27 -27.49 48.55
CA PHE C 211 -13.39 -28.64 48.40
C PHE C 211 -13.04 -28.87 46.93
N ILE C 212 -14.03 -28.70 46.04
CA ILE C 212 -13.76 -28.89 44.61
C ILE C 212 -12.81 -27.82 44.11
N GLN C 213 -12.97 -26.58 44.58
CA GLN C 213 -12.10 -25.49 44.17
C GLN C 213 -10.74 -25.53 44.86
N GLU C 214 -10.57 -26.39 45.86
CA GLU C 214 -9.31 -26.50 46.59
C GLU C 214 -8.63 -27.85 46.38
N ASN C 215 -9.23 -28.74 45.59
CA ASN C 215 -8.63 -30.05 45.35
C ASN C 215 -8.77 -30.53 43.92
N ILE C 216 -9.36 -29.74 43.02
CA ILE C 216 -9.51 -30.17 41.63
C ILE C 216 -8.16 -30.13 40.92
N PHE C 217 -7.41 -29.04 41.08
CA PHE C 217 -6.11 -28.94 40.43
C PHE C 217 -5.03 -29.72 41.15
N GLY C 218 -5.15 -29.86 42.47
CA GLY C 218 -4.15 -30.59 43.23
C GLY C 218 -2.87 -29.81 43.37
N ILE C 219 -1.74 -30.50 43.23
CA ILE C 219 -0.44 -29.83 43.34
C ILE C 219 -0.20 -28.91 42.16
N CYS C 220 -0.49 -29.39 40.95
CA CYS C 220 -0.31 -28.60 39.75
C CYS C 220 -1.11 -29.20 38.59
N PRO C 221 -2.18 -28.56 38.15
CA PRO C 221 -2.98 -29.09 37.05
C PRO C 221 -2.54 -28.51 35.71
N HIS C 222 -3.12 -29.08 34.64
CA HIS C 222 -2.82 -28.64 33.28
C HIS C 222 -3.58 -27.36 33.01
N MET C 223 -2.90 -26.23 33.13
CA MET C 223 -3.52 -24.92 32.89
C MET C 223 -3.83 -24.77 31.41
N THR C 224 -5.10 -24.90 31.07
CA THR C 224 -5.58 -24.79 29.69
C THR C 224 -6.51 -23.59 29.57
N GLU C 225 -7.02 -23.37 28.34
CA GLU C 225 -7.92 -22.26 28.09
C GLU C 225 -9.31 -22.49 28.66
N ASP C 226 -9.65 -23.72 29.05
CA ASP C 226 -10.97 -24.01 29.60
C ASP C 226 -11.00 -23.93 31.12
N ASN C 227 -9.86 -24.13 31.78
CA ASN C 227 -9.78 -24.08 33.23
C ASN C 227 -8.81 -23.00 33.72
N LYS C 228 -8.45 -22.05 32.85
CA LYS C 228 -7.53 -20.99 33.25
C LYS C 228 -8.17 -20.04 34.24
N ASP C 229 -9.48 -19.82 34.15
CA ASP C 229 -10.15 -18.92 35.07
C ASP C 229 -10.28 -19.51 36.46
N LEU C 230 -10.17 -20.82 36.61
CA LEU C 230 -10.28 -21.48 37.91
C LEU C 230 -8.93 -21.70 38.58
N ILE C 231 -7.83 -21.49 37.87
CA ILE C 231 -6.49 -21.67 38.43
C ILE C 231 -5.82 -20.34 38.74
N GLN C 232 -6.04 -19.33 37.89
CA GLN C 232 -5.44 -18.03 38.11
C GLN C 232 -6.24 -17.23 39.15
N GLY C 233 -5.57 -16.25 39.74
CA GLY C 233 -6.21 -15.41 40.74
C GLY C 233 -5.35 -15.21 41.97
N LYS C 234 -4.92 -16.31 42.59
CA LYS C 234 -4.09 -16.26 43.78
C LYS C 234 -2.62 -16.48 43.39
N ASP C 235 -1.78 -16.69 44.40
CA ASP C 235 -0.35 -16.90 44.18
C ASP C 235 -0.16 -18.25 43.50
N LEU C 236 -0.04 -18.23 42.17
CA LEU C 236 0.14 -19.44 41.37
C LEU C 236 1.50 -19.39 40.68
N LEU C 237 2.11 -20.56 40.55
CA LEU C 237 3.42 -20.72 39.90
C LEU C 237 3.22 -21.45 38.58
N ILE C 238 3.19 -20.70 37.49
CA ILE C 238 3.00 -21.26 36.16
C ILE C 238 4.35 -21.66 35.59
N ALA C 239 4.36 -22.74 34.81
CA ALA C 239 5.57 -23.26 34.17
C ALA C 239 5.28 -23.44 32.69
N TYR C 240 5.70 -22.46 31.88
CA TYR C 240 5.47 -22.53 30.45
C TYR C 240 6.48 -23.47 29.79
N TYR C 241 5.99 -24.28 28.85
CA TYR C 241 6.83 -25.24 28.14
C TYR C 241 5.97 -25.82 27.01
N ASP C 242 6.45 -26.94 26.43
CA ASP C 242 5.74 -27.62 25.35
C ASP C 242 4.69 -28.56 25.94
N VAL C 243 3.68 -27.96 26.57
CA VAL C 243 2.60 -28.70 27.20
C VAL C 243 1.65 -29.17 26.09
N ASP C 244 1.64 -30.48 25.83
CA ASP C 244 0.78 -31.05 24.81
C ASP C 244 0.81 -32.57 24.86
N TYR C 245 -0.05 -33.16 25.69
CA TYR C 245 -0.10 -34.61 25.82
C TYR C 245 -0.62 -35.31 24.58
N GLU C 246 -1.20 -34.57 23.63
CA GLU C 246 -1.71 -35.19 22.41
C GLU C 246 -0.58 -35.78 21.58
N LYS C 247 0.42 -34.98 21.27
CA LYS C 247 1.57 -35.42 20.47
C LYS C 247 2.89 -35.21 21.20
N ASN C 248 2.86 -35.15 22.53
CA ASN C 248 4.08 -34.96 23.31
C ASN C 248 3.79 -35.11 24.80
N ALA C 249 3.36 -36.31 25.20
CA ALA C 249 3.07 -36.57 26.61
C ALA C 249 4.30 -36.98 27.41
N LYS C 250 5.31 -37.54 26.74
CA LYS C 250 6.53 -37.94 27.45
C LYS C 250 7.23 -36.74 28.06
N GLY C 251 7.48 -35.71 27.25
CA GLY C 251 8.14 -34.52 27.77
C GLY C 251 7.31 -33.80 28.81
N SER C 252 6.00 -33.68 28.57
CA SER C 252 5.13 -33.03 29.55
C SER C 252 5.16 -33.77 30.88
N ASN C 253 5.17 -35.11 30.85
CA ASN C 253 5.23 -35.86 32.09
C ASN C 253 6.60 -35.74 32.74
N TYR C 254 7.66 -35.59 31.95
CA TYR C 254 9.00 -35.43 32.52
C TYR C 254 9.13 -34.10 33.24
N TRP C 255 8.77 -33.00 32.56
CA TRP C 255 8.85 -31.69 33.19
C TRP C 255 7.88 -31.60 34.37
N ARG C 256 6.66 -32.11 34.20
CA ARG C 256 5.70 -32.07 35.29
C ARG C 256 6.16 -32.93 36.46
N ASN C 257 6.98 -33.95 36.21
CA ASN C 257 7.49 -34.78 37.29
C ASN C 257 8.46 -34.00 38.17
N ARG C 258 9.31 -33.17 37.55
CA ARG C 258 10.24 -32.36 38.33
C ARG C 258 9.55 -31.17 38.98
N VAL C 259 8.68 -30.48 38.24
CA VAL C 259 7.95 -29.35 38.81
C VAL C 259 7.12 -29.82 40.00
N MET C 260 6.38 -30.91 39.83
CA MET C 260 5.59 -31.45 40.94
C MET C 260 6.47 -32.04 42.01
N MET C 261 7.67 -32.50 41.65
CA MET C 261 8.58 -33.05 42.65
C MET C 261 9.10 -31.96 43.58
N VAL C 262 9.42 -30.79 43.04
CA VAL C 262 9.88 -29.68 43.88
C VAL C 262 8.71 -29.04 44.60
N ALA C 263 7.58 -28.86 43.92
CA ALA C 263 6.41 -28.27 44.56
C ALA C 263 5.90 -29.13 45.70
N LYS C 264 6.01 -30.45 45.58
CA LYS C 264 5.57 -31.33 46.65
C LYS C 264 6.42 -31.15 47.90
N LYS C 265 7.75 -31.10 47.73
CA LYS C 265 8.63 -30.90 48.88
C LYS C 265 8.49 -29.49 49.45
N PHE C 266 8.18 -28.51 48.61
CA PHE C 266 8.01 -27.14 49.09
C PHE C 266 6.67 -26.95 49.78
N LEU C 267 5.68 -27.78 49.47
CA LEU C 267 4.36 -27.66 50.08
C LEU C 267 4.20 -28.54 51.32
N ASP C 268 4.91 -29.67 51.37
CA ASP C 268 4.82 -30.55 52.53
C ASP C 268 5.38 -29.91 53.79
N ALA C 269 6.27 -28.93 53.66
CA ALA C 269 6.85 -28.27 54.81
C ALA C 269 5.94 -27.20 55.41
N GLY C 270 4.86 -26.84 54.73
CA GLY C 270 3.93 -25.84 55.22
C GLY C 270 3.82 -24.60 54.36
N HIS C 271 4.59 -24.48 53.28
CA HIS C 271 4.49 -23.31 52.42
C HIS C 271 3.18 -23.29 51.67
N LYS C 272 2.59 -22.11 51.53
CA LYS C 272 1.33 -21.92 50.83
C LYS C 272 1.62 -21.30 49.47
N LEU C 273 1.45 -22.09 48.41
CA LEU C 273 1.69 -21.62 47.05
C LEU C 273 1.19 -22.62 46.03
N ASN C 274 0.40 -22.16 45.06
CA ASN C 274 -0.13 -23.04 44.03
C ASN C 274 0.88 -23.21 42.90
N PHE C 275 0.65 -24.24 42.09
CA PHE C 275 1.53 -24.55 40.97
C PHE C 275 0.69 -25.06 39.81
N ALA C 276 1.23 -24.90 38.60
CA ALA C 276 0.54 -25.34 37.39
C ALA C 276 1.46 -25.14 36.20
N VAL C 277 1.39 -26.06 35.23
CA VAL C 277 2.21 -26.03 34.04
C VAL C 277 1.34 -25.65 32.85
N ALA C 278 1.82 -24.71 32.03
CA ALA C 278 1.09 -24.25 30.86
C ALA C 278 2.01 -24.31 29.64
N SER C 279 1.39 -24.29 28.47
CA SER C 279 2.13 -24.36 27.21
C SER C 279 2.57 -22.96 26.79
N ARG C 280 3.78 -22.87 26.21
CA ARG C 280 4.30 -21.60 25.76
C ARG C 280 3.55 -21.04 24.56
N LYS C 281 2.83 -21.90 23.83
CA LYS C 281 2.09 -21.46 22.66
C LYS C 281 0.66 -21.03 23.00
N THR C 282 -0.03 -21.80 23.85
CA THR C 282 -1.39 -21.44 24.23
C THR C 282 -1.42 -20.16 25.05
N PHE C 283 -0.43 -19.96 25.91
CA PHE C 283 -0.33 -18.78 26.77
C PHE C 283 0.85 -17.90 26.37
N SER C 284 1.12 -17.80 25.06
CA SER C 284 2.24 -16.97 24.61
C SER C 284 1.98 -15.50 24.85
N HIS C 285 0.73 -15.07 24.85
CA HIS C 285 0.41 -13.66 25.08
C HIS C 285 0.70 -13.24 26.52
N GLU C 286 0.72 -14.18 27.46
CA GLU C 286 0.99 -13.86 28.86
C GLU C 286 2.47 -13.89 29.21
N LEU C 287 3.31 -14.43 28.33
CA LEU C 287 4.74 -14.48 28.61
C LEU C 287 5.38 -13.09 28.65
N SER C 288 4.81 -12.12 27.94
CA SER C 288 5.37 -10.78 27.93
C SER C 288 5.24 -10.08 29.27
N ASP C 289 4.28 -10.50 30.10
CA ASP C 289 4.10 -9.87 31.41
C ASP C 289 5.24 -10.20 32.37
N PHE C 290 5.96 -11.28 32.13
CA PHE C 290 7.08 -11.68 32.98
C PHE C 290 8.44 -11.49 32.32
N GLY C 291 8.48 -10.91 31.12
CA GLY C 291 9.74 -10.68 30.45
C GLY C 291 10.30 -11.89 29.72
N LEU C 292 9.46 -12.84 29.36
CA LEU C 292 9.88 -14.04 28.67
C LEU C 292 9.41 -14.01 27.21
N GLU C 293 10.22 -14.58 26.32
CA GLU C 293 9.92 -14.64 24.91
C GLU C 293 9.64 -16.07 24.49
N SER C 294 8.84 -16.23 23.43
CA SER C 294 8.48 -17.54 22.91
C SER C 294 9.71 -18.14 22.22
N THR C 295 10.56 -18.79 23.02
CA THR C 295 11.77 -19.40 22.49
C THR C 295 11.47 -20.65 21.68
N ALA C 296 10.31 -21.26 21.87
CA ALA C 296 9.93 -22.46 21.14
C ALA C 296 10.88 -23.63 21.42
N GLY C 297 11.44 -23.67 22.63
CA GLY C 297 12.36 -24.71 23.02
C GLY C 297 11.75 -25.69 24.01
N GLU C 298 12.62 -26.56 24.54
CA GLU C 298 12.20 -27.56 25.50
C GLU C 298 12.37 -27.12 26.95
N ILE C 299 13.25 -26.15 27.21
CA ILE C 299 13.48 -25.66 28.58
C ILE C 299 12.25 -24.91 29.04
N PRO C 300 11.66 -25.26 30.18
CA PRO C 300 10.48 -24.54 30.66
C PRO C 300 10.85 -23.31 31.47
N VAL C 301 10.02 -22.28 31.34
CA VAL C 301 10.22 -21.01 32.02
C VAL C 301 9.23 -20.95 33.18
N VAL C 302 9.73 -20.70 34.38
CA VAL C 302 8.91 -20.61 35.58
C VAL C 302 8.56 -19.15 35.84
N ALA C 303 7.32 -18.90 36.24
CA ALA C 303 6.85 -17.55 36.53
C ALA C 303 5.81 -17.62 37.64
N ILE C 304 6.09 -16.94 38.75
CA ILE C 304 5.19 -16.92 39.90
C ILE C 304 4.43 -15.59 39.90
N ARG C 305 3.12 -15.67 40.13
CA ARG C 305 2.25 -14.50 40.16
C ARG C 305 1.42 -14.54 41.42
N THR C 306 1.60 -13.55 42.30
CA THR C 306 0.86 -13.50 43.55
C THR C 306 -0.58 -13.07 43.29
N ALA C 307 -1.41 -13.19 44.33
CA ALA C 307 -2.81 -12.80 44.21
C ALA C 307 -2.97 -11.29 44.10
N LYS C 308 -2.05 -10.53 44.69
CA LYS C 308 -2.14 -9.07 44.63
C LYS C 308 -1.77 -8.55 43.24
N GLY C 309 -0.61 -8.96 42.74
CA GLY C 309 -0.17 -8.53 41.43
C GLY C 309 1.33 -8.61 41.25
N GLU C 310 2.03 -9.10 42.27
CA GLU C 310 3.48 -9.23 42.19
C GLU C 310 3.86 -10.32 41.18
N LYS C 311 4.95 -10.07 40.46
CA LYS C 311 5.45 -11.01 39.45
C LYS C 311 6.90 -11.34 39.76
N PHE C 312 7.21 -12.63 39.85
CA PHE C 312 8.56 -13.11 40.15
C PHE C 312 8.96 -14.09 39.06
N VAL C 313 9.95 -13.72 38.25
CA VAL C 313 10.46 -14.55 37.17
C VAL C 313 11.77 -15.18 37.59
N MET C 314 11.95 -16.45 37.27
CA MET C 314 13.17 -17.17 37.61
C MET C 314 14.26 -16.85 36.59
N GLN C 315 15.34 -16.22 37.04
CA GLN C 315 16.43 -15.88 36.13
C GLN C 315 17.28 -17.10 35.78
N GLU C 316 17.52 -17.97 36.76
CA GLU C 316 18.32 -19.17 36.50
C GLU C 316 17.58 -20.13 35.59
N GLU C 317 18.33 -20.82 34.74
CA GLU C 317 17.73 -21.77 33.82
C GLU C 317 17.14 -22.96 34.56
N PHE C 318 16.08 -23.53 33.99
CA PHE C 318 15.41 -24.67 34.59
C PHE C 318 16.33 -25.89 34.53
N SER C 319 16.84 -26.31 35.67
CA SER C 319 17.72 -27.47 35.73
C SER C 319 16.92 -28.76 35.75
N ARG C 320 17.52 -29.81 35.19
CA ARG C 320 16.85 -31.10 35.14
C ARG C 320 16.81 -31.79 36.51
N ASP C 321 17.66 -31.38 37.44
CA ASP C 321 17.69 -31.97 38.77
C ASP C 321 16.76 -31.28 39.76
N GLY C 322 16.13 -30.17 39.36
CA GLY C 322 15.23 -29.45 40.23
C GLY C 322 15.90 -28.51 41.23
N LYS C 323 17.22 -28.39 41.18
CA LYS C 323 17.91 -27.50 42.12
C LYS C 323 17.56 -26.04 41.85
N ALA C 324 17.43 -25.67 40.58
CA ALA C 324 17.09 -24.28 40.24
C ALA C 324 15.70 -23.92 40.76
N LEU C 325 14.72 -24.79 40.52
CA LEU C 325 13.37 -24.51 40.99
C LEU C 325 13.32 -24.46 42.51
N GLU C 326 14.05 -25.35 43.18
CA GLU C 326 14.06 -25.35 44.65
C GLU C 326 14.70 -24.06 45.17
N ARG C 327 15.77 -23.61 44.54
CA ARG C 327 16.41 -22.37 44.98
C ARG C 327 15.51 -21.17 44.74
N PHE C 328 14.83 -21.13 43.59
CA PHE C 328 13.92 -20.01 43.31
C PHE C 328 12.76 -19.99 44.29
N LEU C 329 12.17 -21.15 44.57
CA LEU C 329 11.06 -21.20 45.51
C LEU C 329 11.52 -20.83 46.92
N GLN C 330 12.69 -21.33 47.34
CA GLN C 330 13.19 -20.99 48.67
C GLN C 330 13.50 -19.50 48.78
N ASP C 331 13.97 -18.89 47.69
CA ASP C 331 14.26 -17.46 47.71
C ASP C 331 12.96 -16.64 47.74
N TYR C 332 11.95 -17.08 47.00
CA TYR C 332 10.67 -16.36 46.99
C TYR C 332 9.94 -16.49 48.32
N PHE C 333 10.09 -17.64 49.00
CA PHE C 333 9.42 -17.83 50.27
C PHE C 333 10.21 -17.23 51.43
N ASP C 334 11.53 -17.12 51.30
CA ASP C 334 12.38 -16.57 52.33
C ASP C 334 12.52 -15.05 52.23
N GLY C 335 11.82 -14.42 51.30
CA GLY C 335 11.90 -12.98 51.14
C GLY C 335 13.11 -12.50 50.38
N ASN C 336 13.68 -13.33 49.51
CA ASN C 336 14.85 -12.90 48.73
C ASN C 336 14.50 -11.80 47.75
N LEU C 337 13.28 -11.82 47.20
CA LEU C 337 12.85 -10.80 46.26
C LEU C 337 12.71 -9.46 46.97
N LYS C 338 13.57 -8.50 46.62
CA LYS C 338 13.53 -7.19 47.24
C LYS C 338 12.35 -6.38 46.73
N ARG C 339 12.58 -5.10 46.41
CA ARG C 339 11.50 -4.24 45.92
C ARG C 339 11.04 -4.73 44.56
N TYR C 340 9.74 -4.97 44.43
CA TYR C 340 9.17 -5.44 43.16
C TYR C 340 9.19 -4.31 42.14
N LEU C 341 9.90 -4.54 41.03
CA LEU C 341 10.00 -3.54 39.97
C LEU C 341 10.70 -4.11 38.75
N LYS C 342 9.96 -4.81 37.90
CA LYS C 342 10.55 -5.42 36.72
C LYS C 342 10.91 -4.34 35.69
N SER C 343 12.06 -4.51 35.04
CA SER C 343 12.53 -3.57 34.04
C SER C 343 13.84 -4.10 33.47
N GLU C 344 14.35 -3.42 32.46
CA GLU C 344 15.60 -3.82 31.83
C GLU C 344 16.76 -3.61 32.80
N PRO C 345 17.94 -4.12 32.46
CA PRO C 345 19.09 -3.94 33.35
C PRO C 345 19.51 -2.49 33.44
N ILE C 346 20.01 -2.10 34.60
CA ILE C 346 20.45 -0.71 34.81
C ILE C 346 21.64 -0.42 33.91
N PRO C 347 21.78 0.79 33.38
CA PRO C 347 22.91 1.09 32.49
C PRO C 347 24.24 1.12 33.25
N GLU C 348 25.31 1.50 32.56
CA GLU C 348 26.62 1.55 33.21
C GLU C 348 26.65 2.60 34.31
N SER C 349 26.01 3.74 34.09
CA SER C 349 25.96 4.81 35.06
C SER C 349 25.06 5.92 34.50
N ASN C 350 24.76 6.89 35.35
CA ASN C 350 23.92 8.01 34.94
C ASN C 350 24.65 8.88 33.92
N ASP C 351 23.89 9.36 32.92
CA ASP C 351 24.50 10.19 31.89
C ASP C 351 24.93 11.55 32.45
N GLY C 352 24.04 12.21 33.19
CA GLY C 352 24.35 13.49 33.77
C GLY C 352 23.11 14.35 33.94
N PRO C 353 23.20 15.35 34.83
CA PRO C 353 22.04 16.23 35.05
C PRO C 353 20.80 15.45 35.45
N VAL C 354 20.10 14.90 34.46
CA VAL C 354 18.89 14.11 34.70
C VAL C 354 19.33 12.67 34.91
N LYS C 355 19.32 12.22 36.17
CA LYS C 355 19.73 10.86 36.48
C LYS C 355 18.80 9.85 35.82
N VAL C 356 19.36 8.98 34.99
CA VAL C 356 18.60 7.96 34.30
C VAL C 356 18.03 6.98 35.32
N VAL C 357 16.75 7.14 35.65
CA VAL C 357 16.09 6.28 36.62
C VAL C 357 15.52 5.07 35.90
N VAL C 358 15.35 3.97 36.64
CA VAL C 358 14.80 2.74 36.11
C VAL C 358 14.13 1.97 37.24
N ALA C 359 13.22 1.07 36.87
CA ALA C 359 12.52 0.27 37.87
C ALA C 359 13.48 -0.59 38.68
N GLU C 360 14.57 -1.05 38.06
CA GLU C 360 15.53 -1.87 38.79
C GLU C 360 16.25 -1.08 39.88
N ASN C 361 16.29 0.25 39.75
CA ASN C 361 16.94 1.11 40.73
C ASN C 361 16.07 2.30 41.11
N PHE C 362 14.78 2.25 40.80
CA PHE C 362 13.89 3.37 41.14
C PHE C 362 13.72 3.51 42.65
N ASP C 363 13.77 2.40 43.38
CA ASP C 363 13.61 2.44 44.84
C ASP C 363 14.83 3.00 45.55
N GLU C 364 15.97 3.08 44.86
CA GLU C 364 17.20 3.59 45.46
C GLU C 364 17.47 5.06 45.11
N ILE C 365 16.78 5.61 44.11
CA ILE C 365 16.96 6.99 43.69
C ILE C 365 15.67 7.79 43.84
N VAL C 366 14.59 7.32 43.21
CA VAL C 366 13.31 8.03 43.31
C VAL C 366 12.73 7.88 44.69
N ASN C 367 12.95 6.74 45.34
CA ASN C 367 12.44 6.47 46.68
C ASN C 367 13.39 6.95 47.78
N ASN C 368 14.12 8.04 47.53
CA ASN C 368 15.05 8.58 48.52
C ASN C 368 14.27 9.42 49.52
N GLU C 369 14.26 9.00 50.78
CA GLU C 369 13.55 9.73 51.83
C GLU C 369 14.28 10.97 52.28
N ASN C 370 15.54 11.17 51.87
CA ASN C 370 16.33 12.32 52.25
C ASN C 370 16.59 13.25 51.06
N LYS C 371 15.69 13.25 50.08
CA LYS C 371 15.84 14.10 48.90
C LYS C 371 14.59 13.97 48.05
N ASP C 372 14.18 15.09 47.46
CA ASP C 372 13.00 15.14 46.60
C ASP C 372 13.41 14.88 45.17
N VAL C 373 12.90 13.79 44.59
CA VAL C 373 13.20 13.40 43.22
C VAL C 373 12.03 13.79 42.33
N LEU C 374 12.32 14.46 41.22
CA LEU C 374 11.32 14.90 40.26
C LEU C 374 11.43 14.02 39.02
N ILE C 375 10.82 12.84 39.09
CA ILE C 375 10.87 11.91 37.97
C ILE C 375 10.07 12.47 36.79
N GLU C 376 10.36 11.94 35.60
CA GLU C 376 9.68 12.38 34.39
C GLU C 376 9.64 11.18 33.43
N PHE C 377 8.50 10.51 33.38
CA PHE C 377 8.34 9.35 32.51
C PHE C 377 8.01 9.81 31.10
N TYR C 378 8.79 9.35 30.13
CA TYR C 378 8.60 9.70 28.72
C TYR C 378 8.71 8.44 27.87
N ALA C 379 8.39 8.59 26.59
CA ALA C 379 8.43 7.51 25.62
C ALA C 379 9.50 7.79 24.57
N PRO C 380 9.99 6.75 23.88
CA PRO C 380 11.02 6.96 22.86
C PRO C 380 10.48 7.47 21.54
N TRP C 381 9.16 7.44 21.32
CA TRP C 381 8.56 7.90 20.07
C TRP C 381 7.63 9.09 20.30
N CYS C 382 7.78 9.78 21.43
CA CYS C 382 6.94 10.93 21.74
C CYS C 382 7.69 12.21 21.36
N GLY C 383 7.06 13.04 20.52
CA GLY C 383 7.70 14.28 20.12
C GLY C 383 7.84 15.26 21.26
N HIS C 384 6.85 15.31 22.15
CA HIS C 384 6.90 16.23 23.28
C HIS C 384 8.08 15.91 24.18
N CYS C 385 8.34 14.62 24.44
CA CYS C 385 9.47 14.25 25.27
C CYS C 385 10.79 14.65 24.65
N LYS C 386 10.94 14.43 23.34
CA LYS C 386 12.17 14.82 22.66
C LYS C 386 12.36 16.34 22.69
N ASN C 387 11.28 17.09 22.45
CA ASN C 387 11.38 18.54 22.49
C ASN C 387 11.64 19.06 23.90
N LEU C 388 11.24 18.30 24.92
CA LEU C 388 11.48 18.69 26.30
C LEU C 388 12.77 18.14 26.88
N GLU C 389 13.49 17.30 26.13
CA GLU C 389 14.75 16.75 26.63
C GLU C 389 15.78 17.83 26.89
N PRO C 390 16.00 18.79 25.98
CA PRO C 390 17.00 19.84 26.29
C PRO C 390 16.63 20.69 27.49
N LYS C 391 15.36 21.09 27.60
CA LYS C 391 14.94 21.88 28.76
C LYS C 391 15.12 21.09 30.05
N TYR C 392 14.79 19.79 30.02
CA TYR C 392 14.96 18.96 31.22
C TYR C 392 16.45 18.84 31.59
N LYS C 393 17.30 18.68 30.58
CA LYS C 393 18.74 18.59 30.85
C LYS C 393 19.26 19.89 31.45
N GLU C 394 18.83 21.03 30.90
CA GLU C 394 19.26 22.32 31.45
C GLU C 394 18.76 22.51 32.88
N LEU C 395 17.51 22.13 33.14
CA LEU C 395 16.98 22.25 34.50
C LEU C 395 17.75 21.36 35.47
N GLY C 396 18.09 20.14 35.05
CA GLY C 396 18.86 19.26 35.90
C GLY C 396 20.27 19.75 36.14
N GLU C 397 20.87 20.40 35.14
CA GLU C 397 22.22 20.92 35.30
C GLU C 397 22.24 22.16 36.18
N LYS C 398 21.20 22.99 36.10
CA LYS C 398 21.14 24.20 36.93
C LYS C 398 20.97 23.87 38.41
N LEU C 399 20.43 22.69 38.73
CA LEU C 399 20.22 22.27 40.11
C LEU C 399 21.24 21.23 40.56
N SER C 400 22.34 21.07 39.82
CA SER C 400 23.37 20.10 40.20
C SER C 400 24.04 20.45 41.52
N LYS C 401 24.07 21.72 41.89
CA LYS C 401 24.69 22.12 43.15
C LYS C 401 23.81 21.87 44.36
N ASP C 402 22.51 21.68 44.15
CA ASP C 402 21.59 21.43 45.27
C ASP C 402 21.69 19.98 45.71
N PRO C 403 22.00 19.70 46.98
CA PRO C 403 22.11 18.32 47.44
C PRO C 403 20.80 17.69 47.90
N ASN C 404 19.69 18.40 47.79
CA ASN C 404 18.38 17.89 48.20
C ASN C 404 17.48 17.52 47.02
N ILE C 405 17.56 18.27 45.92
CA ILE C 405 16.74 18.00 44.74
C ILE C 405 17.53 17.12 43.78
N VAL C 406 16.81 16.27 43.05
CA VAL C 406 17.43 15.37 42.09
C VAL C 406 16.47 15.12 40.94
N ILE C 407 16.83 15.60 39.75
CA ILE C 407 16.00 15.44 38.56
C ILE C 407 16.39 14.13 37.89
N ALA C 408 15.40 13.26 37.69
CA ALA C 408 15.61 11.95 37.07
C ALA C 408 14.57 11.74 35.97
N LYS C 409 14.84 10.76 35.11
CA LYS C 409 13.95 10.43 34.02
C LYS C 409 14.07 8.95 33.71
N MET C 410 12.92 8.31 33.50
CA MET C 410 12.86 6.88 33.20
C MET C 410 11.93 6.65 32.02
N ASP C 411 12.18 5.56 31.29
CA ASP C 411 11.38 5.20 30.13
C ASP C 411 10.25 4.28 30.58
N ALA C 412 9.02 4.80 30.54
CA ALA C 412 7.87 4.01 30.96
C ALA C 412 7.54 2.90 29.96
N THR C 413 8.05 2.98 28.73
CA THR C 413 7.79 1.95 27.74
C THR C 413 8.72 0.76 27.86
N ALA C 414 9.88 0.92 28.48
CA ALA C 414 10.85 -0.15 28.65
C ALA C 414 11.16 -0.40 30.13
N ASN C 415 10.21 -0.10 31.01
CA ASN C 415 10.40 -0.30 32.43
C ASN C 415 9.05 -0.19 33.13
N ASP C 416 8.76 -1.14 34.01
CA ASP C 416 7.49 -1.14 34.74
C ASP C 416 7.48 -0.02 35.77
N VAL C 417 6.44 0.80 35.73
CA VAL C 417 6.29 1.92 36.65
C VAL C 417 5.86 1.38 38.02
N PRO C 418 6.15 2.08 39.11
CA PRO C 418 5.75 1.58 40.43
C PRO C 418 4.25 1.66 40.62
N SER C 419 3.78 1.02 41.69
CA SER C 419 2.36 1.00 42.01
C SER C 419 1.90 2.39 42.43
N PRO C 420 2.79 3.22 42.98
CA PRO C 420 2.38 4.57 43.40
C PRO C 420 2.21 5.51 42.21
N TYR C 421 3.08 5.37 41.22
CA TYR C 421 3.02 6.22 40.03
C TYR C 421 2.04 5.64 39.01
N GLU C 422 1.41 6.53 38.25
CA GLU C 422 0.44 6.15 37.22
C GLU C 422 0.77 6.93 35.96
N VAL C 423 1.41 6.28 35.00
CA VAL C 423 1.78 6.91 33.74
C VAL C 423 0.57 6.89 32.82
N ARG C 424 -0.05 8.05 32.62
CA ARG C 424 -1.22 8.15 31.75
C ARG C 424 -0.84 8.48 30.31
N GLY C 425 -0.09 9.57 30.13
CA GLY C 425 0.33 9.97 28.80
C GLY C 425 1.83 10.25 28.71
N PHE C 426 2.26 10.81 27.58
CA PHE C 426 3.66 11.12 27.38
C PHE C 426 3.86 12.61 27.10
N PRO C 427 4.61 13.30 27.97
CA PRO C 427 5.23 12.67 29.15
C PRO C 427 4.48 12.99 30.44
N THR C 428 4.73 12.20 31.48
CA THR C 428 4.10 12.38 32.78
C THR C 428 5.18 12.68 33.82
N ILE C 429 5.17 13.89 34.35
CA ILE C 429 6.15 14.31 35.35
C ILE C 429 5.58 14.09 36.73
N TYR C 430 6.40 13.54 37.63
CA TYR C 430 6.00 13.26 38.99
C TYR C 430 6.97 13.93 39.96
N PHE C 431 6.44 14.54 41.01
CA PHE C 431 7.23 15.23 42.02
C PHE C 431 7.11 14.46 43.32
N SER C 432 8.20 13.81 43.72
CA SER C 432 8.24 13.03 44.96
C SER C 432 9.07 13.76 46.00
N PRO C 433 8.46 14.20 47.10
CA PRO C 433 9.22 14.92 48.14
C PRO C 433 10.05 13.94 48.97
N ALA C 434 10.75 14.50 49.96
CA ALA C 434 11.58 13.68 50.83
C ALA C 434 10.73 12.86 51.79
N ASN C 435 9.88 13.53 52.57
CA ASN C 435 9.00 12.88 53.54
C ASN C 435 7.62 12.62 52.95
N LYS C 436 7.58 12.03 51.75
CA LYS C 436 6.32 11.74 51.08
C LYS C 436 6.54 10.83 49.88
N LYS C 437 7.27 9.74 50.08
CA LYS C 437 7.53 8.80 48.98
C LYS C 437 6.29 8.02 48.57
N LEU C 438 5.31 7.89 49.46
CA LEU C 438 4.08 7.16 49.17
C LEU C 438 2.96 8.07 48.68
N ASN C 439 3.20 9.38 48.58
CA ASN C 439 2.19 10.33 48.13
C ASN C 439 2.84 11.32 47.16
N PRO C 440 3.32 10.84 46.01
CA PRO C 440 3.95 11.75 45.06
C PRO C 440 2.91 12.60 44.33
N LYS C 441 3.29 13.86 44.06
CA LYS C 441 2.42 14.80 43.38
C LYS C 441 2.72 14.80 41.89
N LYS C 442 1.65 14.80 41.08
CA LYS C 442 1.78 14.80 39.63
C LYS C 442 1.93 16.24 39.13
N TYR C 443 3.05 16.50 38.45
CA TYR C 443 3.30 17.84 37.93
C TYR C 443 2.33 18.15 36.80
N GLU C 444 1.57 19.23 36.94
CA GLU C 444 0.60 19.64 35.93
C GLU C 444 0.91 21.00 35.33
N GLY C 445 2.01 21.64 35.71
CA GLY C 445 2.36 22.94 35.18
C GLY C 445 2.93 22.85 33.77
N GLY C 446 3.54 23.95 33.36
CA GLY C 446 4.14 24.02 32.03
C GLY C 446 5.34 23.10 31.90
N ARG C 447 5.83 23.00 30.66
CA ARG C 447 6.97 22.18 30.32
C ARG C 447 8.21 23.02 30.01
N GLU C 448 8.25 24.26 30.45
CA GLU C 448 9.38 25.15 30.21
C GLU C 448 10.33 25.15 31.42
N LEU C 449 11.50 25.72 31.20
CA LEU C 449 12.50 25.79 32.27
C LEU C 449 12.03 26.70 33.40
N SER C 450 11.42 27.84 33.06
CA SER C 450 10.94 28.76 34.08
C SER C 450 9.86 28.11 34.95
N ASP C 451 8.95 27.35 34.32
CA ASP C 451 7.90 26.68 35.09
C ASP C 451 8.48 25.66 36.05
N PHE C 452 9.47 24.88 35.59
CA PHE C 452 10.08 23.88 36.47
C PHE C 452 10.87 24.55 37.59
N ILE C 453 11.53 25.67 37.30
CA ILE C 453 12.28 26.38 38.33
C ILE C 453 11.35 26.96 39.38
N SER C 454 10.25 27.59 38.95
CA SER C 454 9.30 28.14 39.90
C SER C 454 8.62 27.06 40.72
N TYR C 455 8.24 25.95 40.07
CA TYR C 455 7.60 24.86 40.80
C TYR C 455 8.55 24.24 41.81
N LEU C 456 9.81 24.03 41.42
CA LEU C 456 10.78 23.46 42.35
C LEU C 456 11.08 24.42 43.49
N GLN C 457 11.09 25.72 43.22
CA GLN C 457 11.35 26.72 44.25
C GLN C 457 10.13 26.99 45.13
N ARG C 458 8.94 26.56 44.72
CA ARG C 458 7.73 26.77 45.48
C ARG C 458 7.12 25.46 45.98
N GLU C 459 7.80 24.35 45.79
CA GLU C 459 7.30 23.04 46.23
C GLU C 459 8.35 22.23 46.97
N ALA C 460 9.59 22.20 46.47
CA ALA C 460 10.63 21.43 47.12
C ALA C 460 10.99 22.04 48.47
N THR C 461 11.60 21.22 49.33
CA THR C 461 11.99 21.68 50.65
C THR C 461 13.09 22.75 50.56
N ASN C 462 14.03 22.59 49.63
CA ASN C 462 15.11 23.54 49.46
C ASN C 462 14.93 24.33 48.16
N PRO C 463 15.31 25.59 48.13
CA PRO C 463 15.17 26.39 46.91
C PRO C 463 16.09 25.88 45.82
N PRO C 464 15.65 25.93 44.56
CA PRO C 464 16.52 25.45 43.48
C PRO C 464 17.71 26.36 43.27
N VAL C 465 18.89 25.74 43.15
CA VAL C 465 20.13 26.47 42.94
C VAL C 465 20.22 26.93 41.49
N ILE C 466 21.16 27.81 41.19
CA ILE C 466 21.35 28.31 39.84
C ILE C 466 22.43 27.51 39.11
N GLY D 1 26.73 -13.06 1.16
CA GLY D 1 26.19 -13.43 2.46
C GLY D 1 24.76 -13.92 2.40
N SER D 2 23.83 -13.02 2.70
CA SER D 2 22.41 -13.36 2.69
C SER D 2 21.88 -13.31 1.26
N HIS D 3 21.27 -14.41 0.82
CA HIS D 3 20.72 -14.48 -0.52
C HIS D 3 19.31 -13.90 -0.55
N SER D 4 18.77 -13.77 -1.76
CA SER D 4 17.43 -13.23 -1.94
C SER D 4 17.01 -13.33 -3.40
N MET D 5 15.80 -13.82 -3.64
CA MET D 5 15.26 -13.95 -4.99
C MET D 5 14.31 -12.79 -5.28
N ARG D 6 14.55 -12.10 -6.39
CA ARG D 6 13.75 -10.96 -6.80
C ARG D 6 13.23 -11.17 -8.22
N TYR D 7 11.96 -10.82 -8.43
CA TYR D 7 11.32 -10.95 -9.73
C TYR D 7 10.47 -9.72 -10.00
N PHE D 8 10.71 -9.08 -11.13
CA PHE D 8 9.98 -7.87 -11.51
C PHE D 8 9.29 -8.09 -12.85
N PHE D 9 8.23 -7.31 -13.09
CA PHE D 9 7.46 -7.40 -14.32
C PHE D 9 6.94 -6.01 -14.68
N THR D 10 7.12 -5.62 -15.93
CA THR D 10 6.68 -4.31 -16.43
C THR D 10 5.70 -4.52 -17.56
N SER D 11 4.62 -3.73 -17.57
CA SER D 11 3.60 -3.80 -18.60
C SER D 11 3.35 -2.39 -19.13
N VAL D 12 3.66 -2.19 -20.41
CA VAL D 12 3.49 -0.90 -21.07
C VAL D 12 2.28 -1.00 -22.00
N SER D 13 1.24 -0.21 -21.71
CA SER D 13 0.04 -0.23 -22.54
C SER D 13 0.31 0.44 -23.88
N ARG D 14 -0.23 -0.16 -24.94
CA ARG D 14 -0.07 0.36 -26.31
C ARG D 14 -1.44 0.54 -26.93
N PRO D 15 -2.01 1.74 -26.88
CA PRO D 15 -3.34 1.97 -27.47
C PRO D 15 -3.28 1.91 -28.98
N GLY D 16 -4.08 1.04 -29.57
CA GLY D 16 -4.11 0.88 -31.02
C GLY D 16 -2.99 0.06 -31.60
N ARG D 17 -2.04 -0.39 -30.80
CA ARG D 17 -0.90 -1.19 -31.27
C ARG D 17 -0.95 -2.61 -30.74
N GLY D 18 -2.12 -3.12 -30.40
CA GLY D 18 -2.25 -4.47 -29.89
C GLY D 18 -2.25 -4.52 -28.38
N GLU D 19 -1.92 -5.70 -27.86
CA GLU D 19 -1.87 -5.90 -26.42
C GLU D 19 -0.69 -5.15 -25.82
N PRO D 20 -0.69 -4.97 -24.49
CA PRO D 20 0.42 -4.25 -23.85
C PRO D 20 1.67 -5.11 -23.77
N ARG D 21 2.83 -4.46 -23.93
CA ARG D 21 4.10 -5.15 -23.88
C ARG D 21 4.42 -5.56 -22.44
N PHE D 22 4.52 -6.85 -22.20
CA PHE D 22 4.82 -7.39 -20.88
C PHE D 22 6.22 -8.00 -20.89
N ILE D 23 7.04 -7.60 -19.91
CA ILE D 23 8.41 -8.07 -19.79
C ILE D 23 8.63 -8.48 -18.34
N ALA D 24 8.92 -9.76 -18.12
CA ALA D 24 9.17 -10.30 -16.80
C ALA D 24 10.62 -10.77 -16.70
N VAL D 25 11.27 -10.39 -15.60
CA VAL D 25 12.67 -10.75 -15.35
C VAL D 25 12.80 -11.26 -13.93
N GLY D 26 13.51 -12.37 -13.77
CA GLY D 26 13.73 -12.94 -12.45
C GLY D 26 15.19 -13.22 -12.16
N TYR D 27 15.75 -12.47 -11.22
CA TYR D 27 17.15 -12.61 -10.85
C TYR D 27 17.28 -12.93 -9.37
N VAL D 28 18.41 -13.54 -9.01
CA VAL D 28 18.71 -13.91 -7.64
C VAL D 28 19.88 -13.07 -7.17
N ASP D 29 19.72 -12.42 -6.02
CA ASP D 29 20.77 -11.56 -5.47
C ASP D 29 21.15 -10.46 -6.44
N ASP D 30 21.93 -10.80 -7.48
CA ASP D 30 22.33 -9.82 -8.47
C ASP D 30 22.67 -10.46 -9.81
N THR D 31 22.04 -11.61 -10.11
CA THR D 31 22.29 -12.33 -11.36
C THR D 31 20.97 -12.86 -11.88
N GLN D 32 20.60 -12.43 -13.08
CA GLN D 32 19.34 -12.88 -13.68
C GLN D 32 19.40 -14.39 -13.96
N PHE D 33 18.20 -14.97 -14.15
CA PHE D 33 18.09 -16.40 -14.42
C PHE D 33 17.00 -16.67 -15.44
N VAL D 34 15.83 -16.06 -15.26
CA VAL D 34 14.70 -16.24 -16.15
C VAL D 34 14.38 -14.90 -16.81
N ARG D 35 13.53 -14.96 -17.83
CA ARG D 35 13.12 -13.76 -18.55
C ARG D 35 11.98 -14.09 -19.53
N PHE D 36 10.95 -13.25 -19.55
CA PHE D 36 9.81 -13.44 -20.42
C PHE D 36 9.55 -12.17 -21.21
N ASP D 37 9.25 -12.33 -22.50
CA ASP D 37 8.98 -11.20 -23.39
C ASP D 37 7.70 -11.49 -24.16
N SER D 38 6.71 -10.62 -24.01
CA SER D 38 5.44 -10.81 -24.72
C SER D 38 5.60 -10.68 -26.22
N ASP D 39 6.56 -9.87 -26.67
CA ASP D 39 6.78 -9.67 -28.10
C ASP D 39 7.63 -10.77 -28.72
N ALA D 40 8.22 -11.65 -27.92
CA ALA D 40 9.04 -12.73 -28.47
C ALA D 40 8.16 -13.76 -29.17
N ALA D 41 8.80 -14.54 -30.04
CA ALA D 41 8.10 -15.57 -30.80
C ALA D 41 7.95 -16.87 -30.03
N SER D 42 8.82 -17.14 -29.06
CA SER D 42 8.72 -18.38 -28.29
C SER D 42 7.50 -18.37 -27.40
N GLN D 43 7.19 -17.22 -26.78
CA GLN D 43 6.04 -17.09 -25.89
C GLN D 43 6.16 -18.01 -24.68
N ARG D 44 7.37 -18.24 -24.20
CA ARG D 44 7.62 -19.10 -23.05
C ARG D 44 8.76 -18.53 -22.23
N MET D 45 8.82 -18.95 -20.96
CA MET D 45 9.86 -18.49 -20.05
C MET D 45 11.20 -19.04 -20.50
N GLU D 46 12.11 -18.15 -20.95
CA GLU D 46 13.42 -18.56 -21.41
C GLU D 46 14.44 -18.43 -20.29
N PRO D 47 15.51 -19.22 -20.32
CA PRO D 47 16.53 -19.13 -19.27
C PRO D 47 17.62 -18.12 -19.60
N ARG D 48 18.03 -17.38 -18.57
CA ARG D 48 19.05 -16.36 -18.70
C ARG D 48 20.36 -16.73 -18.02
N ALA D 49 20.44 -17.91 -17.41
CA ALA D 49 21.64 -18.37 -16.72
C ALA D 49 21.90 -19.83 -17.09
N PRO D 50 23.16 -20.25 -17.05
CA PRO D 50 23.46 -21.65 -17.39
C PRO D 50 22.99 -22.65 -16.34
N TRP D 51 22.96 -22.26 -15.07
CA TRP D 51 22.53 -23.16 -14.02
C TRP D 51 21.03 -23.40 -14.04
N ILE D 52 20.25 -22.51 -14.66
CA ILE D 52 18.80 -22.68 -14.73
C ILE D 52 18.36 -23.50 -15.92
N GLU D 53 19.27 -23.83 -16.85
CA GLU D 53 18.92 -24.62 -18.02
C GLU D 53 18.70 -26.09 -17.70
N GLN D 54 19.09 -26.54 -16.50
CA GLN D 54 18.92 -27.94 -16.11
C GLN D 54 17.49 -28.28 -15.71
N GLU D 55 16.60 -27.29 -15.65
CA GLU D 55 15.23 -27.56 -15.27
C GLU D 55 14.52 -28.36 -16.35
N GLY D 56 13.66 -29.29 -15.92
CA GLY D 56 12.93 -30.11 -16.85
C GLY D 56 11.82 -29.34 -17.54
N PRO D 57 11.05 -30.05 -18.36
CA PRO D 57 9.95 -29.38 -19.09
C PRO D 57 8.83 -28.91 -18.17
N GLU D 58 8.63 -29.58 -17.02
CA GLU D 58 7.58 -29.16 -16.11
C GLU D 58 7.84 -27.77 -15.56
N TYR D 59 9.08 -27.47 -15.21
CA TYR D 59 9.41 -26.14 -14.69
C TYR D 59 9.17 -25.06 -15.74
N TRP D 60 9.55 -25.33 -17.00
CA TRP D 60 9.33 -24.36 -18.06
C TRP D 60 7.85 -24.17 -18.35
N ASP D 61 7.07 -25.25 -18.31
CA ASP D 61 5.64 -25.15 -18.57
C ASP D 61 4.95 -24.36 -17.46
N GLN D 62 5.26 -24.68 -16.19
CA GLN D 62 4.65 -23.96 -15.08
C GLN D 62 5.06 -22.49 -15.09
N GLU D 63 6.35 -22.21 -15.34
CA GLU D 63 6.80 -20.84 -15.38
C GLU D 63 6.14 -20.07 -16.52
N THR D 64 5.91 -20.73 -17.66
CA THR D 64 5.25 -20.06 -18.78
C THR D 64 3.78 -19.79 -18.47
N ARG D 65 3.09 -20.76 -17.87
CA ARG D 65 1.69 -20.57 -17.52
C ARG D 65 1.54 -19.45 -16.49
N ASN D 66 2.36 -19.47 -15.44
CA ASN D 66 2.29 -18.42 -14.43
C ASN D 66 2.65 -17.07 -15.02
N VAL D 67 3.63 -17.04 -15.93
CA VAL D 67 4.01 -15.78 -16.57
C VAL D 67 2.86 -15.24 -17.40
N LYS D 68 2.15 -16.12 -18.11
CA LYS D 68 1.00 -15.68 -18.90
C LYS D 68 -0.12 -15.17 -18.01
N ALA D 69 -0.41 -15.89 -16.93
CA ALA D 69 -1.44 -15.44 -16.00
C ALA D 69 -1.11 -14.07 -15.41
N GLN D 70 0.14 -13.88 -14.99
CA GLN D 70 0.54 -12.58 -14.47
C GLN D 70 0.46 -11.51 -15.55
N SER D 71 0.76 -11.87 -16.80
CA SER D 71 0.66 -10.91 -17.90
C SER D 71 -0.78 -10.48 -18.11
N GLN D 72 -1.73 -11.42 -18.06
CA GLN D 72 -3.13 -11.06 -18.20
C GLN D 72 -3.61 -10.22 -17.03
N THR D 73 -3.25 -10.62 -15.80
CA THR D 73 -3.63 -9.84 -14.63
C THR D 73 -3.11 -8.42 -14.72
N ASP D 74 -1.87 -8.25 -15.18
CA ASP D 74 -1.33 -6.90 -15.36
C ASP D 74 -2.05 -6.16 -16.48
N ARG D 75 -2.44 -6.86 -17.54
CA ARG D 75 -3.18 -6.22 -18.62
C ARG D 75 -4.51 -5.68 -18.13
N VAL D 76 -5.24 -6.47 -17.35
CA VAL D 76 -6.49 -6.00 -16.78
C VAL D 76 -6.24 -4.87 -15.80
N ASP D 77 -5.15 -4.97 -15.03
CA ASP D 77 -4.82 -3.90 -14.08
C ASP D 77 -4.51 -2.60 -14.80
N LEU D 78 -4.02 -2.66 -16.04
CA LEU D 78 -3.76 -1.45 -16.79
C LEU D 78 -5.06 -0.71 -17.11
N GLY D 79 -6.07 -1.44 -17.57
CA GLY D 79 -7.35 -0.80 -17.85
C GLY D 79 -8.06 -0.36 -16.58
N THR D 80 -8.00 -1.18 -15.53
CA THR D 80 -8.63 -0.81 -14.27
C THR D 80 -8.03 0.47 -13.70
N LEU D 81 -6.70 0.52 -13.63
CA LEU D 81 -6.04 1.72 -13.13
C LEU D 81 -6.27 2.91 -14.06
N ARG D 82 -6.32 2.65 -15.37
CA ARG D 82 -6.58 3.73 -16.32
C ARG D 82 -7.97 4.32 -16.12
N GLY D 83 -8.94 3.48 -15.75
CA GLY D 83 -10.29 3.98 -15.51
C GLY D 83 -10.48 4.56 -14.13
N TYR D 84 -9.66 4.14 -13.16
CA TYR D 84 -9.78 4.68 -11.80
C TYR D 84 -9.19 6.07 -11.69
N TYR D 85 -8.25 6.43 -12.57
CA TYR D 85 -7.62 7.75 -12.56
C TYR D 85 -8.26 8.72 -13.56
N ASN D 86 -9.28 8.30 -14.28
CA ASN D 86 -9.95 9.16 -15.25
C ASN D 86 -9.00 9.56 -16.38
N GLN D 87 -8.24 8.60 -16.89
CA GLN D 87 -7.28 8.83 -17.95
C GLN D 87 -7.88 8.43 -19.30
N SER D 88 -7.39 9.07 -20.36
CA SER D 88 -7.87 8.78 -21.70
C SER D 88 -7.30 7.46 -22.20
N GLU D 89 -7.99 6.87 -23.18
CA GLU D 89 -7.58 5.61 -23.76
C GLU D 89 -6.47 5.76 -24.81
N ALA D 90 -6.03 6.98 -25.09
CA ALA D 90 -4.98 7.20 -26.08
C ALA D 90 -3.59 7.18 -25.46
N GLY D 91 -3.44 7.66 -24.22
CA GLY D 91 -2.14 7.67 -23.60
C GLY D 91 -1.65 6.27 -23.26
N SER D 92 -0.34 6.17 -23.10
CA SER D 92 0.32 4.90 -22.78
C SER D 92 0.71 4.90 -21.31
N HIS D 93 0.25 3.89 -20.58
CA HIS D 93 0.54 3.73 -19.16
C HIS D 93 1.54 2.60 -18.95
N THR D 94 2.16 2.61 -17.77
CA THR D 94 3.15 1.61 -17.40
C THR D 94 2.86 1.13 -15.99
N ILE D 95 2.83 -0.19 -15.82
CA ILE D 95 2.57 -0.82 -14.52
C ILE D 95 3.71 -1.78 -14.23
N GLN D 96 4.48 -1.47 -13.19
CA GLN D 96 5.61 -2.29 -12.78
C GLN D 96 5.33 -2.96 -11.44
N ILE D 97 5.97 -4.10 -11.22
CA ILE D 97 5.81 -4.85 -9.98
C ILE D 97 7.13 -5.54 -9.66
N MET D 98 7.41 -5.66 -8.36
CA MET D 98 8.65 -6.30 -7.90
C MET D 98 8.33 -7.08 -6.63
N TYR D 99 8.52 -8.40 -6.68
CA TYR D 99 8.27 -9.26 -5.54
C TYR D 99 9.44 -10.22 -5.36
N GLY D 100 9.85 -10.39 -4.11
CA GLY D 100 10.97 -11.28 -3.81
C GLY D 100 11.04 -11.56 -2.33
N CYS D 101 11.98 -12.44 -1.97
CA CYS D 101 12.19 -12.82 -0.59
C CYS D 101 13.69 -12.87 -0.30
N ASP D 102 14.02 -12.90 0.99
CA ASP D 102 15.40 -12.96 1.44
C ASP D 102 15.59 -14.14 2.37
N VAL D 103 16.82 -14.65 2.40
CA VAL D 103 17.18 -15.79 3.23
C VAL D 103 18.61 -15.61 3.73
N GLY D 104 18.86 -15.99 4.97
CA GLY D 104 20.16 -15.85 5.56
C GLY D 104 21.13 -16.91 5.03
N SER D 105 22.26 -17.03 5.73
CA SER D 105 23.28 -17.99 5.34
C SER D 105 22.85 -19.43 5.64
N ASP D 106 21.91 -19.63 6.55
CA ASP D 106 21.43 -20.96 6.91
C ASP D 106 20.20 -21.38 6.11
N GLY D 107 19.83 -20.61 5.08
CA GLY D 107 18.67 -20.94 4.28
C GLY D 107 17.33 -20.59 4.89
N ARG D 108 17.31 -20.02 6.10
CA ARG D 108 16.06 -19.66 6.74
C ARG D 108 15.48 -18.40 6.12
N PHE D 109 14.16 -18.29 6.18
CA PHE D 109 13.47 -17.13 5.62
C PHE D 109 13.79 -15.88 6.42
N LEU D 110 14.13 -14.80 5.73
CA LEU D 110 14.47 -13.53 6.37
C LEU D 110 13.29 -12.56 6.35
N ARG D 111 12.79 -12.24 5.16
CA ARG D 111 11.67 -11.31 5.02
C ARG D 111 11.24 -11.30 3.56
N GLY D 112 10.00 -10.89 3.34
CA GLY D 112 9.44 -10.81 2.00
C GLY D 112 9.09 -9.38 1.63
N TYR D 113 9.19 -9.08 0.34
CA TYR D 113 8.89 -7.75 -0.18
C TYR D 113 8.06 -7.89 -1.44
N ARG D 114 7.07 -7.01 -1.59
CA ARG D 114 6.20 -7.02 -2.76
C ARG D 114 5.65 -5.62 -2.95
N GLN D 115 6.12 -4.92 -3.99
CA GLN D 115 5.69 -3.57 -4.29
C GLN D 115 5.14 -3.52 -5.72
N ASP D 116 4.14 -2.66 -5.91
CA ASP D 116 3.50 -2.48 -7.22
C ASP D 116 3.35 -1.00 -7.49
N ALA D 117 3.99 -0.52 -8.55
CA ALA D 117 3.93 0.88 -8.93
C ALA D 117 3.27 1.02 -10.29
N TYR D 118 2.74 2.22 -10.55
CA TYR D 118 2.07 2.53 -11.80
C TYR D 118 2.56 3.86 -12.32
N ASP D 119 3.00 3.88 -13.58
CA ASP D 119 3.50 5.11 -14.21
C ASP D 119 4.73 5.64 -13.48
N GLY D 120 5.57 4.72 -12.98
CA GLY D 120 6.77 5.09 -12.27
C GLY D 120 6.57 5.51 -10.83
N LYS D 121 5.34 5.80 -10.41
CA LYS D 121 5.04 6.21 -9.05
C LYS D 121 4.52 5.03 -8.25
N ASP D 122 4.80 5.07 -6.95
CA ASP D 122 4.35 3.99 -6.06
C ASP D 122 2.83 3.92 -6.02
N TYR D 123 2.30 2.71 -6.11
CA TYR D 123 0.86 2.47 -6.10
C TYR D 123 0.44 1.76 -4.82
N ILE D 124 0.82 0.50 -4.64
CA ILE D 124 0.47 -0.27 -3.45
C ILE D 124 1.66 -1.14 -3.07
N ALA D 125 2.07 -1.07 -1.81
CA ALA D 125 3.19 -1.85 -1.30
C ALA D 125 2.72 -2.75 -0.17
N LEU D 126 3.45 -3.86 0.02
CA LEU D 126 3.13 -4.82 1.07
C LEU D 126 3.91 -4.49 2.33
N ASN D 127 3.24 -4.55 3.47
CA ASN D 127 3.89 -4.26 4.74
C ASN D 127 4.94 -5.32 5.07
N GLU D 128 5.82 -4.98 6.02
CA GLU D 128 6.87 -5.91 6.41
C GLU D 128 6.30 -7.11 7.17
N ASP D 129 5.13 -6.95 7.80
CA ASP D 129 4.52 -8.05 8.54
C ASP D 129 3.85 -9.07 7.64
N LEU D 130 3.78 -8.83 6.33
CA LEU D 130 3.16 -9.76 5.39
C LEU D 130 1.68 -9.96 5.70
N ARG D 131 1.04 -8.95 6.30
CA ARG D 131 -0.38 -9.04 6.63
C ARG D 131 -1.19 -7.79 6.31
N SER D 132 -0.57 -6.61 6.24
CA SER D 132 -1.28 -5.37 5.93
C SER D 132 -0.75 -4.79 4.63
N TRP D 133 -1.51 -3.87 4.05
CA TRP D 133 -1.16 -3.20 2.81
C TRP D 133 -0.93 -1.72 3.05
N THR D 134 -0.27 -1.08 2.10
CA THR D 134 0.04 0.34 2.17
C THR D 134 -0.27 0.98 0.82
N ALA D 135 -1.18 1.93 0.82
CA ALA D 135 -1.58 2.63 -0.39
C ALA D 135 -0.85 3.96 -0.50
N ALA D 136 -0.68 4.43 -1.74
CA ALA D 136 0.02 5.68 -2.00
C ALA D 136 -0.93 6.85 -2.26
N ASP D 137 -2.08 6.60 -2.87
CA ASP D 137 -3.05 7.64 -3.18
C ASP D 137 -4.45 7.07 -2.95
N MET D 138 -5.46 7.89 -3.29
CA MET D 138 -6.84 7.44 -3.13
C MET D 138 -7.17 6.27 -4.04
N ALA D 139 -6.55 6.22 -5.23
CA ALA D 139 -6.83 5.12 -6.15
C ALA D 139 -6.35 3.79 -5.59
N ALA D 140 -5.26 3.81 -4.83
CA ALA D 140 -4.74 2.57 -4.23
C ALA D 140 -5.57 2.10 -3.06
N GLN D 141 -6.40 2.97 -2.48
CA GLN D 141 -7.24 2.56 -1.35
C GLN D 141 -8.24 1.50 -1.76
N ILE D 142 -8.82 1.63 -2.96
CA ILE D 142 -9.78 0.64 -3.43
C ILE D 142 -9.10 -0.72 -3.59
N THR D 143 -7.91 -0.73 -4.19
CA THR D 143 -7.17 -1.98 -4.35
C THR D 143 -6.78 -2.57 -3.00
N LYS D 144 -6.44 -1.72 -2.02
CA LYS D 144 -6.08 -2.22 -0.70
C LYS D 144 -7.29 -2.85 -0.01
N ARG D 145 -8.46 -2.22 -0.13
CA ARG D 145 -9.66 -2.78 0.49
C ARG D 145 -10.07 -4.08 -0.19
N LYS D 146 -10.05 -4.11 -1.52
CA LYS D 146 -10.41 -5.32 -2.24
C LYS D 146 -9.45 -6.46 -1.92
N TRP D 147 -8.15 -6.16 -1.83
CA TRP D 147 -7.17 -7.18 -1.50
C TRP D 147 -7.35 -7.66 -0.07
N GLU D 148 -7.67 -6.75 0.86
CA GLU D 148 -7.87 -7.14 2.24
C GLU D 148 -9.12 -8.00 2.39
N ALA D 149 -10.16 -7.72 1.60
CA ALA D 149 -11.38 -8.51 1.67
C ALA D 149 -11.22 -9.88 1.02
N ALA D 150 -10.27 -10.03 0.10
CA ALA D 150 -10.02 -11.29 -0.58
C ALA D 150 -8.93 -12.12 0.09
N HIS D 151 -8.31 -11.60 1.15
CA HIS D 151 -7.26 -12.33 1.86
C HIS D 151 -6.04 -12.57 0.96
N GLU D 152 -5.68 -11.55 0.18
CA GLU D 152 -4.52 -11.67 -0.70
C GLU D 152 -3.22 -11.71 0.08
N ALA D 153 -3.16 -11.05 1.24
CA ALA D 153 -1.94 -11.06 2.04
C ALA D 153 -1.62 -12.46 2.54
N GLU D 154 -2.64 -13.31 2.72
CA GLU D 154 -2.40 -14.67 3.18
C GLU D 154 -1.69 -15.49 2.11
N GLN D 155 -2.17 -15.42 0.86
CA GLN D 155 -1.52 -16.16 -0.22
C GLN D 155 -0.15 -15.57 -0.55
N LEU D 156 -0.05 -14.24 -0.55
CA LEU D 156 1.23 -13.60 -0.85
C LEU D 156 2.28 -13.97 0.19
N ARG D 157 1.91 -13.90 1.48
CA ARG D 157 2.84 -14.25 2.53
C ARG D 157 3.17 -15.75 2.50
N ALA D 158 2.17 -16.59 2.21
CA ALA D 158 2.41 -18.02 2.13
C ALA D 158 3.35 -18.38 0.98
N TYR D 159 3.30 -17.62 -0.11
CA TYR D 159 4.16 -17.88 -1.27
C TYR D 159 5.54 -17.24 -1.12
N LEU D 160 5.65 -16.16 -0.34
CA LEU D 160 6.94 -15.51 -0.16
C LEU D 160 7.75 -16.20 0.94
N ASP D 161 7.09 -16.61 2.02
CA ASP D 161 7.75 -17.28 3.13
C ASP D 161 7.62 -18.80 3.06
N GLY D 162 7.38 -19.34 1.86
CA GLY D 162 7.24 -20.77 1.69
C GLY D 162 7.85 -21.28 0.40
N THR D 163 7.11 -21.13 -0.70
CA THR D 163 7.61 -21.60 -1.99
C THR D 163 8.81 -20.77 -2.45
N CYS D 164 8.82 -19.47 -2.14
CA CYS D 164 9.94 -18.62 -2.55
C CYS D 164 11.24 -19.05 -1.87
N VAL D 165 11.14 -19.48 -0.60
CA VAL D 165 12.34 -19.92 0.11
C VAL D 165 12.88 -21.21 -0.49
N GLU D 166 11.99 -22.16 -0.77
CA GLU D 166 12.42 -23.43 -1.37
C GLU D 166 13.03 -23.21 -2.75
N TRP D 167 12.37 -22.40 -3.58
CA TRP D 167 12.90 -22.11 -4.91
C TRP D 167 14.24 -21.40 -4.82
N LEU D 168 14.37 -20.46 -3.88
CA LEU D 168 15.64 -19.76 -3.73
C LEU D 168 16.75 -20.70 -3.28
N ARG D 169 16.45 -21.61 -2.36
CA ARG D 169 17.45 -22.56 -1.90
C ARG D 169 17.86 -23.51 -3.02
N ARG D 170 16.89 -24.02 -3.78
CA ARG D 170 17.20 -24.91 -4.89
C ARG D 170 18.04 -24.19 -5.95
N TYR D 171 17.65 -22.96 -6.29
CA TYR D 171 18.42 -22.22 -7.29
C TYR D 171 19.83 -21.92 -6.79
N LEU D 172 19.97 -21.62 -5.50
CA LEU D 172 21.30 -21.36 -4.95
C LEU D 172 22.15 -22.62 -4.90
N GLU D 173 21.52 -23.79 -4.71
CA GLU D 173 22.27 -25.03 -4.67
C GLU D 173 22.67 -25.49 -6.07
N ASN D 174 21.80 -25.30 -7.05
CA ASN D 174 22.12 -25.71 -8.42
C ASN D 174 23.21 -24.83 -9.02
N GLY D 175 23.18 -23.53 -8.71
CA GLY D 175 24.18 -22.61 -9.22
C GLY D 175 25.05 -22.01 -8.15
N LYS D 176 25.57 -22.85 -7.24
CA LYS D 176 26.42 -22.35 -6.17
C LYS D 176 27.76 -21.85 -6.69
N GLU D 177 28.17 -22.30 -7.88
CA GLU D 177 29.44 -21.88 -8.44
C GLU D 177 29.40 -20.42 -8.92
N THR D 178 28.21 -19.86 -9.10
CA THR D 178 28.06 -18.49 -9.56
C THR D 178 27.21 -17.62 -8.64
N LEU D 179 26.37 -18.23 -7.80
CA LEU D 179 25.51 -17.47 -6.89
C LEU D 179 26.17 -17.28 -5.52
N GLN D 180 26.70 -18.37 -4.95
CA GLN D 180 27.36 -18.29 -3.65
C GLN D 180 28.86 -18.04 -3.75
N ARG D 181 29.45 -18.24 -4.92
CA ARG D 181 30.87 -18.00 -5.09
C ARG D 181 31.18 -16.51 -5.10
N THR D 182 32.41 -16.19 -4.69
CA THR D 182 32.88 -14.80 -4.63
C THR D 182 34.28 -14.73 -5.22
N ASP D 183 34.46 -13.84 -6.20
CA ASP D 183 35.75 -13.65 -6.84
C ASP D 183 36.33 -12.28 -6.51
N PRO D 184 37.65 -12.16 -6.43
CA PRO D 184 38.23 -10.85 -6.12
C PRO D 184 38.06 -9.89 -7.27
N PRO D 185 37.91 -8.59 -7.00
CA PRO D 185 37.74 -7.62 -8.07
C PRO D 185 39.07 -7.07 -8.58
N LYS D 186 39.16 -6.94 -9.89
CA LYS D 186 40.38 -6.43 -10.52
C LYS D 186 40.45 -4.92 -10.32
N THR D 187 41.36 -4.48 -9.45
CA THR D 187 41.54 -3.07 -9.16
C THR D 187 42.58 -2.45 -10.09
N HIS D 188 42.50 -1.13 -10.24
CA HIS D 188 43.43 -0.40 -11.09
C HIS D 188 43.30 1.08 -10.78
N MET D 189 44.42 1.79 -10.80
CA MET D 189 44.47 3.21 -10.53
C MET D 189 44.50 3.99 -11.84
N THR D 190 43.66 5.01 -11.93
CA THR D 190 43.58 5.85 -13.13
C THR D 190 43.77 7.30 -12.72
N HIS D 191 44.79 7.95 -13.27
CA HIS D 191 45.10 9.34 -12.98
C HIS D 191 44.92 10.18 -14.23
N HIS D 192 44.22 11.31 -14.10
CA HIS D 192 43.96 12.21 -15.21
C HIS D 192 44.00 13.64 -14.70
N PRO D 193 45.09 14.38 -14.96
CA PRO D 193 45.18 15.77 -14.47
C PRO D 193 44.24 16.67 -15.25
N ILE D 194 43.29 17.28 -14.55
CA ILE D 194 42.33 18.17 -15.18
C ILE D 194 42.86 19.59 -15.33
N SER D 195 43.86 19.99 -14.54
CA SER D 195 44.43 21.33 -14.61
C SER D 195 45.65 21.35 -13.71
N ASP D 196 46.26 22.53 -13.60
CA ASP D 196 47.45 22.72 -12.78
C ASP D 196 47.12 22.92 -11.29
N HIS D 197 45.84 22.86 -10.92
CA HIS D 197 45.44 23.03 -9.53
C HIS D 197 44.91 21.76 -8.88
N GLU D 198 44.41 20.81 -9.67
CA GLU D 198 43.88 19.56 -9.13
C GLU D 198 43.84 18.53 -10.25
N ALA D 199 43.79 17.26 -9.84
CA ALA D 199 43.74 16.14 -10.77
C ALA D 199 42.62 15.20 -10.36
N THR D 200 42.33 14.25 -11.25
CA THR D 200 41.28 13.26 -11.02
C THR D 200 41.92 11.89 -10.80
N LEU D 201 41.51 11.22 -9.73
CA LEU D 201 42.01 9.89 -9.39
C LEU D 201 40.83 8.95 -9.23
N ARG D 202 40.67 8.04 -10.18
CA ARG D 202 39.57 7.08 -10.19
C ARG D 202 40.11 5.67 -9.97
N CYS D 203 39.40 4.90 -9.15
CA CYS D 203 39.78 3.52 -8.83
C CYS D 203 38.80 2.58 -9.51
N TRP D 204 39.30 1.76 -10.43
CA TRP D 204 38.49 0.81 -11.16
C TRP D 204 38.61 -0.58 -10.55
N ALA D 205 37.57 -1.39 -10.74
CA ALA D 205 37.54 -2.76 -10.22
C ALA D 205 36.55 -3.55 -11.07
N LEU D 206 37.06 -4.16 -12.14
CA LEU D 206 36.26 -4.94 -13.06
C LEU D 206 36.46 -6.43 -12.80
N GLY D 207 35.45 -7.22 -13.21
CA GLY D 207 35.50 -8.65 -13.02
C GLY D 207 35.50 -9.06 -11.56
N PHE D 208 34.32 -9.24 -10.99
CA PHE D 208 34.19 -9.65 -9.59
C PHE D 208 32.78 -10.17 -9.36
N TYR D 209 32.61 -10.83 -8.21
CA TYR D 209 31.32 -11.40 -7.84
C TYR D 209 31.17 -11.46 -6.32
N PRO D 210 30.00 -11.05 -5.81
CA PRO D 210 28.89 -10.57 -6.65
C PRO D 210 29.10 -9.13 -7.12
N ALA D 211 28.01 -8.48 -7.52
CA ALA D 211 28.08 -7.11 -8.00
C ALA D 211 27.97 -6.08 -6.88
N GLU D 212 27.22 -6.39 -5.82
CA GLU D 212 27.05 -5.46 -4.71
C GLU D 212 28.39 -5.18 -4.04
N ILE D 213 28.88 -3.94 -4.17
CA ILE D 213 30.15 -3.54 -3.58
C ILE D 213 30.04 -2.10 -3.12
N THR D 214 30.86 -1.73 -2.14
CA THR D 214 30.88 -0.39 -1.58
C THR D 214 32.30 0.14 -1.62
N LEU D 215 32.51 1.24 -2.34
CA LEU D 215 33.82 1.86 -2.47
C LEU D 215 33.71 3.32 -2.09
N THR D 216 34.49 3.74 -1.09
CA THR D 216 34.49 5.11 -0.61
C THR D 216 35.90 5.67 -0.65
N TRP D 217 35.98 6.99 -0.80
CA TRP D 217 37.26 7.69 -0.86
C TRP D 217 37.48 8.48 0.43
N GLN D 218 38.71 8.42 0.95
CA GLN D 218 39.07 9.11 2.17
C GLN D 218 40.33 9.95 1.94
N ARG D 219 40.42 11.08 2.64
CA ARG D 219 41.55 11.99 2.55
C ARG D 219 42.19 12.07 3.92
N ASP D 220 43.24 11.29 4.15
CA ASP D 220 43.95 11.27 5.43
C ASP D 220 43.04 10.81 6.57
N GLY D 221 42.07 9.94 6.26
CA GLY D 221 41.14 9.42 7.22
C GLY D 221 39.75 10.01 7.11
N GLU D 222 39.64 11.28 6.76
CA GLU D 222 38.34 11.93 6.62
C GLU D 222 37.65 11.46 5.36
N ASP D 223 36.33 11.36 5.43
CA ASP D 223 35.55 10.92 4.27
C ASP D 223 35.59 11.98 3.18
N GLN D 224 35.93 11.56 1.97
CA GLN D 224 36.00 12.49 0.85
C GLN D 224 34.62 12.92 0.35
N THR D 225 33.57 12.22 0.77
CA THR D 225 32.21 12.56 0.35
C THR D 225 31.80 13.94 0.87
N GLN D 226 30.94 14.61 0.13
CA GLN D 226 30.42 14.08 -1.12
C GLN D 226 31.20 14.60 -2.32
N ASP D 227 32.53 14.52 -2.22
CA ASP D 227 33.42 14.97 -3.29
C ASP D 227 34.02 13.81 -4.09
N THR D 228 33.53 12.60 -3.89
CA THR D 228 34.02 11.42 -4.59
C THR D 228 32.90 10.85 -5.45
N GLU D 229 33.12 10.80 -6.76
CA GLU D 229 32.12 10.29 -7.70
C GLU D 229 32.15 8.77 -7.65
N LEU D 230 31.11 8.17 -7.08
CA LEU D 230 30.97 6.73 -6.97
C LEU D 230 29.79 6.28 -7.82
N VAL D 231 30.06 5.41 -8.80
CA VAL D 231 29.03 4.89 -9.69
C VAL D 231 28.56 3.54 -9.16
N GLU D 232 27.28 3.25 -9.38
CA GLU D 232 26.72 2.00 -8.92
C GLU D 232 27.32 0.82 -9.69
N THR D 233 27.20 -0.37 -9.10
CA THR D 233 27.73 -1.57 -9.71
C THR D 233 26.95 -1.91 -10.98
N ARG D 234 27.66 -2.07 -12.09
CA ARG D 234 27.05 -2.38 -13.37
C ARG D 234 27.51 -3.75 -13.85
N PRO D 235 26.63 -4.52 -14.51
CA PRO D 235 27.03 -5.85 -15.00
C PRO D 235 27.78 -5.74 -16.32
N ALA D 236 28.89 -6.48 -16.41
CA ALA D 236 29.71 -6.47 -17.62
C ALA D 236 29.18 -7.42 -18.70
N GLY D 237 28.05 -8.08 -18.47
CA GLY D 237 27.47 -8.99 -19.43
C GLY D 237 27.89 -10.43 -19.26
N ASP D 238 29.06 -10.68 -18.67
CA ASP D 238 29.57 -12.02 -18.45
C ASP D 238 29.26 -12.55 -17.05
N GLY D 239 28.27 -11.99 -16.38
CA GLY D 239 27.88 -12.40 -15.05
C GLY D 239 28.58 -11.66 -13.94
N THR D 240 29.79 -11.17 -14.16
CA THR D 240 30.54 -10.44 -13.15
C THR D 240 30.02 -9.01 -13.07
N PHE D 241 30.80 -8.13 -12.44
CA PHE D 241 30.43 -6.73 -12.28
C PHE D 241 31.70 -5.88 -12.28
N GLN D 242 31.51 -4.57 -12.23
CA GLN D 242 32.64 -3.64 -12.22
C GLN D 242 32.22 -2.36 -11.53
N LYS D 243 33.13 -1.76 -10.77
CA LYS D 243 32.87 -0.54 -10.04
C LYS D 243 34.05 0.42 -10.25
N TRP D 244 33.90 1.63 -9.73
CA TRP D 244 34.94 2.65 -9.85
C TRP D 244 34.55 3.85 -9.02
N ALA D 245 35.52 4.41 -8.30
CA ALA D 245 35.31 5.57 -7.43
C ALA D 245 36.38 6.60 -7.74
N ALA D 246 35.97 7.72 -8.32
CA ALA D 246 36.88 8.80 -8.66
C ALA D 246 36.82 9.91 -7.61
N VAL D 247 37.82 10.78 -7.65
CA VAL D 247 37.92 11.90 -6.72
C VAL D 247 39.01 12.85 -7.18
N VAL D 248 38.69 14.14 -7.21
CA VAL D 248 39.64 15.17 -7.64
C VAL D 248 40.41 15.65 -6.40
N VAL D 249 41.72 15.42 -6.40
CA VAL D 249 42.57 15.82 -5.29
C VAL D 249 43.48 16.95 -5.75
N PRO D 250 44.22 17.59 -4.85
CA PRO D 250 45.10 18.68 -5.27
C PRO D 250 46.29 18.17 -6.06
N SER D 251 46.95 19.10 -6.75
CA SER D 251 48.11 18.77 -7.57
C SER D 251 49.25 18.26 -6.70
N GLY D 252 49.38 16.93 -6.58
CA GLY D 252 50.42 16.34 -5.79
C GLY D 252 50.01 15.87 -4.42
N GLU D 253 48.72 15.88 -4.10
CA GLU D 253 48.22 15.45 -2.80
C GLU D 253 47.41 14.16 -2.88
N GLU D 254 47.53 13.41 -3.98
CA GLU D 254 46.79 12.17 -4.14
C GLU D 254 47.40 11.01 -3.35
N GLN D 255 48.58 11.20 -2.75
CA GLN D 255 49.20 10.13 -1.98
C GLN D 255 48.43 9.87 -0.69
N ARG D 256 47.92 10.92 -0.05
CA ARG D 256 47.17 10.74 1.19
C ARG D 256 45.79 10.15 0.95
N TYR D 257 45.30 10.18 -0.29
CA TYR D 257 43.99 9.63 -0.57
C TYR D 257 44.00 8.11 -0.52
N THR D 258 42.96 7.54 0.07
CA THR D 258 42.83 6.09 0.19
C THR D 258 41.46 5.66 -0.29
N CYS D 259 41.40 4.50 -0.94
CA CYS D 259 40.16 3.94 -1.47
C CYS D 259 39.81 2.68 -0.69
N HIS D 260 38.65 2.69 -0.05
CA HIS D 260 38.17 1.56 0.74
C HIS D 260 37.10 0.81 -0.04
N VAL D 261 37.31 -0.49 -0.23
CA VAL D 261 36.37 -1.34 -0.95
C VAL D 261 35.95 -2.48 -0.02
N GLN D 262 34.64 -2.75 0.02
CA GLN D 262 34.09 -3.81 0.85
C GLN D 262 32.86 -4.39 0.16
N HIS D 263 32.82 -5.71 0.08
CA HIS D 263 31.69 -6.39 -0.56
C HIS D 263 31.81 -7.90 -0.40
N GLU D 264 31.01 -8.66 -1.16
CA GLU D 264 31.06 -10.11 -1.08
C GLU D 264 32.32 -10.66 -1.74
N GLY D 265 32.69 -10.12 -2.90
CA GLY D 265 33.88 -10.58 -3.57
C GLY D 265 35.15 -10.33 -2.80
N LEU D 266 35.18 -9.26 -2.00
CA LEU D 266 36.34 -8.92 -1.19
C LEU D 266 36.02 -9.15 0.29
N PRO D 267 36.41 -10.29 0.86
CA PRO D 267 36.09 -10.52 2.29
C PRO D 267 36.76 -9.52 3.22
N LYS D 268 37.94 -8.99 2.85
CA LYS D 268 38.61 -8.03 3.70
C LYS D 268 38.49 -6.62 3.14
N PRO D 269 38.32 -5.62 3.99
CA PRO D 269 38.20 -4.25 3.49
C PRO D 269 39.45 -3.76 2.79
N LEU D 270 39.47 -3.83 1.46
CA LEU D 270 40.63 -3.41 0.70
C LEU D 270 40.84 -1.91 0.85
N THR D 271 42.11 -1.50 0.89
CA THR D 271 42.49 -0.09 1.03
C THR D 271 43.63 0.18 0.05
N LEU D 272 43.31 0.78 -1.08
CA LEU D 272 44.29 1.11 -2.10
C LEU D 272 44.78 2.54 -1.92
N ARG D 273 46.05 2.76 -2.27
CA ARG D 273 46.68 4.07 -2.16
C ARG D 273 47.57 4.30 -3.36
N TRP D 274 47.51 5.50 -3.92
CA TRP D 274 48.32 5.85 -5.09
C TRP D 274 49.63 6.48 -4.65
N GLU E 1 -27.20 11.33 -65.60
CA GLU E 1 -27.37 12.58 -64.88
C GLU E 1 -27.62 12.33 -63.40
N PRO E 2 -26.76 12.88 -62.54
CA PRO E 2 -26.93 12.68 -61.10
C PRO E 2 -28.01 13.61 -60.54
N ALA E 3 -28.83 13.05 -59.66
CA ALA E 3 -29.92 13.81 -59.04
C ALA E 3 -29.36 14.57 -57.83
N VAL E 4 -29.26 15.89 -57.97
CA VAL E 4 -28.75 16.75 -56.90
C VAL E 4 -29.93 17.15 -56.03
N TYR E 5 -30.05 16.53 -54.86
CA TYR E 5 -31.15 16.84 -53.95
C TYR E 5 -30.93 18.17 -53.24
N PHE E 6 -29.69 18.44 -52.82
CA PHE E 6 -29.38 19.69 -52.12
C PHE E 6 -27.90 19.98 -52.29
N LYS E 7 -27.57 21.26 -52.46
CA LYS E 7 -26.18 21.68 -52.63
C LYS E 7 -26.03 23.08 -52.04
N GLU E 8 -25.12 23.21 -51.08
CA GLU E 8 -24.86 24.49 -50.42
C GLU E 8 -23.36 24.74 -50.41
N GLN E 9 -22.93 25.84 -51.03
CA GLN E 9 -21.52 26.20 -51.10
C GLN E 9 -21.19 27.53 -50.47
N PHE E 10 -22.17 28.42 -50.27
CA PHE E 10 -21.94 29.73 -49.66
C PHE E 10 -20.99 30.56 -50.51
N LEU E 11 -21.37 30.75 -51.77
CA LEU E 11 -20.58 31.52 -52.73
C LEU E 11 -21.37 32.71 -53.28
N ASP E 12 -22.45 33.10 -52.62
CA ASP E 12 -23.29 34.22 -53.06
C ASP E 12 -23.40 35.29 -51.99
N GLY E 13 -22.42 35.34 -51.08
CA GLY E 13 -22.45 36.34 -50.04
C GLY E 13 -23.49 35.99 -48.99
N ASP E 14 -24.36 36.96 -48.67
CA ASP E 14 -25.41 36.76 -47.69
C ASP E 14 -26.62 36.03 -48.25
N GLY E 15 -26.57 35.59 -49.52
CA GLY E 15 -27.70 34.89 -50.10
C GLY E 15 -28.07 33.64 -49.29
N TRP E 16 -27.09 33.03 -48.62
CA TRP E 16 -27.37 31.86 -47.81
C TRP E 16 -28.41 32.14 -46.73
N THR E 17 -28.57 33.40 -46.32
CA THR E 17 -29.58 33.73 -45.32
C THR E 17 -30.99 33.48 -45.83
N SER E 18 -31.19 33.42 -47.14
CA SER E 18 -32.51 33.18 -47.71
C SER E 18 -32.85 31.70 -47.81
N ARG E 19 -31.86 30.81 -47.70
CA ARG E 19 -32.10 29.37 -47.79
C ARG E 19 -32.06 28.68 -46.43
N TRP E 20 -31.40 29.26 -45.44
CA TRP E 20 -31.29 28.68 -44.11
C TRP E 20 -32.23 29.40 -43.15
N ILE E 21 -32.90 28.64 -42.31
CA ILE E 21 -33.84 29.17 -41.32
C ILE E 21 -33.32 28.86 -39.93
N GLU E 22 -33.42 29.83 -39.03
CA GLU E 22 -32.97 29.67 -37.65
C GLU E 22 -34.13 29.24 -36.77
N SER E 23 -33.92 28.17 -36.00
CA SER E 23 -34.96 27.67 -35.11
C SER E 23 -35.27 28.69 -34.02
N LYS E 24 -36.54 28.79 -33.65
CA LYS E 24 -37.00 29.70 -32.62
C LYS E 24 -37.42 28.98 -31.34
N HIS E 25 -37.07 27.71 -31.19
CA HIS E 25 -37.44 26.97 -29.99
C HIS E 25 -36.72 27.50 -28.76
N LYS E 26 -35.52 28.04 -28.92
CA LYS E 26 -34.73 28.56 -27.82
C LYS E 26 -34.39 30.02 -28.10
N SER E 27 -34.52 30.86 -27.07
CA SER E 27 -34.22 32.28 -27.20
C SER E 27 -32.75 32.60 -27.03
N ASP E 28 -31.92 31.62 -26.68
CA ASP E 28 -30.49 31.80 -26.47
C ASP E 28 -29.71 30.81 -27.31
N PHE E 29 -30.06 30.72 -28.59
CA PHE E 29 -29.39 29.80 -29.50
C PHE E 29 -28.14 30.45 -30.10
N GLY E 30 -27.20 29.61 -30.52
CA GLY E 30 -25.98 30.11 -31.10
C GLY E 30 -26.22 30.76 -32.46
N LYS E 31 -25.40 31.77 -32.75
CA LYS E 31 -25.49 32.51 -34.00
C LYS E 31 -24.37 32.06 -34.93
N PHE E 32 -24.74 31.72 -36.16
CA PHE E 32 -23.79 31.27 -37.18
C PHE E 32 -23.46 32.42 -38.11
N VAL E 33 -22.16 32.59 -38.40
CA VAL E 33 -21.68 33.64 -39.27
C VAL E 33 -20.92 33.00 -40.43
N LEU E 34 -21.14 33.54 -41.63
CA LEU E 34 -20.48 33.02 -42.83
C LEU E 34 -19.09 33.64 -42.93
N SER E 35 -18.06 32.81 -42.75
CA SER E 35 -16.69 33.28 -42.83
C SER E 35 -15.81 32.14 -43.35
N SER E 36 -14.54 32.47 -43.58
CA SER E 36 -13.56 31.50 -44.08
C SER E 36 -12.48 31.16 -43.06
N GLY E 37 -12.54 31.74 -41.87
CA GLY E 37 -11.55 31.47 -40.85
C GLY E 37 -10.27 32.25 -41.04
N LYS E 38 -9.36 32.12 -40.06
CA LYS E 38 -8.08 32.81 -40.14
C LYS E 38 -7.22 32.29 -41.27
N PHE E 39 -7.34 31.01 -41.61
CA PHE E 39 -6.56 30.39 -42.67
C PHE E 39 -7.46 29.48 -43.49
N TYR E 40 -7.24 29.47 -44.80
CA TYR E 40 -8.02 28.64 -45.71
C TYR E 40 -7.34 28.65 -47.07
N GLY E 41 -7.81 27.77 -47.95
CA GLY E 41 -7.23 27.70 -49.29
C GLY E 41 -7.67 28.85 -50.17
N ASP E 42 -8.95 29.19 -50.15
CA ASP E 42 -9.50 30.27 -50.95
C ASP E 42 -10.35 31.16 -50.06
N GLU E 43 -10.16 32.47 -50.17
CA GLU E 43 -10.92 33.41 -49.34
C GLU E 43 -12.40 33.40 -49.73
N GLU E 44 -12.72 33.07 -50.98
CA GLU E 44 -14.10 33.03 -51.45
C GLU E 44 -14.66 31.63 -51.53
N LYS E 45 -13.83 30.61 -51.75
CA LYS E 45 -14.30 29.24 -51.85
C LYS E 45 -14.44 28.57 -50.49
N ASP E 46 -13.62 28.96 -49.51
CA ASP E 46 -13.67 28.39 -48.18
C ASP E 46 -14.69 29.06 -47.27
N LYS E 47 -15.55 29.92 -47.83
CA LYS E 47 -16.56 30.60 -47.03
C LYS E 47 -17.68 29.64 -46.66
N GLY E 48 -18.00 29.57 -45.38
CA GLY E 48 -19.05 28.68 -44.91
C GLY E 48 -19.56 29.14 -43.55
N LEU E 49 -20.57 28.42 -43.06
CA LEU E 49 -21.16 28.74 -41.78
C LEU E 49 -20.23 28.31 -40.65
N GLN E 50 -20.01 29.20 -39.69
CA GLN E 50 -19.15 28.94 -38.55
C GLN E 50 -19.81 29.47 -37.29
N THR E 51 -19.64 28.73 -36.19
CA THR E 51 -20.22 29.13 -34.91
C THR E 51 -19.40 30.24 -34.30
N SER E 52 -20.07 31.28 -33.81
CA SER E 52 -19.43 32.42 -33.19
C SER E 52 -19.74 32.56 -31.70
N GLN E 53 -20.49 31.62 -31.13
CA GLN E 53 -20.85 31.64 -29.73
C GLN E 53 -20.29 30.41 -29.05
N ASP E 54 -19.50 30.62 -27.99
CA ASP E 54 -18.89 29.51 -27.26
C ASP E 54 -19.84 29.02 -26.17
N ALA E 55 -19.89 27.70 -26.01
CA ALA E 55 -20.74 27.06 -25.01
C ALA E 55 -22.22 27.37 -25.28
N ARG E 56 -22.67 26.98 -26.46
CA ARG E 56 -24.05 27.19 -26.88
C ARG E 56 -24.47 26.04 -27.79
N PHE E 57 -25.73 26.08 -28.22
CA PHE E 57 -26.29 25.06 -29.10
C PHE E 57 -26.89 25.73 -30.32
N TYR E 58 -26.48 25.28 -31.50
CA TYR E 58 -26.97 25.83 -32.76
C TYR E 58 -28.00 24.89 -33.38
N ALA E 59 -28.95 25.49 -34.11
CA ALA E 59 -30.01 24.72 -34.76
C ALA E 59 -30.39 25.46 -36.04
N LEU E 60 -29.66 25.18 -37.12
CA LEU E 60 -29.90 25.81 -38.42
C LEU E 60 -30.18 24.72 -39.44
N SER E 61 -31.39 24.73 -39.99
CA SER E 61 -31.82 23.75 -40.99
C SER E 61 -32.00 24.43 -42.34
N ALA E 62 -32.00 23.61 -43.38
CA ALA E 62 -32.17 24.09 -44.75
C ALA E 62 -33.16 23.19 -45.46
N SER E 63 -34.24 23.78 -45.98
CA SER E 63 -35.26 23.01 -46.68
C SER E 63 -34.87 22.81 -48.14
N PHE E 64 -35.55 21.88 -48.79
CA PHE E 64 -35.30 21.57 -50.19
C PHE E 64 -36.48 20.75 -50.72
N GLU E 65 -36.35 20.31 -51.97
CA GLU E 65 -37.42 19.52 -52.57
C GLU E 65 -37.50 18.15 -51.91
N PRO E 66 -38.68 17.70 -51.50
CA PRO E 66 -38.78 16.39 -50.85
C PRO E 66 -38.54 15.26 -51.84
N PHE E 67 -37.91 14.19 -51.35
CA PHE E 67 -37.61 13.03 -52.17
C PHE E 67 -37.47 11.82 -51.27
N SER E 68 -37.57 10.64 -51.89
CA SER E 68 -37.46 9.36 -51.18
C SER E 68 -36.33 8.55 -51.79
N ASN E 69 -35.56 7.90 -50.91
CA ASN E 69 -34.43 7.08 -51.33
C ASN E 69 -34.83 5.63 -51.63
N LYS E 70 -36.13 5.35 -51.72
CA LYS E 70 -36.58 4.00 -52.00
C LYS E 70 -36.20 3.60 -53.42
N GLY E 71 -35.51 2.47 -53.55
CA GLY E 71 -35.08 1.96 -54.84
C GLY E 71 -33.82 2.58 -55.39
N GLN E 72 -33.28 3.62 -54.75
CA GLN E 72 -32.07 4.30 -55.20
C GLN E 72 -31.08 4.34 -54.04
N THR E 73 -29.96 5.02 -54.27
CA THR E 73 -28.91 5.17 -53.28
C THR E 73 -28.87 6.60 -52.75
N LEU E 74 -28.51 6.74 -51.49
CA LEU E 74 -28.42 8.03 -50.82
C LEU E 74 -26.96 8.40 -50.60
N VAL E 75 -26.63 9.66 -50.86
CA VAL E 75 -25.26 10.18 -50.70
C VAL E 75 -25.36 11.54 -50.03
N VAL E 76 -24.83 11.66 -48.82
CA VAL E 76 -24.83 12.90 -48.06
C VAL E 76 -23.41 13.18 -47.62
N GLN E 77 -22.79 14.21 -48.19
CA GLN E 77 -21.42 14.59 -47.87
C GLN E 77 -21.40 16.03 -47.37
N PHE E 78 -20.46 16.31 -46.46
CA PHE E 78 -20.30 17.64 -45.90
C PHE E 78 -18.88 17.81 -45.40
N THR E 79 -18.40 19.05 -45.43
CA THR E 79 -17.06 19.38 -45.00
C THR E 79 -17.13 20.18 -43.70
N VAL E 80 -16.37 19.72 -42.70
CA VAL E 80 -16.34 20.37 -41.39
C VAL E 80 -14.89 20.59 -41.01
N LYS E 81 -14.57 21.79 -40.53
CA LYS E 81 -13.22 22.15 -40.13
C LYS E 81 -13.26 22.83 -38.77
N HIS E 82 -12.49 22.30 -37.83
CA HIS E 82 -12.42 22.84 -36.47
C HIS E 82 -11.07 23.53 -36.27
N GLU E 83 -10.93 24.70 -36.90
CA GLU E 83 -9.69 25.46 -36.80
C GLU E 83 -9.50 26.09 -35.43
N GLN E 84 -10.53 26.13 -34.60
CA GLN E 84 -10.44 26.72 -33.26
C GLN E 84 -9.98 25.72 -32.20
N ASN E 85 -9.69 24.47 -32.60
CA ASN E 85 -9.24 23.44 -31.66
C ASN E 85 -10.32 23.16 -30.61
N ILE E 86 -11.48 22.76 -31.09
CA ILE E 86 -12.60 22.46 -30.19
C ILE E 86 -12.29 21.21 -29.38
N ASP E 87 -12.57 21.27 -28.08
CA ASP E 87 -12.33 20.16 -27.18
C ASP E 87 -13.61 19.42 -26.78
N CYS E 88 -14.78 19.90 -27.22
CA CYS E 88 -16.04 19.25 -26.88
C CYS E 88 -17.17 19.84 -27.70
N GLY E 89 -17.41 19.31 -28.89
CA GLY E 89 -18.47 19.80 -29.74
C GLY E 89 -18.79 18.79 -30.84
N GLY E 90 -19.95 19.01 -31.47
CA GLY E 90 -20.39 18.14 -32.53
C GLY E 90 -20.36 18.80 -33.89
N GLY E 91 -20.29 18.00 -34.95
CA GLY E 91 -20.27 18.52 -36.30
C GLY E 91 -21.01 17.65 -37.29
N TYR E 92 -22.11 17.04 -36.84
CA TYR E 92 -22.93 16.19 -37.68
C TYR E 92 -24.16 16.94 -38.17
N VAL E 93 -24.85 16.33 -39.14
CA VAL E 93 -26.05 16.90 -39.72
C VAL E 93 -27.22 15.95 -39.47
N LYS E 94 -28.43 16.51 -39.57
CA LYS E 94 -29.66 15.75 -39.37
C LYS E 94 -30.53 15.85 -40.63
N LEU E 95 -31.14 14.72 -40.99
CA LEU E 95 -32.00 14.64 -42.17
C LEU E 95 -33.44 14.49 -41.68
N PHE E 96 -34.18 15.61 -41.72
CA PHE E 96 -35.57 15.60 -41.27
C PHE E 96 -36.51 15.45 -42.47
N PRO E 97 -37.69 14.86 -42.25
CA PRO E 97 -38.63 14.69 -43.37
C PRO E 97 -39.35 15.98 -43.72
N ASN E 98 -40.50 15.86 -44.38
CA ASN E 98 -41.28 17.04 -44.76
C ASN E 98 -42.18 17.55 -43.65
N SER E 99 -42.38 16.77 -42.60
CA SER E 99 -43.23 17.18 -41.49
C SER E 99 -42.47 17.89 -40.39
N LEU E 100 -41.25 18.32 -40.68
CA LEU E 100 -40.42 19.01 -39.70
C LEU E 100 -40.62 20.52 -39.81
N ASP E 101 -40.68 21.18 -38.67
CA ASP E 101 -40.87 22.62 -38.59
C ASP E 101 -39.52 23.28 -38.36
N GLN E 102 -39.06 24.08 -39.34
CA GLN E 102 -37.78 24.74 -39.20
C GLN E 102 -37.81 25.80 -38.11
N THR E 103 -38.96 26.41 -37.86
CA THR E 103 -39.08 27.44 -36.83
C THR E 103 -39.08 26.87 -35.42
N ASP E 104 -39.25 25.55 -35.28
CA ASP E 104 -39.27 24.92 -33.96
C ASP E 104 -38.34 23.71 -33.89
N MET E 105 -37.34 23.66 -34.77
CA MET E 105 -36.39 22.54 -34.78
C MET E 105 -35.51 22.56 -33.54
N HIS E 106 -35.35 21.40 -32.91
CA HIS E 106 -34.53 21.25 -31.72
C HIS E 106 -33.82 19.90 -31.76
N GLY E 107 -33.10 19.59 -30.68
CA GLY E 107 -32.38 18.33 -30.62
C GLY E 107 -33.30 17.13 -30.49
N ASP E 108 -34.51 17.32 -29.96
CA ASP E 108 -35.47 16.26 -29.78
C ASP E 108 -36.42 16.11 -30.97
N SER E 109 -36.20 16.87 -32.04
CA SER E 109 -37.07 16.77 -33.20
C SER E 109 -36.91 15.42 -33.91
N GLU E 110 -38.00 14.94 -34.48
CA GLU E 110 -37.98 13.66 -35.17
C GLU E 110 -37.13 13.77 -36.44
N TYR E 111 -36.08 12.97 -36.52
CA TYR E 111 -35.18 12.95 -37.67
C TYR E 111 -35.15 11.57 -38.29
N ASN E 112 -34.64 11.51 -39.53
CA ASN E 112 -34.54 10.25 -40.26
C ASN E 112 -33.15 9.62 -40.14
N ILE E 113 -32.10 10.39 -40.42
CA ILE E 113 -30.73 9.89 -40.33
C ILE E 113 -29.84 10.98 -39.74
N MET E 114 -28.83 10.56 -39.00
CA MET E 114 -27.90 11.49 -38.37
C MET E 114 -26.47 10.96 -38.43
N PHE E 115 -25.63 11.63 -39.21
CA PHE E 115 -24.23 11.24 -39.35
C PHE E 115 -23.36 12.49 -39.33
N GLY E 116 -22.09 12.29 -38.96
CA GLY E 116 -21.15 13.38 -38.89
C GLY E 116 -20.20 13.23 -37.72
N PRO E 117 -19.13 14.01 -37.72
CA PRO E 117 -18.16 13.94 -36.62
C PRO E 117 -18.78 14.36 -35.30
N ASP E 118 -18.24 13.81 -34.22
CA ASP E 118 -18.73 14.11 -32.88
C ASP E 118 -17.57 13.99 -31.90
N ILE E 119 -17.32 15.05 -31.14
CA ILE E 119 -16.24 15.08 -30.16
C ILE E 119 -16.78 15.67 -28.86
N CYS E 120 -16.12 15.32 -27.75
CA CYS E 120 -16.52 15.80 -26.44
C CYS E 120 -15.50 15.39 -25.38
N GLY E 121 -14.23 15.57 -25.67
CA GLY E 121 -13.17 15.21 -24.74
C GLY E 121 -12.26 14.13 -25.30
N PRO E 122 -11.36 13.61 -24.47
CA PRO E 122 -10.45 12.56 -24.95
C PRO E 122 -11.14 11.25 -25.28
N GLY E 123 -12.23 10.92 -24.59
CA GLY E 123 -12.97 9.71 -24.85
C GLY E 123 -14.16 9.83 -25.76
N THR E 124 -14.44 11.03 -26.26
CA THR E 124 -15.56 11.27 -27.16
C THR E 124 -15.02 11.85 -28.46
N LYS E 125 -15.08 11.07 -29.54
CA LYS E 125 -14.60 11.51 -30.84
C LYS E 125 -14.86 10.44 -31.89
N LYS E 126 -16.13 10.17 -32.19
CA LYS E 126 -16.52 9.17 -33.16
C LYS E 126 -17.42 9.80 -34.22
N VAL E 127 -17.68 9.03 -35.27
CA VAL E 127 -18.51 9.48 -36.38
C VAL E 127 -19.91 8.91 -36.16
N HIS E 128 -20.84 9.76 -35.73
CA HIS E 128 -22.20 9.32 -35.49
C HIS E 128 -22.91 9.00 -36.80
N VAL E 129 -23.65 7.89 -36.80
CA VAL E 129 -24.39 7.46 -37.99
C VAL E 129 -25.62 6.68 -37.56
N ILE E 130 -26.50 7.32 -36.79
CA ILE E 130 -27.72 6.68 -36.31
C ILE E 130 -28.76 6.67 -37.42
N PHE E 131 -29.85 5.94 -37.20
CA PHE E 131 -30.92 5.86 -38.18
C PHE E 131 -32.23 5.58 -37.46
N ASN E 132 -33.30 6.21 -37.92
CA ASN E 132 -34.61 6.04 -37.32
C ASN E 132 -35.24 4.73 -37.80
N TYR E 133 -35.65 3.90 -36.85
CA TYR E 133 -36.27 2.62 -37.17
C TYR E 133 -37.10 2.16 -35.99
N LYS E 134 -38.35 1.77 -36.26
CA LYS E 134 -39.26 1.29 -35.21
C LYS E 134 -39.43 2.35 -34.11
N GLY E 135 -39.41 3.61 -34.51
CA GLY E 135 -39.55 4.69 -33.54
C GLY E 135 -38.37 4.88 -32.62
N LYS E 136 -37.22 4.28 -32.96
CA LYS E 136 -36.03 4.39 -32.13
C LYS E 136 -34.83 4.72 -33.02
N ASN E 137 -33.97 5.60 -32.54
CA ASN E 137 -32.78 6.02 -33.27
C ASN E 137 -31.65 5.03 -32.94
N VAL E 138 -31.46 4.05 -33.81
CA VAL E 138 -30.42 3.05 -33.62
C VAL E 138 -29.06 3.66 -33.94
N LEU E 139 -28.04 3.27 -33.18
CA LEU E 139 -26.68 3.77 -33.37
C LEU E 139 -25.82 2.69 -33.99
N ILE E 140 -24.80 3.11 -34.74
CA ILE E 140 -23.90 2.17 -35.40
C ILE E 140 -23.08 1.45 -34.34
N ASN E 141 -22.99 0.12 -34.47
CA ASN E 141 -22.24 -0.69 -33.52
C ASN E 141 -20.73 -0.66 -33.79
N LYS E 142 -20.28 0.01 -34.84
CA LYS E 142 -18.87 0.10 -35.17
C LYS E 142 -18.29 1.43 -34.68
N ASP E 143 -17.02 1.39 -34.29
CA ASP E 143 -16.32 2.57 -33.80
C ASP E 143 -15.60 3.23 -34.97
N ILE E 144 -16.01 4.44 -35.31
CA ILE E 144 -15.42 5.21 -36.40
C ILE E 144 -14.80 6.47 -35.80
N ARG E 145 -13.47 6.52 -35.79
CA ARG E 145 -12.79 7.68 -35.23
C ARG E 145 -12.96 8.88 -36.14
N SER E 146 -13.14 10.05 -35.52
CA SER E 146 -13.31 11.31 -36.24
C SER E 146 -12.07 12.17 -36.11
N LYS E 147 -11.90 13.08 -37.07
CA LYS E 147 -10.76 13.98 -37.06
C LYS E 147 -10.92 15.06 -36.00
N ASP E 148 -9.83 15.37 -35.30
CA ASP E 148 -9.83 16.39 -34.26
C ASP E 148 -8.83 17.49 -34.51
N ASP E 149 -8.25 17.55 -35.70
CA ASP E 149 -7.27 18.58 -36.03
C ASP E 149 -7.99 19.88 -36.37
N GLU E 150 -7.24 20.88 -36.84
CA GLU E 150 -7.79 22.18 -37.19
C GLU E 150 -7.97 22.35 -38.69
N PHE E 151 -7.72 21.30 -39.48
CA PHE E 151 -7.87 21.36 -40.92
C PHE E 151 -9.30 21.02 -41.33
N THR E 152 -9.57 21.17 -42.62
CA THR E 152 -10.89 20.89 -43.17
C THR E 152 -11.00 19.41 -43.53
N HIS E 153 -12.02 18.75 -43.00
CA HIS E 153 -12.26 17.35 -43.23
C HIS E 153 -13.54 17.16 -44.05
N LEU E 154 -13.57 16.07 -44.84
CA LEU E 154 -14.71 15.75 -45.69
C LEU E 154 -15.30 14.43 -45.22
N TYR E 155 -16.59 14.46 -44.85
CA TYR E 155 -17.30 13.28 -44.38
C TYR E 155 -18.43 12.97 -45.36
N THR E 156 -18.38 11.78 -45.94
CA THR E 156 -19.37 11.33 -46.90
C THR E 156 -20.05 10.06 -46.39
N LEU E 157 -21.37 10.00 -46.53
CA LEU E 157 -22.16 8.86 -46.10
C LEU E 157 -23.00 8.37 -47.26
N ILE E 158 -22.83 7.11 -47.63
CA ILE E 158 -23.55 6.50 -48.74
C ILE E 158 -24.35 5.31 -48.21
N VAL E 159 -25.55 5.13 -48.73
CA VAL E 159 -26.43 4.03 -48.33
C VAL E 159 -27.16 3.54 -49.57
N ARG E 160 -26.79 2.37 -50.05
CA ARG E 160 -27.41 1.79 -51.24
C ARG E 160 -28.73 1.12 -50.87
N PRO E 161 -29.52 0.73 -51.88
CA PRO E 161 -30.81 0.07 -51.59
C PRO E 161 -30.68 -1.39 -51.19
N ASP E 162 -29.49 -1.98 -51.29
CA ASP E 162 -29.27 -3.38 -50.94
C ASP E 162 -28.86 -3.55 -49.47
N ASN E 163 -29.32 -2.67 -48.59
CA ASN E 163 -29.00 -2.74 -47.17
C ASN E 163 -27.50 -2.60 -46.93
N THR E 164 -26.82 -1.84 -47.79
CA THR E 164 -25.38 -1.62 -47.68
C THR E 164 -25.12 -0.15 -47.39
N TYR E 165 -24.14 0.11 -46.53
CA TYR E 165 -23.75 1.46 -46.15
C TYR E 165 -22.24 1.58 -46.14
N GLU E 166 -21.76 2.76 -46.50
CA GLU E 166 -20.33 3.04 -46.52
C GLU E 166 -20.08 4.47 -46.10
N VAL E 167 -19.16 4.67 -45.17
CA VAL E 167 -18.81 5.98 -44.64
C VAL E 167 -17.36 6.25 -45.01
N LYS E 168 -17.11 7.36 -45.70
CA LYS E 168 -15.77 7.75 -46.11
C LYS E 168 -15.39 9.08 -45.47
N ILE E 169 -14.11 9.24 -45.20
CA ILE E 169 -13.57 10.45 -44.58
C ILE E 169 -12.46 10.99 -45.46
N ASP E 170 -12.63 12.23 -45.94
CA ASP E 170 -11.64 12.87 -46.81
C ASP E 170 -11.47 12.09 -48.11
N ASN E 171 -12.60 11.67 -48.70
CA ASN E 171 -12.63 10.91 -49.95
C ASN E 171 -12.01 9.52 -49.81
N SER E 172 -11.83 9.03 -48.59
CA SER E 172 -11.24 7.72 -48.34
C SER E 172 -12.24 6.86 -47.59
N GLN E 173 -12.45 5.63 -48.07
CA GLN E 173 -13.38 4.71 -47.44
C GLN E 173 -12.86 4.32 -46.06
N VAL E 174 -13.57 4.75 -45.01
CA VAL E 174 -13.17 4.43 -43.64
C VAL E 174 -14.02 3.33 -43.02
N GLU E 175 -15.23 3.09 -43.53
CA GLU E 175 -16.10 2.06 -42.98
C GLU E 175 -17.10 1.65 -44.04
N SER E 176 -17.67 0.46 -43.87
CA SER E 176 -18.65 -0.07 -44.81
C SER E 176 -19.19 -1.38 -44.25
N GLY E 177 -20.33 -1.80 -44.77
CA GLY E 177 -20.95 -3.03 -44.33
C GLY E 177 -22.43 -3.03 -44.67
N SER E 178 -23.18 -3.82 -43.91
CA SER E 178 -24.61 -3.96 -44.08
C SER E 178 -25.35 -3.36 -42.88
N LEU E 179 -26.53 -2.81 -43.15
CA LEU E 179 -27.31 -2.19 -42.08
C LEU E 179 -27.85 -3.24 -41.10
N GLU E 180 -28.06 -4.47 -41.58
CA GLU E 180 -28.56 -5.53 -40.71
C GLU E 180 -27.50 -6.11 -39.80
N ASP E 181 -26.22 -5.86 -40.09
CA ASP E 181 -25.12 -6.36 -39.27
C ASP E 181 -24.45 -5.28 -38.43
N ASP E 182 -24.33 -4.06 -38.95
CA ASP E 182 -23.71 -2.98 -38.21
C ASP E 182 -24.65 -2.30 -37.24
N TRP E 183 -25.95 -2.56 -37.33
CA TRP E 183 -26.95 -1.96 -36.44
C TRP E 183 -27.76 -3.06 -35.77
N ASP E 184 -28.30 -2.72 -34.61
CA ASP E 184 -29.11 -3.66 -33.83
C ASP E 184 -30.59 -3.45 -34.13
N PHE E 185 -30.94 -3.70 -35.39
CA PHE E 185 -32.31 -3.56 -35.87
C PHE E 185 -33.04 -4.89 -35.99
N LEU E 186 -32.50 -5.95 -35.40
CA LEU E 186 -33.12 -7.26 -35.46
C LEU E 186 -33.84 -7.60 -34.15
N LYS E 189 -31.32 -14.20 -35.16
CA LYS E 189 -30.15 -14.78 -35.83
C LYS E 189 -29.94 -16.24 -35.40
N LYS E 190 -29.81 -16.45 -34.09
CA LYS E 190 -29.61 -17.78 -33.54
C LYS E 190 -29.91 -17.73 -32.05
N ILE E 191 -30.02 -18.91 -31.45
CA ILE E 191 -30.30 -19.03 -30.02
C ILE E 191 -29.87 -20.43 -29.58
N LYS E 192 -29.65 -20.59 -28.28
CA LYS E 192 -29.24 -21.86 -27.71
C LYS E 192 -30.45 -22.63 -27.22
N ASP E 193 -30.41 -23.94 -27.40
CA ASP E 193 -31.52 -24.80 -26.97
C ASP E 193 -31.63 -24.79 -25.46
N PRO E 194 -32.69 -24.18 -24.88
CA PRO E 194 -32.79 -24.18 -23.42
C PRO E 194 -33.04 -25.56 -22.83
N ASP E 195 -33.64 -26.47 -23.59
CA ASP E 195 -33.91 -27.82 -23.09
C ASP E 195 -32.64 -28.61 -22.87
N ALA E 196 -31.55 -28.27 -23.55
CA ALA E 196 -30.30 -29.00 -23.39
C ALA E 196 -29.70 -28.73 -22.02
N SER E 197 -29.15 -29.77 -21.40
CA SER E 197 -28.53 -29.68 -20.09
C SER E 197 -27.17 -30.37 -20.12
N LYS E 198 -26.22 -29.78 -19.41
CA LYS E 198 -24.87 -30.34 -19.35
C LYS E 198 -24.91 -31.68 -18.62
N PRO E 199 -24.43 -32.76 -19.21
CA PRO E 199 -24.46 -34.05 -18.51
C PRO E 199 -23.51 -34.06 -17.32
N GLU E 200 -23.84 -34.90 -16.34
CA GLU E 200 -23.01 -35.00 -15.15
C GLU E 200 -21.64 -35.58 -15.46
N ASP E 201 -21.54 -36.42 -16.49
CA ASP E 201 -20.27 -37.03 -16.87
C ASP E 201 -19.34 -36.05 -17.60
N TRP E 202 -19.84 -34.89 -18.00
CA TRP E 202 -19.02 -33.90 -18.71
C TRP E 202 -18.17 -33.15 -17.69
N ASP E 203 -16.85 -33.33 -17.77
CA ASP E 203 -15.96 -32.67 -16.84
C ASP E 203 -15.92 -31.17 -17.10
N GLU E 204 -15.31 -30.43 -16.18
CA GLU E 204 -15.21 -28.99 -16.29
C GLU E 204 -13.99 -28.47 -15.52
N ALA E 206 -12.55 -34.34 -14.71
CA ALA E 206 -11.92 -33.04 -14.57
C ALA E 206 -10.63 -33.14 -13.76
N LYS E 207 -10.50 -34.22 -13.00
CA LYS E 207 -9.32 -34.45 -12.17
C LYS E 207 -9.02 -35.94 -12.19
N ILE E 208 -7.91 -36.32 -12.83
CA ILE E 208 -7.53 -37.72 -12.91
C ILE E 208 -6.77 -38.12 -11.65
N ASP E 209 -6.64 -39.42 -11.44
CA ASP E 209 -5.95 -39.99 -10.29
C ASP E 209 -4.88 -40.96 -10.78
N ASP E 210 -3.65 -40.76 -10.30
CA ASP E 210 -2.54 -41.63 -10.68
C ASP E 210 -2.30 -41.53 -12.19
N PRO E 211 -1.68 -40.44 -12.67
CA PRO E 211 -1.44 -40.32 -14.11
C PRO E 211 -0.36 -41.26 -14.62
N THR E 212 0.49 -41.79 -13.75
CA THR E 212 1.55 -42.70 -14.17
C THR E 212 2.21 -43.36 -12.96
N ASP E 213 1.47 -43.49 -11.88
CA ASP E 213 1.95 -44.11 -10.65
C ASP E 213 1.23 -45.41 -10.38
N SER E 214 1.75 -46.17 -9.42
CA SER E 214 1.19 -47.47 -9.04
C SER E 214 1.00 -47.48 -7.53
N LYS E 215 0.45 -48.59 -7.02
CA LYS E 215 0.21 -48.76 -5.60
C LYS E 215 1.53 -48.78 -4.85
N PRO E 216 1.85 -47.72 -4.09
CA PRO E 216 3.11 -47.71 -3.36
C PRO E 216 3.05 -48.52 -2.07
N GLU E 217 1.85 -48.66 -1.51
CA GLU E 217 1.64 -49.42 -0.29
C GLU E 217 2.25 -48.71 0.91
N ASP E 218 3.56 -48.43 0.85
CA ASP E 218 4.24 -47.76 1.96
C ASP E 218 3.80 -46.32 2.14
N TRP E 219 2.95 -45.79 1.25
CA TRP E 219 2.50 -44.42 1.40
C TRP E 219 1.69 -44.20 2.67
N ASP E 220 1.10 -45.25 3.22
CA ASP E 220 0.30 -45.15 4.45
C ASP E 220 1.24 -45.10 5.65
N LYS E 221 1.83 -43.92 5.85
CA LYS E 221 2.74 -43.71 6.96
C LYS E 221 1.99 -43.33 8.22
N PRO E 222 2.57 -43.58 9.39
CA PRO E 222 1.89 -43.24 10.64
C PRO E 222 1.89 -41.74 10.89
N GLU E 223 0.90 -41.30 11.65
CA GLU E 223 0.76 -39.88 11.97
C GLU E 223 1.70 -39.44 13.08
N HIS E 224 2.15 -40.36 13.94
CA HIS E 224 3.05 -40.03 15.04
C HIS E 224 4.11 -41.10 15.13
N ILE E 225 5.36 -40.72 14.86
CA ILE E 225 6.48 -41.65 14.91
C ILE E 225 7.45 -41.21 16.01
N PRO E 226 8.13 -42.14 16.68
CA PRO E 226 9.05 -41.73 17.74
C PRO E 226 10.28 -41.03 17.16
N ASP E 227 10.77 -40.04 17.90
CA ASP E 227 11.94 -39.30 17.46
C ASP E 227 13.16 -40.20 17.45
N PRO E 228 13.96 -40.20 16.38
CA PRO E 228 15.14 -41.08 16.36
C PRO E 228 16.20 -40.68 17.39
N ASP E 229 16.35 -39.38 17.66
CA ASP E 229 17.33 -38.90 18.62
C ASP E 229 16.70 -38.59 19.98
N ALA E 230 15.56 -39.20 20.30
CA ALA E 230 14.88 -38.96 21.57
C ALA E 230 15.72 -39.50 22.72
N LYS E 231 16.57 -38.65 23.30
CA LYS E 231 17.42 -39.04 24.42
C LYS E 231 16.71 -38.72 25.73
N LYS E 232 16.45 -39.75 26.52
CA LYS E 232 15.78 -39.58 27.80
C LYS E 232 16.74 -38.98 28.83
N PRO E 233 16.21 -38.49 29.95
CA PRO E 233 17.08 -37.90 30.97
C PRO E 233 17.68 -38.96 31.88
N GLU E 234 18.94 -38.75 32.26
CA GLU E 234 19.62 -39.70 33.13
C GLU E 234 19.08 -39.66 34.56
N ASP E 235 18.42 -38.58 34.95
CA ASP E 235 17.86 -38.44 36.29
C ASP E 235 16.46 -39.03 36.41
N TRP E 236 16.02 -39.82 35.43
CA TRP E 236 14.70 -40.43 35.45
C TRP E 236 14.80 -41.86 35.96
N ASP E 237 13.85 -42.23 36.81
CA ASP E 237 13.78 -43.56 37.41
C ASP E 237 12.55 -44.27 36.85
N GLU E 238 12.77 -45.18 35.89
CA GLU E 238 11.67 -45.91 35.28
C GLU E 238 11.02 -46.89 36.26
N GLU E 239 11.75 -47.33 37.28
CA GLU E 239 11.18 -48.27 38.25
C GLU E 239 10.16 -47.61 39.17
N MET E 240 10.22 -46.29 39.31
CA MET E 240 9.28 -45.57 40.17
C MET E 240 8.04 -45.09 39.43
N ASP E 241 8.21 -44.61 38.20
CA ASP E 241 7.10 -44.12 37.39
C ASP E 241 6.57 -45.17 36.43
N GLY E 242 7.13 -46.38 36.43
CA GLY E 242 6.71 -47.45 35.56
C GLY E 242 7.43 -47.52 34.23
N GLU E 243 7.82 -46.38 33.68
CA GLU E 243 8.53 -46.31 32.41
C GLU E 243 9.06 -44.89 32.25
N TRP E 244 9.55 -44.58 31.06
CA TRP E 244 10.09 -43.26 30.73
C TRP E 244 9.04 -42.48 29.94
N GLU E 245 9.37 -41.85 28.82
CA GLU E 245 8.38 -41.09 28.05
C GLU E 245 8.94 -40.77 26.66
N PRO E 246 8.96 -41.74 25.75
CA PRO E 246 9.49 -41.47 24.41
C PRO E 246 8.58 -40.53 23.64
N PRO E 247 9.02 -39.30 23.40
CA PRO E 247 8.17 -38.35 22.68
C PRO E 247 8.00 -38.75 21.22
N VAL E 248 6.94 -38.23 20.62
CA VAL E 248 6.60 -38.51 19.23
C VAL E 248 6.39 -37.19 18.50
N ILE E 249 6.52 -37.25 17.17
CA ILE E 249 6.35 -36.08 16.32
C ILE E 249 5.77 -36.53 14.98
N GLN E 250 5.20 -35.58 14.25
CA GLN E 250 4.62 -35.90 12.95
C GLN E 250 5.71 -36.31 11.97
N ASN E 251 5.48 -37.42 11.29
CA ASN E 251 6.45 -37.91 10.32
C ASN E 251 6.55 -36.95 9.14
N PRO E 252 7.75 -36.75 8.59
CA PRO E 252 7.88 -35.82 7.46
C PRO E 252 7.19 -36.30 6.19
N GLU E 253 6.96 -37.61 6.06
CA GLU E 253 6.30 -38.18 4.88
C GLU E 253 4.80 -38.33 5.07
N TYR E 254 4.19 -37.50 5.92
CA TYR E 254 2.75 -37.56 6.17
C TYR E 254 2.02 -36.67 5.16
N LYS E 255 0.97 -37.20 4.57
CA LYS E 255 0.16 -36.48 3.59
C LYS E 255 -1.31 -36.77 3.85
N GLY E 256 -2.17 -36.15 3.04
CA GLY E 256 -3.60 -36.34 3.17
C GLY E 256 -4.11 -37.57 2.44
N GLU E 257 -4.29 -38.67 3.16
CA GLU E 257 -4.78 -39.91 2.56
C GLU E 257 -3.81 -40.42 1.51
N TRP E 258 -4.26 -41.36 0.68
CA TRP E 258 -3.43 -41.93 -0.38
C TRP E 258 -3.84 -41.38 -1.74
N LYS E 259 -3.71 -40.06 -1.88
CA LYS E 259 -4.06 -39.40 -3.12
C LYS E 259 -2.93 -39.57 -4.13
N PRO E 260 -3.20 -40.14 -5.31
CA PRO E 260 -2.16 -40.34 -6.34
C PRO E 260 -1.94 -39.11 -7.22
N ARG E 261 -1.76 -37.95 -6.58
CA ARG E 261 -1.55 -36.69 -7.29
C ARG E 261 -2.76 -36.34 -8.17
N GLN E 262 -3.85 -35.99 -7.49
CA GLN E 262 -5.10 -35.63 -8.15
C GLN E 262 -4.92 -34.27 -8.83
N ILE E 263 -4.30 -34.30 -10.01
CA ILE E 263 -4.08 -33.05 -10.74
C ILE E 263 -5.36 -32.60 -11.41
N ASP E 264 -5.42 -31.31 -11.73
CA ASP E 264 -6.57 -30.71 -12.37
C ASP E 264 -6.39 -30.79 -13.89
N ASN E 265 -7.20 -31.61 -14.54
CA ASN E 265 -7.11 -31.77 -15.99
C ASN E 265 -7.53 -30.50 -16.71
N ASP E 267 -7.57 -34.76 -21.09
CA ASP E 267 -8.59 -35.18 -20.15
C ASP E 267 -9.59 -34.06 -19.88
N TYR E 268 -10.01 -33.38 -20.95
CA TYR E 268 -10.97 -32.29 -20.83
C TYR E 268 -11.49 -31.89 -22.20
N LYS E 269 -12.79 -32.13 -22.44
CA LYS E 269 -13.40 -31.78 -23.72
C LYS E 269 -13.72 -30.30 -23.84
N GLY E 270 -13.53 -29.52 -22.79
CA GLY E 270 -13.80 -28.09 -22.80
C GLY E 270 -15.07 -27.75 -22.05
N THR E 271 -15.28 -26.44 -21.90
CA THR E 271 -16.46 -25.94 -21.19
C THR E 271 -17.69 -26.26 -22.03
N TRP E 272 -18.63 -27.01 -21.44
CA TRP E 272 -19.85 -27.37 -22.13
C TRP E 272 -20.71 -26.13 -22.37
N ILE E 273 -21.42 -26.15 -23.50
CA ILE E 273 -22.29 -25.05 -23.89
C ILE E 273 -23.51 -25.63 -24.60
N HIS E 274 -24.65 -24.95 -24.52
CA HIS E 274 -25.86 -25.48 -25.19
C HIS E 274 -25.73 -25.37 -26.70
N PRO E 275 -26.26 -26.38 -27.39
CA PRO E 275 -26.22 -26.42 -28.85
C PRO E 275 -27.22 -25.42 -29.42
N GLU E 276 -26.77 -24.63 -30.39
CA GLU E 276 -27.65 -23.64 -31.01
C GLU E 276 -28.74 -24.33 -31.82
N ILE E 277 -29.97 -23.90 -31.62
CA ILE E 277 -31.12 -24.47 -32.33
C ILE E 277 -31.83 -23.36 -33.10
N ASP E 278 -31.16 -22.73 -34.06
CA ASP E 278 -31.80 -21.65 -34.83
C ASP E 278 -32.37 -20.56 -33.94
N ASN E 279 -33.36 -19.82 -34.45
CA ASN E 279 -33.98 -18.74 -33.69
C ASN E 279 -35.36 -18.43 -34.27
N PRO E 280 -36.39 -18.30 -33.41
CA PRO E 280 -37.72 -18.00 -33.93
C PRO E 280 -37.96 -16.51 -34.12
N GLU E 281 -37.35 -15.70 -33.24
CA GLU E 281 -37.48 -14.26 -33.29
C GLU E 281 -36.44 -13.60 -34.20
N TYR E 282 -35.90 -14.33 -35.16
CA TYR E 282 -34.90 -13.79 -36.07
C TYR E 282 -35.55 -12.78 -37.01
N SER E 283 -35.18 -11.51 -36.88
CA SER E 283 -35.74 -10.46 -37.72
C SER E 283 -34.70 -9.95 -38.71
N PRO E 284 -34.13 -7.00 -39.91
CA PRO E 284 -33.29 -7.12 -41.11
C PRO E 284 -34.11 -7.07 -42.40
N ASP E 285 -35.14 -6.23 -42.43
CA ASP E 285 -35.97 -6.11 -43.61
C ASP E 285 -35.20 -5.48 -44.76
N PRO E 286 -35.66 -5.76 -45.98
CA PRO E 286 -35.01 -5.22 -47.18
C PRO E 286 -35.25 -3.72 -47.35
N SER E 287 -36.22 -3.14 -46.65
CA SER E 287 -36.53 -1.72 -46.74
C SER E 287 -36.11 -0.96 -45.49
N ILE E 288 -35.02 -1.40 -44.85
CA ILE E 288 -34.56 -0.72 -43.64
C ILE E 288 -33.89 0.60 -43.98
N TYR E 289 -33.20 0.68 -45.11
CA TYR E 289 -32.53 1.91 -45.52
C TYR E 289 -33.42 2.83 -46.35
N ALA E 290 -34.65 2.41 -46.65
CA ALA E 290 -35.57 3.23 -47.44
C ALA E 290 -36.35 4.17 -46.52
N TYR E 291 -36.35 5.45 -46.85
CA TYR E 291 -37.04 6.47 -46.09
C TYR E 291 -38.29 6.93 -46.83
N ASP E 292 -39.29 7.39 -46.07
CA ASP E 292 -40.52 7.85 -46.67
C ASP E 292 -40.30 9.12 -47.48
N ASN E 293 -39.61 10.10 -46.89
CA ASN E 293 -39.34 11.36 -47.57
C ASN E 293 -38.32 12.14 -46.75
N PHE E 294 -37.48 12.89 -47.46
CA PHE E 294 -36.43 13.69 -46.83
C PHE E 294 -36.40 15.05 -47.53
N GLY E 295 -36.80 16.10 -46.81
CA GLY E 295 -36.81 17.44 -47.38
C GLY E 295 -36.30 18.49 -46.41
N VAL E 296 -35.61 18.11 -45.33
CA VAL E 296 -35.08 19.04 -44.35
C VAL E 296 -33.66 18.61 -44.00
N LEU E 297 -32.77 19.60 -43.89
CA LEU E 297 -31.36 19.37 -43.56
C LEU E 297 -31.02 20.23 -42.34
N GLY E 298 -31.35 19.72 -41.16
CA GLY E 298 -31.08 20.45 -39.94
C GLY E 298 -29.66 20.28 -39.46
N LEU E 299 -29.24 21.21 -38.60
CA LEU E 299 -27.88 21.19 -38.04
C LEU E 299 -27.97 21.81 -36.63
N ASP E 300 -28.16 20.95 -35.64
CA ASP E 300 -28.26 21.36 -34.25
C ASP E 300 -27.28 20.55 -33.41
N LEU E 301 -26.48 21.25 -32.61
CA LEU E 301 -25.49 20.60 -31.76
C LEU E 301 -25.14 21.55 -30.61
N TRP E 302 -24.31 21.06 -29.69
CA TRP E 302 -23.88 21.83 -28.53
C TRP E 302 -22.35 21.87 -28.52
N GLN E 303 -21.79 23.04 -28.75
CA GLN E 303 -20.35 23.24 -28.78
C GLN E 303 -19.95 24.23 -27.70
N VAL E 304 -18.91 23.88 -26.93
CA VAL E 304 -18.45 24.77 -25.87
C VAL E 304 -17.43 25.78 -26.37
N LYS E 305 -16.66 25.42 -27.41
CA LYS E 305 -15.65 26.31 -27.98
C LYS E 305 -15.99 26.52 -29.45
N SER E 306 -16.64 27.63 -29.76
CA SER E 306 -17.02 27.91 -31.15
C SER E 306 -15.79 28.08 -32.01
N GLY E 307 -15.96 27.85 -33.31
CA GLY E 307 -14.87 27.97 -34.26
C GLY E 307 -14.99 27.02 -35.44
N THR E 308 -15.88 26.04 -35.32
CA THR E 308 -16.07 25.08 -36.40
C THR E 308 -16.83 25.72 -37.55
N ILE E 309 -16.42 25.37 -38.78
CA ILE E 309 -17.04 25.89 -39.99
C ILE E 309 -17.37 24.72 -40.90
N PHE E 310 -18.59 24.70 -41.42
CA PHE E 310 -19.05 23.65 -42.31
C PHE E 310 -19.43 24.25 -43.66
N ASP E 311 -19.18 23.49 -44.72
CA ASP E 311 -19.49 23.94 -46.08
C ASP E 311 -19.42 22.72 -47.01
N ASN E 312 -19.67 22.98 -48.29
CA ASN E 312 -19.65 21.92 -49.30
C ASN E 312 -20.69 20.85 -49.01
N PHE E 313 -21.88 21.29 -48.59
CA PHE E 313 -22.96 20.37 -48.28
C PHE E 313 -23.57 19.83 -49.57
N LEU E 314 -23.56 18.52 -49.74
CA LEU E 314 -24.11 17.87 -50.93
C LEU E 314 -24.97 16.68 -50.50
N ILE E 315 -26.05 16.45 -51.24
CA ILE E 315 -26.96 15.35 -50.95
C ILE E 315 -27.57 14.84 -52.26
N THR E 316 -26.85 13.96 -52.94
CA THR E 316 -27.32 13.40 -54.20
C THR E 316 -27.57 11.90 -54.08
N ASN E 317 -27.70 11.22 -55.22
CA ASN E 317 -27.94 9.78 -55.24
C ASN E 317 -26.90 9.02 -56.05
N ASP E 318 -25.79 9.67 -56.41
CA ASP E 318 -24.73 9.05 -57.19
C ASP E 318 -23.42 9.13 -56.41
N GLU E 319 -22.76 7.99 -56.24
CA GLU E 319 -21.49 7.97 -55.51
C GLU E 319 -20.39 8.65 -56.30
N ALA E 320 -20.37 8.45 -57.62
CA ALA E 320 -19.34 9.09 -58.45
C ALA E 320 -19.44 10.60 -58.39
N TYR E 321 -20.66 11.14 -58.49
CA TYR E 321 -20.84 12.59 -58.42
C TYR E 321 -20.38 13.14 -57.07
N ALA E 322 -20.69 12.43 -55.99
CA ALA E 322 -20.26 12.87 -54.66
C ALA E 322 -18.74 12.82 -54.53
N GLU E 323 -18.11 11.80 -55.11
CA GLU E 323 -16.66 11.70 -55.05
C GLU E 323 -15.99 12.82 -55.84
N GLU E 324 -16.48 13.08 -57.06
CA GLU E 324 -15.91 14.15 -57.86
C GLU E 324 -16.12 15.51 -57.20
N PHE E 325 -17.33 15.77 -56.70
CA PHE E 325 -17.59 17.03 -56.02
C PHE E 325 -16.72 17.20 -54.78
N GLY E 326 -16.53 16.12 -54.02
CA GLY E 326 -15.66 16.19 -52.85
C GLY E 326 -14.21 16.42 -53.20
N ASN E 327 -13.75 15.81 -54.30
CA ASN E 327 -12.36 16.00 -54.71
C ASN E 327 -12.14 17.39 -55.30
N GLU E 328 -13.17 17.98 -55.89
CA GLU E 328 -13.08 19.32 -56.47
C GLU E 328 -13.42 20.42 -55.48
N THR E 329 -13.52 20.10 -54.19
CA THR E 329 -13.85 21.09 -53.18
C THR E 329 -12.82 21.08 -52.06
N TRP E 330 -12.90 20.10 -51.17
CA TRP E 330 -11.94 20.01 -50.07
C TRP E 330 -10.55 19.67 -50.57
N GLY E 331 -10.47 18.86 -51.64
CA GLY E 331 -9.17 18.49 -52.17
C GLY E 331 -8.39 19.68 -52.72
N VAL E 332 -9.11 20.72 -53.19
CA VAL E 332 -8.45 21.90 -53.74
C VAL E 332 -8.20 22.96 -52.67
N THR E 333 -8.64 22.74 -51.44
CA THR E 333 -8.45 23.70 -50.36
C THR E 333 -7.62 23.16 -49.20
N LYS E 334 -7.39 21.85 -49.13
CA LYS E 334 -6.60 21.30 -48.04
C LYS E 334 -5.13 21.67 -48.17
N ALA E 335 -4.61 21.65 -49.41
CA ALA E 335 -3.20 21.98 -49.62
C ALA E 335 -2.94 23.44 -49.27
N ALA E 336 -3.69 24.36 -49.87
CA ALA E 336 -3.50 25.77 -49.59
C ALA E 336 -3.79 26.09 -48.13
N GLU E 337 -4.82 25.44 -47.56
CA GLU E 337 -5.15 25.67 -46.15
C GLU E 337 -3.99 25.26 -45.25
N LYS E 338 -3.39 24.10 -45.51
CA LYS E 338 -2.25 23.66 -44.72
C LYS E 338 -1.05 24.56 -44.92
N GLN E 339 -0.85 25.04 -46.16
CA GLN E 339 0.27 25.94 -46.43
C GLN E 339 0.13 27.24 -45.64
N MET E 340 -1.05 27.85 -45.69
CA MET E 340 -1.30 29.08 -44.96
C MET E 340 -1.18 28.85 -43.46
N LYS E 341 -1.72 27.71 -43.00
CA LYS E 341 -1.64 27.39 -41.58
C LYS E 341 -0.19 27.26 -41.13
N ASP E 342 0.67 26.69 -41.97
CA ASP E 342 2.08 26.57 -41.62
C ASP E 342 2.77 27.93 -41.66
N LYS E 343 2.45 28.75 -42.67
CA LYS E 343 3.03 30.08 -42.76
C LYS E 343 2.69 30.91 -41.52
N GLN E 344 1.44 30.87 -41.08
CA GLN E 344 1.06 31.61 -39.88
C GLN E 344 1.67 30.97 -38.63
N ASP E 345 1.78 29.65 -38.61
CA ASP E 345 2.37 28.97 -37.47
C ASP E 345 3.83 29.38 -37.29
N GLU E 346 4.56 29.57 -38.40
CA GLU E 346 5.95 30.00 -38.30
C GLU E 346 6.05 31.38 -37.67
N GLU E 347 5.22 32.33 -38.13
CA GLU E 347 5.23 33.66 -37.55
C GLU E 347 4.84 33.63 -36.08
N GLN E 348 3.88 32.78 -35.72
CA GLN E 348 3.48 32.66 -34.33
C GLN E 348 4.63 32.14 -33.48
N ARG E 349 5.34 31.12 -33.96
CA ARG E 349 6.48 30.59 -33.23
C ARG E 349 7.57 31.65 -33.09
N LEU E 350 7.81 32.43 -34.14
CA LEU E 350 8.81 33.48 -34.06
C LEU E 350 8.42 34.53 -33.03
N LYS E 351 7.15 34.94 -33.02
CA LYS E 351 6.69 35.90 -32.02
C LYS E 351 6.82 35.34 -30.61
N GLU E 352 6.51 34.06 -30.44
CA GLU E 352 6.67 33.44 -29.12
C GLU E 352 8.13 33.45 -28.68
N GLU E 353 9.04 33.11 -29.60
CA GLU E 353 10.46 33.14 -29.26
C GLU E 353 10.91 34.55 -28.91
N GLU E 354 10.44 35.56 -29.65
CA GLU E 354 10.80 36.93 -29.33
C GLU E 354 10.28 37.32 -27.95
N GLU E 355 9.05 36.93 -27.62
CA GLU E 355 8.51 37.24 -26.30
C GLU E 355 9.33 36.55 -25.20
N ASP E 356 9.74 35.31 -25.45
CA ASP E 356 10.58 34.61 -24.47
C ASP E 356 11.91 35.32 -24.28
N LYS E 357 12.53 35.75 -25.38
CA LYS E 357 13.79 36.49 -25.27
C LYS E 357 13.61 37.78 -24.49
N LYS E 358 12.52 38.50 -24.76
CA LYS E 358 12.25 39.74 -24.02
C LYS E 358 12.07 39.45 -22.53
N ARG E 359 11.35 38.38 -22.20
CA ARG E 359 11.17 38.02 -20.80
C ARG E 359 12.50 37.68 -20.15
N LYS E 360 13.37 36.96 -20.86
CA LYS E 360 14.69 36.64 -20.32
C LYS E 360 15.51 37.90 -20.09
N GLU E 361 15.48 38.84 -21.04
CA GLU E 361 16.21 40.09 -20.86
C GLU E 361 15.68 40.87 -19.67
N GLU E 362 14.35 40.92 -19.51
CA GLU E 362 13.77 41.61 -18.37
C GLU E 362 14.18 40.94 -17.05
N GLU E 363 14.22 39.61 -17.03
CA GLU E 363 14.65 38.91 -15.82
C GLU E 363 16.11 39.21 -15.51
N GLU E 364 16.97 39.23 -16.52
CA GLU E 364 18.38 39.54 -16.29
C GLU E 364 18.55 40.97 -15.79
N ALA E 365 17.82 41.92 -16.38
CA ALA E 365 17.91 43.30 -15.92
C ALA E 365 17.40 43.44 -14.50
N GLU E 366 16.34 42.72 -14.15
CA GLU E 366 15.82 42.78 -12.78
C GLU E 366 16.78 42.13 -11.79
N ASP E 367 17.49 41.09 -12.21
CA ASP E 367 18.44 40.44 -11.31
C ASP E 367 19.74 41.23 -11.16
N LYS E 368 20.10 42.01 -12.18
CA LYS E 368 21.33 42.81 -12.09
C LYS E 368 21.18 43.96 -11.12
N GLU E 369 19.97 44.49 -10.96
CA GLU E 369 19.73 45.60 -10.04
C GLU E 369 19.59 45.10 -8.60
C1 NAG F . -9.88 13.34 -16.72
C2 NAG F . -9.82 13.37 -18.25
C3 NAG F . -9.92 14.82 -18.73
C4 NAG F . -11.21 15.43 -18.18
C5 NAG F . -11.21 15.33 -16.66
C6 NAG F . -12.52 15.90 -16.11
C7 NAG F . -8.45 11.44 -18.84
C8 NAG F . -7.14 10.85 -19.32
N2 NAG F . -8.56 12.78 -18.70
O1 NAG F . -9.84 11.99 -16.26
O3 NAG F . -9.94 14.84 -20.16
O4 NAG F . -11.28 16.81 -18.57
O5 NAG F . -11.09 13.96 -16.27
O6 NAG F . -12.47 15.91 -14.68
O7 NAG F . -9.39 10.73 -18.60
C1 NAG F . -12.51 17.27 -18.74
C2 NAG F . -12.59 18.79 -18.84
C3 NAG F . -13.99 19.22 -19.28
C4 NAG F . -14.37 18.51 -20.57
C5 NAG F . -14.22 16.99 -20.41
C6 NAG F . -14.46 16.24 -21.70
C7 NAG F . -11.05 19.95 -17.31
C8 NAG F . -10.88 20.54 -15.94
N2 NAG F . -12.25 19.41 -17.57
O3 NAG F . -14.02 20.62 -19.47
O4 NAG F . -15.73 18.80 -20.89
O5 NAG F . -12.87 16.69 -20.00
O6 NAG F . -13.77 15.00 -21.71
O7 NAG F . -10.15 19.95 -18.14
C1 MAN G . -21.35 17.47 -22.40
C2 MAN G . -22.53 18.06 -23.21
C3 MAN G . -23.48 18.82 -22.28
C4 MAN G . -23.85 17.98 -21.07
C5 MAN G . -22.57 17.54 -20.34
C6 MAN G . -22.85 16.67 -19.12
O1 MAN G . -20.50 18.56 -22.11
O2 MAN G . -23.24 17.34 -24.15
O3 MAN G . -24.65 19.25 -22.97
O4 MAN G . -24.67 18.73 -20.18
O5 MAN G . -21.76 16.78 -21.24
O6 MAN G . -23.32 15.41 -19.58
C1 MAN G . -23.68 17.52 -25.47
C2 MAN G . -24.34 16.19 -25.90
C3 MAN G . -23.26 15.13 -26.18
C4 MAN G . -22.20 15.69 -27.13
C5 MAN G . -21.60 16.97 -26.54
C6 MAN G . -20.54 17.60 -27.43
O2 MAN G . -25.18 16.53 -26.92
O3 MAN G . -23.83 13.94 -26.71
O4 MAN G . -21.17 14.73 -27.32
O5 MAN G . -22.65 17.93 -26.35
O6 MAN G . -21.21 18.15 -28.56
C1 MAN G . -26.54 16.88 -26.81
C2 MAN G . -27.34 15.73 -27.44
C3 MAN G . -27.24 15.79 -28.97
C4 MAN G . -27.57 17.20 -29.48
C5 MAN G . -26.64 18.21 -28.81
C6 MAN G . -26.91 19.64 -29.24
O2 MAN G . -28.74 15.84 -27.14
O3 MAN G . -27.86 15.25 -30.07
O4 MAN G . -27.39 17.24 -30.89
O5 MAN G . -26.82 18.13 -27.39
O6 MAN G . -28.15 20.03 -28.68
C2 BGC G . -29.37 13.45 -30.56
C3 BGC G . -29.72 12.01 -30.23
C4 BGC G . -28.47 11.14 -30.20
C5 BGC G . -27.35 11.78 -29.39
C6 BGC G . -26.07 10.97 -29.47
C1 BGC G . -28.21 13.94 -29.69
O2 BGC G . -30.50 14.27 -30.35
O3 BGC G . -30.61 11.51 -31.20
O4 BGC G . -28.79 9.88 -29.64
O5 BGC G . -27.10 13.09 -29.85
O6 BGC G . -25.03 11.64 -28.81
#